data_5XXM
#
_entry.id   5XXM
#
_cell.length_a   81.820
_cell.length_b   167.690
_cell.length_c   224.900
_cell.angle_alpha   90.00
_cell.angle_beta   90.00
_cell.angle_gamma   90.00
#
_symmetry.space_group_name_H-M   'C 2 2 21'
#
loop_
_entity.id
_entity.type
_entity.pdbx_description
1 polymer 'Periplasmic beta-glucosidase'
2 non-polymer 'MAGNESIUM ION'
3 non-polymer D-glucono-1,5-lactone
4 non-polymer 'TETRAETHYLENE GLYCOL'
5 water water
#
_entity_poly.entity_id   1
_entity_poly.type   'polypeptide(L)'
_entity_poly.pdbx_seq_one_letter_code
;MAAQKSPQDMDRFIDALMKKMTVEEKIGQLNLPVTGEITTGQAKSSDIAAKIKRGEVGGLFNLKGVEKIRDVQKQAVEQS
RLGIPLLFGMDVIHGYETMFPIPLGLSCTWDMTAIEESARIAAIEASADGISWTFSPMVDISRDPRWGRVSEGSGEDPFL
GAMIAEAMVLGYQGKDMQRNDEIMACVKHFALYGAGEGGRDYNTVDMSRQRMFNEYMLPYEAAVEAGVGSVMASFNEVDG
VPATANKWLMTDVLRGQWGFNGFVVTDYTGISEMIDHGIGDLQTVSARAINAGVDMDMVSEGFVSTLKKSIQEGKVSMET
LNTACRRILEAKYKLGLFDNPYKYCDLKRPARDIFTKAHRDAARRIAAESFVLLKNDNVTLRPGTPAEPLLPFNPKGNIA
VIGPLADSRTNMPGTWSVAAVLDRCPSLVEGLKEMTAGKANILYAKGSNLISDASYEERATMFGRSLNRDNRTDEQLLNE
ALTVANQSDIIIAALGESSEMSGESSSRTDLNIPDVQQNLLKELLKTGKPVVLVLFTGRPLTLTWEQEHVPAILNVWFGG
SEAAYAIGDALFGYVNPGGKLTMSFPKNVGQIPLYYAHKNTGRPLAQGKWFEKFRSNYLDVDNEPLYPFGYGLSYTTFSY
GDIDLSRSTIDMTGELTAAVMVTNTGTWPGSEVVQLYIRDLVGSTTRPVKELKGFQKIFLEPGQSEIVRFKIAPEMLRYY
NYDLQLVAEPGEFEVMIGTNSRDVKSARFTLKLEHHHHHH
;
_entity_poly.pdbx_strand_id   A,B
#
# COMPACT_ATOMS: atom_id res chain seq x y z
N SER A 6 46.33 -5.77 18.73
CA SER A 6 45.88 -7.06 18.09
C SER A 6 44.50 -7.49 18.60
N PRO A 7 43.79 -8.35 17.83
CA PRO A 7 42.55 -9.02 18.29
C PRO A 7 42.68 -9.76 19.63
N GLN A 8 43.83 -10.40 19.86
CA GLN A 8 44.08 -11.13 21.11
C GLN A 8 44.32 -10.15 22.27
N ASP A 9 45.01 -9.05 21.99
CA ASP A 9 45.22 -7.98 22.98
C ASP A 9 43.88 -7.38 23.40
N MET A 10 43.00 -7.15 22.42
CA MET A 10 41.63 -6.70 22.72
C MET A 10 40.91 -7.68 23.64
N ASP A 11 40.94 -8.97 23.28
CA ASP A 11 40.29 -10.02 24.09
C ASP A 11 40.82 -10.04 25.52
N ARG A 12 42.15 -10.01 25.67
CA ARG A 12 42.77 -9.99 27.01
C ARG A 12 42.34 -8.77 27.82
N PHE A 13 42.43 -7.59 27.20
CA PHE A 13 42.05 -6.37 27.88
C PHE A 13 40.59 -6.41 28.30
N ILE A 14 39.71 -6.81 27.39
CA ILE A 14 38.28 -6.84 27.70
C ILE A 14 37.94 -7.95 28.71
N ASP A 15 38.59 -9.12 28.60
CA ASP A 15 38.49 -10.17 29.63
C ASP A 15 38.80 -9.61 31.01
N ALA A 16 39.92 -8.88 31.11
CA ALA A 16 40.39 -8.32 32.37
C ALA A 16 39.43 -7.29 32.94
N LEU A 17 38.96 -6.37 32.07
CA LEU A 17 38.00 -5.36 32.49
C LEU A 17 36.70 -6.01 32.97
N MET A 18 36.18 -6.94 32.18
CA MET A 18 34.93 -7.61 32.53
C MET A 18 35.03 -8.44 33.84
N LYS A 19 36.20 -9.01 34.12
CA LYS A 19 36.47 -9.65 35.42
C LYS A 19 36.29 -8.71 36.65
N LYS A 20 36.48 -7.40 36.45
CA LYS A 20 36.31 -6.41 37.53
C LYS A 20 34.87 -6.00 37.79
N MET A 21 34.00 -6.22 36.81
CA MET A 21 32.74 -5.52 36.76
C MET A 21 31.65 -6.23 37.54
N THR A 22 30.90 -5.46 38.31
CA THR A 22 29.67 -5.95 38.93
C THR A 22 28.64 -6.21 37.82
N VAL A 23 27.57 -6.92 38.16
CA VAL A 23 26.45 -7.11 37.23
C VAL A 23 25.85 -5.75 36.85
N GLU A 24 25.73 -4.86 37.83
CA GLU A 24 25.24 -3.49 37.64
C GLU A 24 26.09 -2.68 36.66
N GLU A 25 27.42 -2.84 36.73
CA GLU A 25 28.34 -2.16 35.80
C GLU A 25 28.27 -2.71 34.37
N LYS A 26 28.08 -4.02 34.24
CA LYS A 26 27.89 -4.63 32.93
C LYS A 26 26.60 -4.15 32.29
N ILE A 27 25.53 -4.12 33.08
CA ILE A 27 24.23 -3.57 32.66
C ILE A 27 24.36 -2.10 32.28
N GLY A 28 25.12 -1.33 33.09
CA GLY A 28 25.34 0.09 32.80
C GLY A 28 25.94 0.41 31.44
N GLN A 29 26.79 -0.49 30.94
CA GLN A 29 27.38 -0.34 29.59
C GLN A 29 26.34 -0.39 28.46
N LEU A 30 25.21 -1.03 28.74
CA LEU A 30 24.15 -1.18 27.78
C LEU A 30 23.18 0.00 27.79
N ASN A 31 23.43 1.03 28.62
CA ASN A 31 22.47 2.11 28.86
C ASN A 31 22.90 3.38 28.11
N LEU A 32 21.97 3.97 27.37
CA LEU A 32 22.23 5.13 26.51
C LEU A 32 21.19 6.22 26.77
N PRO A 33 21.40 7.04 27.83
CA PRO A 33 20.53 8.17 28.03
C PRO A 33 20.74 9.26 27.01
N VAL A 34 19.79 10.19 27.00
CA VAL A 34 19.81 11.35 26.13
C VAL A 34 20.09 12.57 26.99
N THR A 35 20.85 13.50 26.45
CA THR A 35 21.10 14.78 27.13
C THR A 35 21.34 15.88 26.08
N GLY A 36 21.70 17.07 26.54
CA GLY A 36 22.05 18.15 25.62
C GLY A 36 20.85 18.92 25.09
N GLU A 37 21.10 19.76 24.07
CA GLU A 37 20.10 20.71 23.56
C GLU A 37 19.31 20.20 22.36
N ILE A 38 19.76 19.11 21.75
CA ILE A 38 19.11 18.56 20.56
C ILE A 38 17.93 17.71 21.00
N THR A 39 16.79 17.88 20.33
CA THR A 39 15.58 17.12 20.61
C THR A 39 15.27 16.22 19.42
N THR A 40 15.32 14.91 19.63
CA THR A 40 14.87 13.95 18.61
C THR A 40 13.77 12.98 19.10
N GLY A 41 13.26 13.21 20.31
CA GLY A 41 12.16 12.42 20.83
C GLY A 41 11.52 13.05 22.05
N GLN A 42 10.50 12.38 22.59
CA GLN A 42 9.69 12.93 23.67
C GLN A 42 10.33 12.70 25.04
N ALA A 43 10.77 11.46 25.30
CA ALA A 43 11.29 11.10 26.62
C ALA A 43 12.65 11.76 26.86
N LYS A 44 12.86 12.18 28.10
CA LYS A 44 14.14 12.79 28.50
C LYS A 44 14.69 12.04 29.70
N SER A 45 16.01 12.09 29.84
CA SER A 45 16.69 11.38 30.92
C SER A 45 16.96 12.35 32.06
N SER A 46 17.27 11.82 33.23
CA SER A 46 17.53 12.63 34.41
C SER A 46 18.67 12.00 35.22
N ASP A 47 19.33 12.83 36.03
CA ASP A 47 20.34 12.37 37.02
C ASP A 47 21.57 11.74 36.35
N ILE A 48 21.95 12.25 35.18
CA ILE A 48 23.01 11.64 34.39
C ILE A 48 24.39 11.69 35.07
N ALA A 49 24.70 12.81 35.71
CA ALA A 49 25.99 12.93 36.41
C ALA A 49 26.20 11.84 37.47
N ALA A 50 25.21 11.63 38.33
CA ALA A 50 25.30 10.59 39.36
C ALA A 50 25.29 9.19 38.76
N LYS A 51 24.55 9.00 37.66
CA LYS A 51 24.51 7.71 36.97
C LYS A 51 25.87 7.34 36.37
N ILE A 52 26.54 8.32 35.76
CA ILE A 52 27.88 8.09 35.22
C ILE A 52 28.83 7.69 36.36
N LYS A 53 28.78 8.44 37.46
CA LYS A 53 29.56 8.16 38.67
C LYS A 53 29.39 6.70 39.14
N ARG A 54 28.14 6.21 39.14
CA ARG A 54 27.83 4.82 39.53
C ARG A 54 28.16 3.74 38.47
N GLY A 55 28.65 4.15 37.30
CA GLY A 55 28.93 3.23 36.21
C GLY A 55 27.69 2.74 35.49
N GLU A 56 26.64 3.55 35.49
CA GLU A 56 25.33 3.15 34.96
C GLU A 56 25.09 3.64 33.53
N VAL A 57 26.12 4.19 32.87
CA VAL A 57 25.98 4.83 31.56
C VAL A 57 27.06 4.32 30.60
N GLY A 58 26.64 3.78 29.47
CA GLY A 58 27.58 3.34 28.43
C GLY A 58 27.87 4.39 27.37
N GLY A 59 26.89 5.24 27.10
CA GLY A 59 27.07 6.36 26.20
C GLY A 59 25.99 7.39 26.37
N LEU A 60 26.16 8.50 25.65
CA LEU A 60 25.16 9.56 25.59
C LEU A 60 24.99 10.01 24.15
N PHE A 61 23.87 10.67 23.89
CA PHE A 61 23.67 11.30 22.59
C PHE A 61 22.88 12.60 22.72
N ASN A 62 22.93 13.37 21.64
CA ASN A 62 22.30 14.70 21.51
C ASN A 62 22.99 15.83 22.25
N LEU A 63 24.19 15.56 22.76
CA LEU A 63 25.05 16.57 23.37
C LEU A 63 25.99 17.14 22.32
N LYS A 64 25.93 18.45 22.12
CA LYS A 64 26.76 19.13 21.14
C LYS A 64 27.76 20.05 21.84
N GLY A 65 29.03 19.92 21.43
CA GLY A 65 30.09 20.85 21.79
C GLY A 65 31.21 20.16 22.54
N VAL A 66 32.43 20.30 22.01
CA VAL A 66 33.58 19.59 22.58
C VAL A 66 33.86 19.92 24.05
N GLU A 67 33.62 21.16 24.47
CA GLU A 67 33.79 21.53 25.87
C GLU A 67 32.86 20.74 26.78
N LYS A 68 31.58 20.65 26.41
CA LYS A 68 30.61 19.89 27.21
C LYS A 68 30.91 18.41 27.22
N ILE A 69 31.24 17.88 26.05
CA ILE A 69 31.55 16.44 25.91
C ILE A 69 32.79 16.08 26.72
N ARG A 70 33.83 16.93 26.65
CA ARG A 70 35.06 16.70 27.42
C ARG A 70 34.78 16.66 28.92
N ASP A 71 34.01 17.63 29.44
CA ASP A 71 33.61 17.63 30.85
C ASP A 71 32.94 16.33 31.28
N VAL A 72 32.01 15.86 30.45
CA VAL A 72 31.27 14.65 30.73
C VAL A 72 32.20 13.43 30.66
N GLN A 73 33.06 13.38 29.65
CA GLN A 73 34.02 12.29 29.53
C GLN A 73 34.99 12.24 30.71
N LYS A 74 35.42 13.41 31.17
CA LYS A 74 36.25 13.50 32.37
C LYS A 74 35.56 12.95 33.60
N GLN A 75 34.24 13.14 33.72
CA GLN A 75 33.50 12.54 34.83
C GLN A 75 33.48 11.02 34.72
N ALA A 76 33.27 10.50 33.51
CA ALA A 76 33.26 9.05 33.29
C ALA A 76 34.60 8.41 33.61
N VAL A 77 35.67 9.01 33.09
CA VAL A 77 37.03 8.49 33.23
C VAL A 77 37.58 8.63 34.66
N GLU A 78 37.43 9.82 35.25
CA GLU A 78 38.05 10.11 36.56
C GLU A 78 37.21 9.78 37.78
N GLN A 79 35.89 9.68 37.63
CA GLN A 79 34.98 9.62 38.78
C GLN A 79 34.11 8.37 38.90
N SER A 80 34.03 7.55 37.86
CA SER A 80 33.48 6.20 38.01
C SER A 80 34.56 5.28 38.56
N ARG A 81 34.13 4.19 39.19
CA ARG A 81 35.04 3.20 39.78
C ARG A 81 36.05 2.66 38.76
N LEU A 82 35.55 2.28 37.59
CA LEU A 82 36.39 1.66 36.56
C LEU A 82 36.84 2.57 35.42
N GLY A 83 36.33 3.80 35.37
CA GLY A 83 36.79 4.79 34.40
C GLY A 83 36.49 4.49 32.94
N ILE A 84 35.42 3.74 32.67
CA ILE A 84 35.13 3.28 31.31
C ILE A 84 34.60 4.49 30.52
N PRO A 85 35.27 4.85 29.42
CA PRO A 85 34.83 6.04 28.69
C PRO A 85 33.49 5.83 27.95
N LEU A 86 32.82 6.95 27.71
CA LEU A 86 31.53 6.96 27.02
C LEU A 86 31.69 7.10 25.50
N LEU A 87 30.75 6.50 24.78
CA LEU A 87 30.48 6.90 23.40
C LEU A 87 29.65 8.19 23.43
N PHE A 88 29.87 9.07 22.46
CA PHE A 88 29.00 10.25 22.29
C PHE A 88 28.42 10.24 20.89
N GLY A 89 27.10 10.10 20.83
CA GLY A 89 26.40 9.93 19.56
C GLY A 89 25.64 11.17 19.10
N MET A 90 25.38 11.23 17.80
CA MET A 90 24.54 12.27 17.23
C MET A 90 24.05 11.81 15.86
N ASP A 91 22.90 12.33 15.45
CA ASP A 91 22.43 12.15 14.08
C ASP A 91 23.23 13.09 13.16
N VAL A 92 24.37 12.62 12.70
CA VAL A 92 25.17 13.31 11.69
C VAL A 92 24.77 12.63 10.38
N ILE A 93 23.78 13.20 9.71
CA ILE A 93 23.00 12.54 8.65
C ILE A 93 23.48 12.97 7.26
N HIS A 94 23.61 14.28 7.06
CA HIS A 94 24.16 14.82 5.82
C HIS A 94 24.96 16.10 6.09
N GLY A 95 25.72 16.05 7.18
CA GLY A 95 26.58 17.14 7.60
C GLY A 95 26.48 17.44 9.08
N TYR A 96 27.55 18.01 9.61
CA TYR A 96 27.60 18.44 10.99
C TYR A 96 27.21 19.93 11.01
N GLU A 97 28.11 20.81 10.57
CA GLU A 97 27.77 22.24 10.40
C GLU A 97 27.75 22.62 8.93
N THR A 98 28.76 22.19 8.18
CA THR A 98 28.72 22.27 6.74
C THR A 98 27.69 21.24 6.26
N MET A 99 26.56 21.70 5.75
CA MET A 99 25.47 20.82 5.38
C MET A 99 25.46 20.50 3.90
N PHE A 100 25.46 19.20 3.59
CA PHE A 100 25.35 18.69 2.23
C PHE A 100 23.88 18.52 1.93
N PRO A 101 23.50 18.15 0.69
CA PRO A 101 22.09 17.89 0.46
C PRO A 101 21.53 16.81 1.35
N ILE A 102 20.22 16.84 1.60
CA ILE A 102 19.58 15.72 2.27
C ILE A 102 19.94 14.43 1.53
N PRO A 103 20.04 13.30 2.25
CA PRO A 103 20.47 12.08 1.57
C PRO A 103 19.75 11.73 0.26
N LEU A 104 18.43 11.94 0.20
CA LEU A 104 17.67 11.59 -1.02
C LEU A 104 18.15 12.43 -2.20
N GLY A 105 18.38 13.72 -1.95
CA GLY A 105 18.97 14.58 -2.96
C GLY A 105 20.37 14.16 -3.32
N LEU A 106 21.19 13.91 -2.30
CA LEU A 106 22.57 13.47 -2.50
C LEU A 106 22.68 12.20 -3.38
N SER A 107 21.73 11.28 -3.21
CA SER A 107 21.71 10.03 -4.01
C SER A 107 21.60 10.30 -5.51
N CYS A 108 20.97 11.42 -5.88
CA CYS A 108 20.82 11.79 -7.29
C CYS A 108 22.11 12.25 -7.97
N THR A 109 23.20 12.42 -7.22
CA THR A 109 24.53 12.63 -7.79
C THR A 109 25.04 11.39 -8.51
N TRP A 110 24.57 10.20 -8.09
CA TRP A 110 25.07 8.92 -8.61
C TRP A 110 26.61 8.91 -8.64
N ASP A 111 27.19 9.46 -7.57
CA ASP A 111 28.62 9.75 -7.48
C ASP A 111 29.09 9.29 -6.12
N MET A 112 29.60 8.06 -6.07
CA MET A 112 30.05 7.47 -4.81
C MET A 112 31.26 8.19 -4.21
N THR A 113 32.09 8.80 -5.05
CA THR A 113 33.26 9.55 -4.57
C THR A 113 32.82 10.80 -3.80
N ALA A 114 31.86 11.52 -4.38
CA ALA A 114 31.25 12.70 -3.74
C ALA A 114 30.53 12.34 -2.46
N ILE A 115 29.79 11.22 -2.49
CA ILE A 115 29.05 10.77 -1.31
C ILE A 115 30.05 10.45 -0.19
N GLU A 116 31.08 9.69 -0.52
CA GLU A 116 32.11 9.34 0.47
C GLU A 116 32.75 10.61 1.05
N GLU A 117 33.06 11.54 0.17
CA GLU A 117 33.66 12.83 0.55
C GLU A 117 32.78 13.59 1.54
N SER A 118 31.48 13.62 1.28
CA SER A 118 30.54 14.31 2.16
C SER A 118 30.49 13.68 3.57
N ALA A 119 30.56 12.36 3.63
CA ALA A 119 30.62 11.66 4.93
C ALA A 119 31.96 11.91 5.65
N ARG A 120 33.05 11.91 4.88
CA ARG A 120 34.40 12.24 5.42
C ARG A 120 34.42 13.61 6.08
N ILE A 121 33.92 14.61 5.36
CA ILE A 121 33.86 15.98 5.88
C ILE A 121 33.02 16.06 7.15
N ALA A 122 31.85 15.43 7.13
CA ALA A 122 30.96 15.39 8.31
C ALA A 122 31.64 14.77 9.53
N ALA A 123 32.36 13.66 9.31
CA ALA A 123 33.11 12.97 10.35
C ALA A 123 34.25 13.85 10.91
N ILE A 124 34.94 14.55 10.02
CA ILE A 124 36.01 15.50 10.41
C ILE A 124 35.44 16.57 11.34
N GLU A 125 34.28 17.13 10.99
CA GLU A 125 33.65 18.19 11.78
C GLU A 125 33.07 17.65 13.09
N ALA A 126 32.38 16.51 13.00
CA ALA A 126 31.79 15.91 14.19
C ALA A 126 32.85 15.49 15.20
N SER A 127 33.90 14.80 14.72
CA SER A 127 35.01 14.35 15.57
C SER A 127 35.77 15.51 16.20
N ALA A 128 35.95 16.60 15.44
CA ALA A 128 36.52 17.84 15.99
C ALA A 128 35.77 18.35 17.21
N ASP A 129 34.45 18.10 17.23
CA ASP A 129 33.59 18.63 18.26
C ASP A 129 33.15 17.58 19.31
N GLY A 130 33.86 16.45 19.38
CA GLY A 130 33.62 15.47 20.46
C GLY A 130 32.81 14.24 20.13
N ILE A 131 32.20 14.21 18.95
CA ILE A 131 31.34 13.08 18.56
C ILE A 131 32.16 11.89 18.05
N SER A 132 31.89 10.70 18.62
CA SER A 132 32.57 9.46 18.23
C SER A 132 31.67 8.51 17.43
N TRP A 133 30.40 8.86 17.26
CA TRP A 133 29.39 7.91 16.79
C TRP A 133 28.29 8.67 16.10
N THR A 134 28.01 8.31 14.85
CA THR A 134 26.88 8.89 14.14
C THR A 134 25.82 7.86 13.84
N PHE A 135 24.56 8.26 14.01
CA PHE A 135 23.43 7.38 13.65
C PHE A 135 23.13 7.49 12.15
N SER A 136 24.06 7.00 11.36
CA SER A 136 24.04 7.15 9.90
C SER A 136 24.94 6.05 9.34
N PRO A 137 24.64 5.46 8.17
CA PRO A 137 23.60 5.88 7.23
C PRO A 137 22.23 5.27 7.44
N MET A 138 21.20 6.04 7.07
CA MET A 138 19.85 5.52 6.91
C MET A 138 19.79 4.93 5.49
N VAL A 139 19.52 3.63 5.39
CA VAL A 139 19.59 2.89 4.12
C VAL A 139 18.27 2.18 3.80
N ASP A 140 17.17 2.60 4.44
CA ASP A 140 15.90 1.91 4.29
C ASP A 140 15.39 2.13 2.88
N ILE A 141 15.01 1.03 2.22
CA ILE A 141 14.37 1.09 0.91
C ILE A 141 12.94 1.56 1.11
N SER A 142 12.47 2.48 0.27
CA SER A 142 11.05 2.80 0.27
C SER A 142 10.53 3.04 -1.13
N ARG A 143 9.30 2.58 -1.31
CA ARG A 143 8.54 2.77 -2.52
C ARG A 143 7.35 3.66 -2.22
N ASP A 144 7.38 4.33 -1.07
CA ASP A 144 6.21 5.04 -0.61
C ASP A 144 6.54 6.50 -0.28
N PRO A 145 6.32 7.41 -1.25
CA PRO A 145 6.71 8.80 -1.03
C PRO A 145 5.83 9.59 -0.03
N ARG A 146 4.76 8.99 0.48
CA ARG A 146 4.05 9.56 1.64
C ARG A 146 4.93 9.66 2.89
N TRP A 147 5.86 8.70 3.04
CA TRP A 147 6.73 8.63 4.22
C TRP A 147 7.80 9.72 4.18
N GLY A 148 7.87 10.54 5.23
CA GLY A 148 8.79 11.65 5.25
C GLY A 148 10.24 11.22 5.26
N ARG A 149 10.50 10.00 5.71
CA ARG A 149 11.88 9.56 5.90
C ARG A 149 12.56 9.12 4.59
N VAL A 150 11.83 9.10 3.48
CA VAL A 150 12.49 8.97 2.15
C VAL A 150 13.59 10.01 1.95
N SER A 151 13.42 11.20 2.56
CA SER A 151 14.43 12.26 2.54
C SER A 151 15.81 11.80 3.04
N GLU A 152 15.82 10.82 3.94
CA GLU A 152 17.02 10.36 4.66
C GLU A 152 17.71 9.19 4.00
N GLY A 153 17.04 8.56 3.04
CA GLY A 153 17.59 7.40 2.36
C GLY A 153 18.11 7.74 0.98
N SER A 154 18.26 6.71 0.16
CA SER A 154 18.83 6.87 -1.17
C SER A 154 17.92 6.33 -2.28
N GLY A 155 16.61 6.31 -2.02
CA GLY A 155 15.61 5.95 -3.02
C GLY A 155 15.05 4.54 -2.95
N GLU A 156 14.49 4.10 -4.06
CA GLU A 156 13.77 2.84 -4.11
C GLU A 156 14.64 1.63 -4.45
N ASP A 157 15.87 1.85 -4.90
CA ASP A 157 16.66 0.76 -5.50
C ASP A 157 17.73 0.16 -4.58
N PRO A 158 17.72 -1.17 -4.39
CA PRO A 158 18.73 -1.79 -3.51
C PRO A 158 20.17 -1.83 -4.06
N PHE A 159 20.35 -1.94 -5.37
CA PHE A 159 21.70 -1.90 -5.94
C PHE A 159 22.39 -0.57 -5.64
N LEU A 160 21.74 0.54 -6.00
CA LEU A 160 22.27 1.88 -5.72
C LEU A 160 22.35 2.12 -4.22
N GLY A 161 21.31 1.69 -3.49
CA GLY A 161 21.28 1.78 -2.03
C GLY A 161 22.50 1.16 -1.37
N ALA A 162 22.86 -0.04 -1.82
CA ALA A 162 24.02 -0.77 -1.28
C ALA A 162 25.34 -0.04 -1.53
N MET A 163 25.54 0.45 -2.75
N MET A 163 25.54 0.44 -2.77
CA MET A 163 26.74 1.21 -3.10
CA MET A 163 26.72 1.22 -3.13
C MET A 163 26.89 2.47 -2.25
C MET A 163 26.89 2.46 -2.25
N ILE A 164 25.77 3.17 -2.03
CA ILE A 164 25.77 4.37 -1.20
C ILE A 164 26.05 4.03 0.27
N ALA A 165 25.44 2.97 0.79
CA ALA A 165 25.70 2.52 2.16
C ALA A 165 27.20 2.29 2.40
N GLU A 166 27.85 1.62 1.45
CA GLU A 166 29.30 1.36 1.49
C GLU A 166 30.09 2.66 1.51
N ALA A 167 29.72 3.58 0.62
CA ALA A 167 30.38 4.88 0.50
C ALA A 167 30.29 5.70 1.79
N MET A 168 29.11 5.69 2.40
CA MET A 168 28.89 6.42 3.66
C MET A 168 29.69 5.85 4.83
N VAL A 169 29.62 4.52 5.00
CA VAL A 169 30.33 3.85 6.09
C VAL A 169 31.85 4.09 5.95
N LEU A 170 32.37 3.90 4.75
CA LEU A 170 33.78 4.14 4.47
C LEU A 170 34.17 5.60 4.73
N GLY A 171 33.30 6.53 4.38
CA GLY A 171 33.57 7.94 4.61
C GLY A 171 33.68 8.29 6.08
N TYR A 172 32.77 7.76 6.90
CA TYR A 172 32.77 8.01 8.33
C TYR A 172 33.91 7.30 9.05
N GLN A 173 34.05 6.00 8.79
CA GLN A 173 34.93 5.11 9.57
C GLN A 173 36.35 4.99 9.06
N GLY A 174 36.55 5.24 7.76
CA GLY A 174 37.79 4.90 7.09
C GLY A 174 38.05 3.40 7.13
N LYS A 175 39.32 3.04 7.08
CA LYS A 175 39.74 1.63 7.12
C LYS A 175 39.37 0.92 8.44
N ASP A 176 39.60 1.58 9.57
CA ASP A 176 39.33 0.95 10.88
C ASP A 176 39.08 1.91 12.05
N MET A 177 38.63 3.13 11.77
CA MET A 177 38.30 4.13 12.80
C MET A 177 39.49 4.56 13.69
N GLN A 178 40.72 4.30 13.23
CA GLN A 178 41.93 4.56 14.05
C GLN A 178 42.23 6.04 14.21
N ARG A 179 41.92 6.83 13.19
CA ARG A 179 42.26 8.25 13.18
C ARG A 179 41.33 9.04 14.07
N ASN A 180 41.78 10.19 14.55
CA ASN A 180 40.91 11.05 15.35
C ASN A 180 39.89 11.85 14.53
N ASP A 181 39.90 11.72 13.21
CA ASP A 181 38.84 12.29 12.35
C ASP A 181 37.94 11.24 11.70
N GLU A 182 37.97 10.04 12.27
CA GLU A 182 37.11 8.92 11.88
C GLU A 182 36.23 8.58 13.06
N ILE A 183 34.97 8.26 12.77
CA ILE A 183 33.97 8.00 13.81
C ILE A 183 33.27 6.69 13.46
N MET A 184 32.59 6.12 14.45
CA MET A 184 31.82 4.90 14.24
C MET A 184 30.50 5.26 13.57
N ALA A 185 30.13 4.49 12.56
CA ALA A 185 28.85 4.64 11.86
C ALA A 185 27.83 3.65 12.42
N CYS A 186 26.57 3.86 12.06
CA CYS A 186 25.46 3.06 12.54
C CYS A 186 24.42 2.93 11.44
N VAL A 187 24.36 1.76 10.82
CA VAL A 187 23.37 1.54 9.77
C VAL A 187 21.96 1.42 10.39
N LYS A 188 21.02 2.14 9.79
CA LYS A 188 19.65 2.15 10.31
C LYS A 188 18.68 2.16 9.14
N HIS A 189 17.42 1.75 9.34
CA HIS A 189 16.86 1.24 10.57
C HIS A 189 16.54 -0.23 10.30
N PHE A 190 17.24 -1.12 10.99
CA PHE A 190 17.19 -2.55 10.66
C PHE A 190 15.92 -3.13 11.32
N ALA A 191 14.88 -3.52 10.58
CA ALA A 191 14.81 -3.59 9.13
C ALA A 191 13.38 -3.37 8.63
N LEU A 192 13.30 -2.92 7.37
CA LEU A 192 12.06 -2.85 6.57
C LEU A 192 11.18 -1.66 6.92
N TYR A 193 11.76 -0.70 7.63
CA TYR A 193 11.04 0.44 8.20
C TYR A 193 10.41 1.31 7.10
N GLY A 194 11.03 1.34 5.92
CA GLY A 194 10.47 2.06 4.77
C GLY A 194 9.19 1.49 4.14
N ALA A 195 8.70 0.35 4.60
CA ALA A 195 7.45 -0.25 4.10
C ALA A 195 6.27 -0.07 5.04
N GLY A 196 6.35 0.87 5.99
CA GLY A 196 5.25 1.13 6.92
C GLY A 196 3.94 1.41 6.19
N GLU A 197 2.88 0.75 6.63
CA GLU A 197 1.57 0.86 5.98
C GLU A 197 1.06 2.30 5.90
N GLY A 198 0.47 2.63 4.76
CA GLY A 198 -0.07 3.96 4.50
C GLY A 198 0.97 5.05 4.36
N GLY A 199 2.24 4.68 4.25
CA GLY A 199 3.33 5.64 4.33
C GLY A 199 3.38 6.41 5.64
N ARG A 200 2.73 5.87 6.67
CA ARG A 200 2.54 6.58 7.93
C ARG A 200 3.66 6.12 8.85
N ASP A 201 4.42 7.07 9.36
CA ASP A 201 5.63 6.72 10.08
C ASP A 201 5.28 5.84 11.27
N TYR A 202 6.12 4.85 11.52
CA TYR A 202 6.02 3.90 12.63
C TYR A 202 4.96 2.79 12.46
N ASN A 203 4.23 2.83 11.36
CA ASN A 203 3.12 1.91 11.17
C ASN A 203 3.61 0.50 10.79
N THR A 204 2.68 -0.43 10.93
CA THR A 204 2.88 -1.85 10.63
C THR A 204 3.59 -2.11 9.31
N VAL A 205 4.57 -3.01 9.35
CA VAL A 205 5.23 -3.52 8.15
C VAL A 205 4.93 -5.00 8.07
N ASP A 206 4.66 -5.47 6.86
CA ASP A 206 4.47 -6.88 6.62
C ASP A 206 4.92 -7.23 5.22
N MET A 207 5.74 -8.26 5.10
CA MET A 207 6.11 -8.76 3.77
C MET A 207 6.61 -10.19 3.86
N SER A 208 6.73 -10.83 2.70
CA SER A 208 7.28 -12.18 2.61
C SER A 208 8.78 -12.14 2.86
N ARG A 209 9.35 -13.29 3.22
CA ARG A 209 10.80 -13.43 3.35
C ARG A 209 11.49 -13.21 2.01
N GLN A 210 10.89 -13.71 0.93
CA GLN A 210 11.43 -13.53 -0.41
C GLN A 210 11.55 -12.04 -0.77
N ARG A 211 10.49 -11.27 -0.47
CA ARG A 211 10.53 -9.84 -0.72
C ARG A 211 11.61 -9.15 0.12
N MET A 212 11.72 -9.52 1.40
CA MET A 212 12.75 -8.94 2.25
C MET A 212 14.11 -9.03 1.57
N PHE A 213 14.51 -10.24 1.20
CA PHE A 213 15.86 -10.48 0.70
C PHE A 213 16.11 -9.97 -0.71
N ASN A 214 15.14 -10.09 -1.60
CA ASN A 214 15.30 -9.58 -2.97
C ASN A 214 15.16 -8.07 -3.12
N GLU A 215 14.35 -7.46 -2.26
CA GLU A 215 13.88 -6.09 -2.50
C GLU A 215 14.24 -5.05 -1.42
N TYR A 216 14.49 -5.49 -0.18
CA TYR A 216 14.72 -4.57 0.95
C TYR A 216 16.03 -4.71 1.73
N MET A 217 16.61 -5.91 1.81
CA MET A 217 17.68 -6.17 2.78
C MET A 217 19.08 -5.78 2.34
N LEU A 218 19.33 -5.73 1.03
CA LEU A 218 20.71 -5.60 0.55
C LEU A 218 21.47 -4.40 1.13
N PRO A 219 20.82 -3.22 1.23
CA PRO A 219 21.61 -2.08 1.75
C PRO A 219 22.11 -2.24 3.17
N TYR A 220 21.33 -2.93 4.02
CA TYR A 220 21.79 -3.23 5.37
C TYR A 220 22.98 -4.17 5.32
N GLU A 221 22.87 -5.23 4.52
CA GLU A 221 23.95 -6.20 4.36
C GLU A 221 25.23 -5.54 3.86
N ALA A 222 25.10 -4.60 2.92
CA ALA A 222 26.25 -3.89 2.36
C ALA A 222 26.97 -3.06 3.42
N ALA A 223 26.20 -2.39 4.28
CA ALA A 223 26.79 -1.63 5.39
C ALA A 223 27.57 -2.54 6.33
N VAL A 224 26.97 -3.69 6.65
CA VAL A 224 27.59 -4.68 7.54
C VAL A 224 28.88 -5.21 6.91
N GLU A 225 28.83 -5.53 5.62
CA GLU A 225 30.03 -6.03 4.92
C GLU A 225 31.12 -4.98 4.75
N ALA A 226 30.74 -3.69 4.71
CA ALA A 226 31.72 -2.58 4.73
C ALA A 226 32.36 -2.33 6.11
N GLY A 227 31.96 -3.09 7.13
CA GLY A 227 32.52 -2.99 8.47
C GLY A 227 31.86 -1.97 9.38
N VAL A 228 30.60 -1.63 9.12
CA VAL A 228 29.90 -0.68 10.00
C VAL A 228 29.96 -1.16 11.45
N GLY A 229 30.22 -0.27 12.38
CA GLY A 229 30.45 -0.62 13.78
C GLY A 229 29.21 -0.99 14.57
N SER A 230 28.06 -0.47 14.14
CA SER A 230 26.82 -0.64 14.89
C SER A 230 25.61 -0.70 13.96
N VAL A 231 24.50 -1.18 14.51
CA VAL A 231 23.23 -1.29 13.81
C VAL A 231 22.16 -0.75 14.74
N MET A 232 21.22 0.04 14.20
CA MET A 232 20.06 0.48 14.98
C MET A 232 18.83 -0.32 14.60
N ALA A 233 18.20 -0.97 15.59
CA ALA A 233 16.93 -1.68 15.41
C ALA A 233 15.79 -0.70 15.12
N SER A 234 14.89 -1.08 14.22
CA SER A 234 13.83 -0.18 13.79
C SER A 234 12.60 -0.22 14.70
N PHE A 235 11.73 0.79 14.53
CA PHE A 235 10.51 0.93 15.31
C PHE A 235 9.39 -0.04 14.90
N ASN A 236 9.42 -0.47 13.66
CA ASN A 236 8.35 -1.28 13.11
C ASN A 236 8.41 -2.72 13.56
N GLU A 237 7.24 -3.36 13.55
CA GLU A 237 7.17 -4.81 13.63
C GLU A 237 7.55 -5.46 12.30
N VAL A 238 8.05 -6.69 12.39
CA VAL A 238 8.34 -7.55 11.25
C VAL A 238 7.84 -8.93 11.67
N ASP A 239 6.99 -9.55 10.86
CA ASP A 239 6.38 -10.85 11.21
C ASP A 239 5.69 -10.82 12.58
N GLY A 240 5.05 -9.69 12.89
CA GLY A 240 4.34 -9.50 14.16
C GLY A 240 5.20 -9.30 15.40
N VAL A 241 6.50 -9.13 15.22
CA VAL A 241 7.40 -8.92 16.33
C VAL A 241 8.12 -7.59 16.09
N PRO A 242 8.00 -6.64 17.04
CA PRO A 242 8.83 -5.44 16.95
C PRO A 242 10.28 -5.82 16.66
N ALA A 243 10.92 -5.11 15.73
CA ALA A 243 12.29 -5.44 15.34
C ALA A 243 13.23 -5.51 16.55
N THR A 244 12.98 -4.68 17.55
CA THR A 244 13.79 -4.64 18.78
C THR A 244 13.68 -5.93 19.64
N ALA A 245 12.67 -6.76 19.38
CA ALA A 245 12.55 -8.09 20.01
C ALA A 245 12.70 -9.26 19.02
N ASN A 246 13.08 -8.96 17.78
CA ASN A 246 13.05 -9.95 16.71
C ASN A 246 14.40 -10.64 16.61
N LYS A 247 14.52 -11.78 17.27
CA LYS A 247 15.76 -12.56 17.32
C LYS A 247 16.17 -13.09 15.95
N TRP A 248 15.21 -13.40 15.09
CA TRP A 248 15.53 -13.80 13.73
C TRP A 248 16.31 -12.69 12.99
N LEU A 249 15.86 -11.44 13.15
CA LEU A 249 16.56 -10.30 12.55
C LEU A 249 17.91 -10.06 13.22
N MET A 250 17.88 -9.85 14.53
CA MET A 250 19.04 -9.30 15.24
C MET A 250 20.13 -10.33 15.53
N THR A 251 19.79 -11.62 15.51
CA THR A 251 20.78 -12.70 15.67
C THR A 251 20.93 -13.51 14.39
N ASP A 252 19.86 -14.17 13.95
CA ASP A 252 19.97 -15.14 12.85
C ASP A 252 20.44 -14.53 11.54
N VAL A 253 19.85 -13.41 11.13
CA VAL A 253 20.24 -12.77 9.90
C VAL A 253 21.54 -11.96 10.10
N LEU A 254 21.49 -11.01 11.03
CA LEU A 254 22.58 -10.06 11.22
C LEU A 254 23.92 -10.74 11.56
N ARG A 255 23.90 -11.63 12.54
CA ARG A 255 25.13 -12.35 12.96
C ARG A 255 25.27 -13.69 12.24
N GLY A 256 24.22 -14.50 12.28
CA GLY A 256 24.27 -15.85 11.67
C GLY A 256 24.58 -15.84 10.19
N GLN A 257 23.82 -15.08 9.39
CA GLN A 257 24.01 -15.05 7.94
C GLN A 257 25.06 -14.04 7.50
N TRP A 258 25.09 -12.84 8.10
CA TRP A 258 26.00 -11.78 7.63
C TRP A 258 27.30 -11.62 8.42
N GLY A 259 27.46 -12.33 9.54
CA GLY A 259 28.69 -12.27 10.32
C GLY A 259 29.00 -10.92 10.96
N PHE A 260 27.95 -10.14 11.25
CA PHE A 260 28.12 -8.85 11.91
C PHE A 260 28.87 -9.02 13.23
N ASN A 261 29.98 -8.29 13.39
CA ASN A 261 30.83 -8.36 14.60
C ASN A 261 30.56 -7.26 15.63
N GLY A 262 29.65 -6.32 15.33
CA GLY A 262 29.47 -5.11 16.12
C GLY A 262 28.33 -5.24 17.11
N PHE A 263 27.77 -4.10 17.49
CA PHE A 263 26.64 -4.08 18.42
C PHE A 263 25.37 -3.44 17.84
N VAL A 264 24.25 -3.78 18.46
CA VAL A 264 22.95 -3.27 18.09
C VAL A 264 22.44 -2.30 19.15
N VAL A 265 22.12 -1.09 18.72
CA VAL A 265 21.45 -0.10 19.56
C VAL A 265 19.98 -0.05 19.16
N THR A 266 19.11 0.28 20.11
CA THR A 266 17.71 0.53 19.79
C THR A 266 17.57 1.90 19.16
N ASP A 267 16.40 2.13 18.59
CA ASP A 267 15.98 3.48 18.26
C ASP A 267 15.41 4.12 19.56
N TYR A 268 14.99 5.36 19.45
CA TYR A 268 14.57 6.19 20.60
C TYR A 268 13.42 5.57 21.40
N THR A 269 13.71 5.20 22.66
CA THR A 269 12.79 4.45 23.53
C THR A 269 12.13 3.24 22.84
N GLY A 270 12.86 2.60 21.94
CA GLY A 270 12.36 1.44 21.21
C GLY A 270 11.91 0.29 22.10
N ILE A 271 12.62 0.06 23.20
CA ILE A 271 12.26 -1.04 24.11
C ILE A 271 10.94 -0.77 24.83
N SER A 272 10.79 0.39 25.46
CA SER A 272 9.56 0.65 26.21
C SER A 272 8.35 0.80 25.27
N GLU A 273 8.61 1.21 24.02
CA GLU A 273 7.55 1.26 23.01
C GLU A 273 6.99 -0.12 22.64
N MET A 274 7.74 -1.19 22.91
CA MET A 274 7.20 -2.56 22.74
C MET A 274 6.03 -2.87 23.67
N ILE A 275 5.93 -2.14 24.78
CA ILE A 275 4.76 -2.21 25.65
C ILE A 275 3.54 -1.77 24.85
N ASP A 276 3.66 -0.62 24.17
CA ASP A 276 2.56 -0.12 23.32
C ASP A 276 2.30 -1.03 22.12
N HIS A 277 3.35 -1.56 21.48
CA HIS A 277 3.19 -2.53 20.38
C HIS A 277 2.27 -3.69 20.84
N GLY A 278 2.41 -4.06 22.11
CA GLY A 278 1.49 -5.01 22.75
C GLY A 278 2.05 -6.40 22.98
N ILE A 279 3.36 -6.48 23.25
CA ILE A 279 4.00 -7.77 23.51
C ILE A 279 4.48 -7.95 24.96
N GLY A 280 4.09 -7.06 25.88
CA GLY A 280 4.32 -7.28 27.31
C GLY A 280 4.78 -6.08 28.09
N ASP A 281 5.13 -6.32 29.34
CA ASP A 281 5.58 -5.25 30.24
C ASP A 281 7.06 -4.95 30.03
N LEU A 282 7.56 -3.92 30.71
CA LEU A 282 8.91 -3.44 30.49
C LEU A 282 9.96 -4.52 30.72
N GLN A 283 9.85 -5.25 31.82
CA GLN A 283 10.80 -6.34 32.10
C GLN A 283 10.74 -7.39 31.00
N THR A 284 9.53 -7.80 30.61
CA THR A 284 9.38 -8.86 29.62
C THR A 284 9.98 -8.45 28.27
N VAL A 285 9.65 -7.25 27.80
CA VAL A 285 10.16 -6.79 26.51
C VAL A 285 11.67 -6.51 26.53
N SER A 286 12.19 -5.99 27.66
CA SER A 286 13.65 -5.80 27.81
C SER A 286 14.42 -7.11 27.75
N ALA A 287 13.93 -8.12 28.48
CA ALA A 287 14.54 -9.45 28.40
C ALA A 287 14.48 -10.00 26.98
N ARG A 288 13.35 -9.82 26.31
CA ARG A 288 13.23 -10.30 24.94
C ARG A 288 14.21 -9.59 24.01
N ALA A 289 14.38 -8.29 24.20
CA ALA A 289 15.32 -7.51 23.38
C ALA A 289 16.77 -7.98 23.49
N ILE A 290 17.29 -8.08 24.72
CA ILE A 290 18.68 -8.51 24.89
C ILE A 290 18.86 -9.95 24.42
N ASN A 291 17.87 -10.80 24.69
CA ASN A 291 17.88 -12.19 24.19
C ASN A 291 17.85 -12.27 22.66
N ALA A 292 17.21 -11.29 22.03
CA ALA A 292 17.16 -11.21 20.58
C ALA A 292 18.47 -10.79 19.91
N GLY A 293 19.35 -10.12 20.66
CA GLY A 293 20.61 -9.58 20.12
C GLY A 293 20.75 -8.06 20.16
N VAL A 294 19.84 -7.39 20.86
CA VAL A 294 19.96 -5.94 21.12
C VAL A 294 20.92 -5.70 22.29
N ASP A 295 21.89 -4.83 22.06
CA ASP A 295 22.99 -4.60 23.00
C ASP A 295 22.92 -3.27 23.76
N MET A 296 22.31 -2.25 23.17
CA MET A 296 22.29 -0.94 23.81
C MET A 296 20.91 -0.29 23.76
N ASP A 297 20.47 0.21 24.92
CA ASP A 297 19.12 0.69 25.19
C ASP A 297 19.07 2.22 25.13
N MET A 298 18.57 2.76 24.01
CA MET A 298 18.39 4.22 23.85
C MET A 298 17.20 4.76 24.69
N VAL A 299 17.52 5.42 25.80
CA VAL A 299 16.57 6.21 26.64
C VAL A 299 15.57 5.43 27.51
N SER A 300 15.09 4.27 27.06
CA SER A 300 13.93 3.66 27.73
C SER A 300 14.21 3.24 29.17
N GLU A 301 15.48 2.94 29.47
CA GLU A 301 15.91 2.42 30.78
C GLU A 301 15.33 1.05 31.13
N GLY A 302 14.93 0.30 30.11
CA GLY A 302 14.48 -1.08 30.28
C GLY A 302 15.60 -1.97 30.78
N PHE A 303 16.76 -1.91 30.13
CA PHE A 303 17.90 -2.71 30.54
C PHE A 303 18.34 -2.37 31.97
N VAL A 304 18.60 -1.09 32.23
CA VAL A 304 19.13 -0.67 33.53
C VAL A 304 18.17 -0.92 34.70
N SER A 305 16.87 -0.75 34.47
CA SER A 305 15.90 -0.92 35.55
C SER A 305 15.42 -2.35 35.75
N THR A 306 15.56 -3.24 34.76
CA THR A 306 14.98 -4.59 34.86
C THR A 306 15.91 -5.78 34.62
N LEU A 307 17.10 -5.60 34.05
CA LEU A 307 17.93 -6.76 33.73
C LEU A 307 18.39 -7.56 34.96
N LYS A 308 18.73 -6.88 36.05
CA LYS A 308 19.20 -7.62 37.22
C LYS A 308 18.11 -8.58 37.75
N LYS A 309 16.89 -8.08 37.87
CA LYS A 309 15.73 -8.91 38.25
C LYS A 309 15.55 -10.08 37.28
N SER A 310 15.65 -9.80 35.97
CA SER A 310 15.58 -10.86 34.96
C SER A 310 16.69 -11.89 35.07
N ILE A 311 17.90 -11.45 35.39
CA ILE A 311 19.02 -12.38 35.62
C ILE A 311 18.76 -13.23 36.87
N GLN A 312 18.32 -12.60 37.96
CA GLN A 312 17.92 -13.34 39.17
C GLN A 312 16.85 -14.40 38.87
N GLU A 313 15.85 -14.04 38.07
CA GLU A 313 14.73 -14.93 37.73
C GLU A 313 15.00 -15.92 36.59
N GLY A 314 16.18 -15.88 35.96
CA GLY A 314 16.53 -16.77 34.88
C GLY A 314 15.94 -16.44 33.51
N LYS A 315 15.36 -15.24 33.37
CA LYS A 315 14.78 -14.79 32.10
C LYS A 315 15.86 -14.36 31.11
N VAL A 316 16.99 -13.91 31.66
CA VAL A 316 18.18 -13.58 30.89
C VAL A 316 19.36 -14.25 31.59
N SER A 317 20.29 -14.80 30.82
CA SER A 317 21.46 -15.47 31.38
C SER A 317 22.60 -14.48 31.58
N MET A 318 23.55 -14.86 32.43
CA MET A 318 24.80 -14.11 32.57
C MET A 318 25.61 -14.11 31.29
N GLU A 319 25.59 -15.23 30.56
CA GLU A 319 26.23 -15.32 29.24
C GLU A 319 25.67 -14.27 28.25
N THR A 320 24.36 -14.05 28.28
CA THR A 320 23.71 -13.09 27.36
C THR A 320 24.12 -11.64 27.72
N LEU A 321 24.07 -11.32 29.02
CA LEU A 321 24.57 -10.02 29.51
C LEU A 321 26.04 -9.79 29.15
N ASN A 322 26.87 -10.81 29.39
CA ASN A 322 28.31 -10.72 29.08
C ASN A 322 28.58 -10.50 27.59
N THR A 323 27.81 -11.14 26.73
CA THR A 323 27.98 -10.97 25.30
C THR A 323 27.64 -9.54 24.86
N ALA A 324 26.54 -8.99 25.40
CA ALA A 324 26.11 -7.63 25.07
C ALA A 324 27.13 -6.61 25.58
N CYS A 325 27.53 -6.75 26.84
CA CYS A 325 28.53 -5.86 27.44
C CYS A 325 29.86 -5.90 26.65
N ARG A 326 30.32 -7.11 26.31
CA ARG A 326 31.56 -7.28 25.55
C ARG A 326 31.50 -6.57 24.20
N ARG A 327 30.36 -6.67 23.52
CA ARG A 327 30.20 -5.96 22.25
C ARG A 327 30.39 -4.44 22.41
N ILE A 328 29.84 -3.86 23.47
CA ILE A 328 29.96 -2.41 23.72
C ILE A 328 31.43 -2.08 24.02
N LEU A 329 32.06 -2.89 24.87
CA LEU A 329 33.45 -2.63 25.25
C LEU A 329 34.34 -2.77 24.03
N GLU A 330 34.04 -3.74 23.17
CA GLU A 330 34.79 -3.89 21.91
C GLU A 330 34.68 -2.69 20.97
N ALA A 331 33.48 -2.10 20.86
CA ALA A 331 33.31 -0.88 20.06
C ALA A 331 34.21 0.26 20.59
N LYS A 332 34.19 0.43 21.91
CA LYS A 332 35.01 1.47 22.55
C LYS A 332 36.51 1.21 22.33
N TYR A 333 36.89 -0.05 22.46
CA TYR A 333 38.26 -0.47 22.20
C TYR A 333 38.70 -0.17 20.77
N LYS A 334 37.85 -0.57 19.81
CA LYS A 334 38.13 -0.36 18.37
C LYS A 334 38.18 1.11 17.96
N LEU A 335 37.43 1.97 18.65
CA LEU A 335 37.49 3.43 18.45
C LEU A 335 38.73 4.09 19.09
N GLY A 336 39.48 3.33 19.88
CA GLY A 336 40.67 3.84 20.55
C GLY A 336 40.40 4.60 21.83
N LEU A 337 39.24 4.39 22.44
CA LEU A 337 38.85 5.14 23.64
C LEU A 337 39.49 4.63 24.94
N PHE A 338 39.92 3.37 24.99
CA PHE A 338 40.73 2.91 26.13
C PHE A 338 42.18 3.37 26.01
N ASP A 339 42.70 3.49 24.79
CA ASP A 339 44.02 4.12 24.55
C ASP A 339 43.98 5.61 24.90
N ASN A 340 42.93 6.30 24.45
CA ASN A 340 42.75 7.71 24.78
C ASN A 340 41.26 8.06 24.85
N PRO A 341 40.69 8.12 26.06
CA PRO A 341 39.30 8.55 26.24
C PRO A 341 38.97 9.91 25.66
N TYR A 342 39.98 10.78 25.57
CA TYR A 342 39.83 12.14 25.06
C TYR A 342 40.28 12.27 23.61
N LYS A 343 40.33 11.16 22.87
CA LYS A 343 40.67 11.13 21.45
C LYS A 343 39.93 12.19 20.65
N TYR A 344 38.64 12.34 20.94
CA TYR A 344 37.79 13.31 20.24
C TYR A 344 37.55 14.60 21.02
N CYS A 345 38.28 14.82 22.11
CA CYS A 345 38.05 15.99 22.96
C CYS A 345 39.17 17.01 22.84
N ASP A 346 39.62 17.28 21.61
CA ASP A 346 40.60 18.32 21.36
C ASP A 346 39.86 19.66 21.30
N LEU A 347 40.02 20.46 22.35
CA LEU A 347 39.32 21.73 22.46
C LEU A 347 39.71 22.74 21.37
N LYS A 348 40.83 22.51 20.68
CA LYS A 348 41.31 23.41 19.62
C LYS A 348 40.91 23.02 18.20
N ARG A 349 40.36 21.82 18.00
CA ARG A 349 39.97 21.40 16.65
C ARG A 349 38.78 22.16 16.04
N PRO A 350 37.73 22.46 16.82
CA PRO A 350 36.55 23.14 16.22
C PRO A 350 36.86 24.42 15.44
N ALA A 351 37.78 25.25 15.95
CA ALA A 351 38.13 26.51 15.27
C ALA A 351 38.80 26.31 13.92
N ARG A 352 39.44 25.17 13.70
CA ARG A 352 40.12 24.92 12.42
C ARG A 352 39.47 23.86 11.52
N ASP A 353 38.59 23.01 12.08
CA ASP A 353 38.01 21.89 11.33
C ASP A 353 36.54 22.04 10.96
N ILE A 354 35.83 23.02 11.53
CA ILE A 354 34.37 23.10 11.39
C ILE A 354 33.93 24.33 10.60
N PHE A 355 33.14 24.09 9.55
CA PHE A 355 32.54 25.16 8.74
C PHE A 355 33.61 25.99 8.05
N THR A 356 34.60 25.29 7.52
CA THR A 356 35.73 25.93 6.85
C THR A 356 35.32 26.21 5.43
N LYS A 357 36.03 27.14 4.79
CA LYS A 357 35.78 27.41 3.38
C LYS A 357 35.94 26.17 2.49
N ALA A 358 36.97 25.35 2.71
CA ALA A 358 37.16 24.13 1.90
C ALA A 358 35.97 23.19 2.02
N HIS A 359 35.46 23.01 3.24
CA HIS A 359 34.28 22.17 3.47
C HIS A 359 33.07 22.71 2.71
N ARG A 360 32.87 24.01 2.84
CA ARG A 360 31.72 24.68 2.25
C ARG A 360 31.79 24.71 0.73
N ASP A 361 32.98 24.86 0.16
CA ASP A 361 33.17 24.77 -1.29
C ASP A 361 32.80 23.38 -1.81
N ALA A 362 33.20 22.33 -1.08
CA ALA A 362 32.82 20.96 -1.41
C ALA A 362 31.29 20.79 -1.39
N ALA A 363 30.65 21.31 -0.34
CA ALA A 363 29.19 21.23 -0.21
C ALA A 363 28.46 21.92 -1.36
N ARG A 364 28.93 23.11 -1.74
CA ARG A 364 28.40 23.84 -2.89
C ARG A 364 28.50 23.05 -4.19
N ARG A 365 29.67 22.45 -4.44
CA ARG A 365 29.86 21.59 -5.62
C ARG A 365 28.90 20.39 -5.59
N ILE A 366 28.82 19.72 -4.45
CA ILE A 366 28.01 18.51 -4.33
C ILE A 366 26.51 18.83 -4.40
N ALA A 367 26.13 19.98 -3.85
CA ALA A 367 24.74 20.43 -3.98
C ALA A 367 24.34 20.65 -5.44
N ALA A 368 25.15 21.38 -6.20
CA ALA A 368 24.82 21.60 -7.62
C ALA A 368 24.75 20.28 -8.40
N GLU A 369 25.59 19.32 -7.99
CA GLU A 369 25.61 17.97 -8.58
C GLU A 369 24.36 17.13 -8.27
N SER A 370 23.68 17.44 -7.18
CA SER A 370 22.49 16.70 -6.72
C SER A 370 21.19 17.10 -7.40
N PHE A 371 21.15 18.28 -8.01
CA PHE A 371 19.89 18.81 -8.54
C PHE A 371 19.43 18.01 -9.76
N VAL A 372 18.12 17.88 -9.91
CA VAL A 372 17.56 17.16 -11.05
C VAL A 372 16.73 18.10 -11.92
N LEU A 373 17.19 18.29 -13.15
CA LEU A 373 16.47 19.08 -14.12
C LEU A 373 15.33 18.20 -14.65
N LEU A 374 14.10 18.56 -14.28
CA LEU A 374 12.93 17.76 -14.64
C LEU A 374 12.28 18.20 -15.94
N LYS A 375 12.42 19.47 -16.28
CA LYS A 375 11.88 20.02 -17.52
C LYS A 375 12.63 21.30 -17.84
N ASN A 376 12.80 21.55 -19.15
CA ASN A 376 13.45 22.77 -19.63
C ASN A 376 13.09 23.02 -21.10
N ASP A 377 11.82 23.30 -21.34
CA ASP A 377 11.27 23.47 -22.71
C ASP A 377 11.73 24.80 -23.31
N ASN A 378 11.83 24.84 -24.64
CA ASN A 378 12.08 26.08 -25.36
C ASN A 378 10.97 27.10 -25.13
N VAL A 379 11.37 28.37 -24.99
CA VAL A 379 10.44 29.49 -24.85
C VAL A 379 10.85 30.57 -25.86
N THR A 380 9.87 31.16 -26.54
CA THR A 380 10.09 32.31 -27.42
C THR A 380 10.10 33.58 -26.58
N LEU A 381 11.28 34.16 -26.37
CA LEU A 381 11.41 35.38 -25.57
C LEU A 381 11.13 36.66 -26.34
N ARG A 382 11.23 36.61 -27.67
CA ARG A 382 11.22 37.83 -28.47
C ARG A 382 10.97 37.47 -29.93
N PRO A 383 9.98 38.13 -30.57
CA PRO A 383 9.66 37.83 -31.98
C PRO A 383 10.89 37.92 -32.90
N GLY A 384 11.01 36.95 -33.81
CA GLY A 384 12.12 36.89 -34.76
C GLY A 384 13.34 36.08 -34.32
N THR A 385 13.41 35.76 -33.02
CA THR A 385 14.50 34.97 -32.43
C THR A 385 13.98 33.56 -32.17
N PRO A 386 14.66 32.51 -32.68
CA PRO A 386 14.22 31.15 -32.36
C PRO A 386 14.15 30.86 -30.84
N ALA A 387 13.22 29.99 -30.46
CA ALA A 387 12.98 29.69 -29.06
C ALA A 387 14.17 28.94 -28.47
N GLU A 388 14.52 29.28 -27.23
CA GLU A 388 15.58 28.61 -26.46
C GLU A 388 15.08 28.29 -25.07
N PRO A 389 15.73 27.36 -24.36
CA PRO A 389 15.28 27.07 -22.99
C PRO A 389 15.57 28.23 -22.03
N LEU A 390 14.77 28.34 -20.98
CA LEU A 390 14.99 29.36 -19.96
C LEU A 390 16.29 29.14 -19.21
N LEU A 391 16.66 27.87 -19.00
CA LEU A 391 17.88 27.55 -18.26
C LEU A 391 18.95 27.01 -19.20
N PRO A 392 20.20 27.45 -19.03
CA PRO A 392 20.61 28.49 -18.08
C PRO A 392 20.45 29.88 -18.69
N PHE A 393 20.58 30.91 -17.88
CA PHE A 393 20.54 32.29 -18.38
C PHE A 393 21.63 33.12 -17.75
N ASN A 394 22.10 34.14 -18.48
CA ASN A 394 23.08 35.08 -17.94
C ASN A 394 22.40 36.04 -16.99
N PRO A 395 22.99 36.28 -15.81
CA PRO A 395 22.33 37.15 -14.84
C PRO A 395 22.39 38.63 -15.26
N LYS A 396 21.24 39.15 -15.69
CA LYS A 396 21.10 40.53 -16.18
C LYS A 396 19.70 41.02 -15.91
N GLY A 397 19.53 42.34 -15.97
CA GLY A 397 18.23 42.95 -15.85
C GLY A 397 17.61 42.78 -14.47
N ASN A 398 16.31 42.49 -14.45
CA ASN A 398 15.57 42.31 -13.22
C ASN A 398 15.16 40.84 -13.06
N ILE A 399 15.69 40.20 -12.03
CA ILE A 399 15.43 38.78 -11.76
C ILE A 399 14.55 38.75 -10.53
N ALA A 400 13.32 38.27 -10.68
CA ALA A 400 12.41 38.12 -9.54
C ALA A 400 12.67 36.78 -8.87
N VAL A 401 12.67 36.79 -7.53
CA VAL A 401 12.70 35.55 -6.76
C VAL A 401 11.52 35.64 -5.82
N ILE A 402 10.54 34.74 -6.03
CA ILE A 402 9.24 34.84 -5.39
C ILE A 402 8.83 33.50 -4.78
N GLY A 403 8.26 33.53 -3.58
CA GLY A 403 7.69 32.33 -2.96
C GLY A 403 8.14 32.20 -1.52
N PRO A 404 7.47 31.34 -0.75
CA PRO A 404 7.83 31.16 0.64
C PRO A 404 9.20 30.50 0.87
N LEU A 405 9.78 29.86 -0.16
CA LEU A 405 11.14 29.31 -0.07
C LEU A 405 12.20 30.25 -0.69
N ALA A 406 11.79 31.46 -1.09
CA ALA A 406 12.70 32.42 -1.73
C ALA A 406 13.66 33.08 -0.75
N ASP A 407 13.15 33.39 0.46
CA ASP A 407 13.94 34.10 1.47
C ASP A 407 13.84 33.45 2.84
N SER A 408 14.19 32.17 2.92
CA SER A 408 14.27 31.47 4.20
C SER A 408 15.65 30.85 4.34
N ARG A 409 16.42 31.37 5.29
CA ARG A 409 17.71 30.76 5.60
C ARG A 409 17.55 29.37 6.21
N THR A 410 16.65 29.28 7.17
CA THR A 410 16.57 28.11 8.05
C THR A 410 16.00 26.88 7.35
N ASN A 411 15.27 27.07 6.27
CA ASN A 411 14.78 25.94 5.47
C ASN A 411 15.75 25.45 4.39
N MET A 412 16.91 26.07 4.23
CA MET A 412 17.86 25.63 3.18
C MET A 412 18.57 24.31 3.47
N PRO A 413 19.06 24.10 4.72
CA PRO A 413 19.87 22.88 4.93
C PRO A 413 19.10 21.56 4.78
N GLY A 414 17.79 21.59 5.06
CA GLY A 414 16.95 20.42 4.99
C GLY A 414 16.73 19.83 6.38
N THR A 415 15.85 18.83 6.42
CA THR A 415 15.58 18.12 7.68
C THR A 415 16.84 17.39 8.12
N TRP A 416 16.89 16.99 9.40
CA TRP A 416 18.03 16.27 9.96
C TRP A 416 19.35 17.05 9.77
N SER A 417 19.33 18.28 10.28
CA SER A 417 20.49 19.16 10.31
C SER A 417 20.63 19.66 11.76
N VAL A 418 20.71 18.73 12.70
CA VAL A 418 20.54 19.08 14.12
C VAL A 418 21.70 19.87 14.73
N ALA A 419 22.86 19.81 14.08
CA ALA A 419 24.04 20.53 14.55
C ALA A 419 24.35 21.78 13.74
N ALA A 420 23.57 22.03 12.68
CA ALA A 420 23.78 23.17 11.80
C ALA A 420 23.38 24.45 12.53
N VAL A 421 23.97 25.57 12.12
CA VAL A 421 23.53 26.90 12.55
C VAL A 421 22.57 27.36 11.45
N LEU A 422 21.28 27.13 11.68
CA LEU A 422 20.27 27.28 10.62
C LEU A 422 20.20 28.70 10.07
N ASP A 423 20.31 29.68 10.97
CA ASP A 423 20.20 31.10 10.62
C ASP A 423 21.44 31.69 9.97
N ARG A 424 22.49 30.88 9.79
CA ARG A 424 23.72 31.31 9.12
C ARG A 424 23.73 30.98 7.61
N CYS A 425 22.86 30.06 7.17
CA CYS A 425 22.80 29.68 5.76
C CYS A 425 22.20 30.81 4.95
N PRO A 426 22.82 31.18 3.81
CA PRO A 426 22.20 32.25 3.02
C PRO A 426 20.88 31.79 2.43
N SER A 427 19.88 32.67 2.40
CA SER A 427 18.64 32.38 1.70
C SER A 427 18.89 32.43 0.19
N LEU A 428 17.93 31.95 -0.59
CA LEU A 428 18.11 31.96 -2.03
C LEU A 428 18.27 33.39 -2.56
N VAL A 429 17.44 34.32 -2.09
CA VAL A 429 17.56 35.73 -2.49
C VAL A 429 18.94 36.27 -2.13
N GLU A 430 19.38 36.00 -0.91
CA GLU A 430 20.71 36.44 -0.43
C GLU A 430 21.84 35.90 -1.31
N GLY A 431 21.80 34.60 -1.59
CA GLY A 431 22.78 33.97 -2.45
C GLY A 431 22.81 34.55 -3.86
N LEU A 432 21.64 34.69 -4.46
CA LEU A 432 21.57 35.23 -5.82
C LEU A 432 21.98 36.71 -5.88
N LYS A 433 21.67 37.45 -4.81
CA LYS A 433 22.11 38.85 -4.71
C LYS A 433 23.63 38.96 -4.70
N GLU A 434 24.28 38.16 -3.85
CA GLU A 434 25.75 38.10 -3.82
C GLU A 434 26.34 37.76 -5.17
N MET A 435 25.78 36.74 -5.81
CA MET A 435 26.30 36.23 -7.08
C MET A 435 26.11 37.17 -8.27
N THR A 436 25.14 38.08 -8.19
CA THR A 436 24.80 38.96 -9.31
C THR A 436 25.10 40.42 -9.03
N ALA A 437 25.81 40.73 -7.94
CA ALA A 437 26.07 42.12 -7.55
C ALA A 437 26.73 42.88 -8.70
N GLY A 438 26.08 43.96 -9.14
CA GLY A 438 26.56 44.76 -10.27
C GLY A 438 26.13 44.30 -11.66
N LYS A 439 25.53 43.12 -11.77
CA LYS A 439 25.04 42.60 -13.06
C LYS A 439 23.51 42.60 -13.19
N ALA A 440 22.80 42.40 -12.08
CA ALA A 440 21.35 42.24 -12.10
C ALA A 440 20.75 42.74 -10.82
N ASN A 441 19.48 43.13 -10.87
CA ASN A 441 18.72 43.48 -9.69
C ASN A 441 17.89 42.28 -9.28
N ILE A 442 18.03 41.85 -8.03
CA ILE A 442 17.21 40.76 -7.50
C ILE A 442 16.00 41.40 -6.84
N LEU A 443 14.83 41.14 -7.42
CA LEU A 443 13.57 41.63 -6.90
C LEU A 443 12.94 40.50 -6.11
N TYR A 444 12.23 40.85 -5.04
CA TYR A 444 11.70 39.87 -4.12
C TYR A 444 10.26 40.13 -3.69
N ALA A 445 9.48 39.07 -3.63
CA ALA A 445 8.23 39.06 -2.88
C ALA A 445 7.99 37.68 -2.32
N LYS A 446 7.49 37.62 -1.10
CA LYS A 446 7.15 36.34 -0.50
C LYS A 446 6.08 35.61 -1.31
N GLY A 447 5.06 36.33 -1.72
CA GLY A 447 4.07 35.81 -2.67
C GLY A 447 2.95 35.00 -2.06
N SER A 448 3.30 34.02 -1.21
CA SER A 448 2.31 33.26 -0.47
C SER A 448 2.92 32.72 0.80
N ASN A 449 2.04 32.30 1.71
CA ASN A 449 2.44 31.46 2.83
C ASN A 449 2.82 30.06 2.34
N LEU A 450 3.27 29.21 3.25
CA LEU A 450 3.61 27.83 2.90
C LEU A 450 2.38 27.05 2.45
N ILE A 451 1.28 27.23 3.19
CA ILE A 451 0.04 26.51 2.99
C ILE A 451 -1.08 27.35 3.64
N SER A 452 -2.30 27.21 3.15
CA SER A 452 -3.40 28.04 3.63
C SER A 452 -3.62 27.90 5.15
N ASP A 453 -3.56 26.67 5.64
CA ASP A 453 -3.81 26.38 7.05
C ASP A 453 -2.63 26.77 7.95
N ALA A 454 -2.85 27.74 8.84
CA ALA A 454 -1.78 28.26 9.72
C ALA A 454 -1.27 27.20 10.69
N SER A 455 -2.17 26.36 11.20
CA SER A 455 -1.78 25.28 12.11
C SER A 455 -0.86 24.25 11.42
N TYR A 456 -1.18 23.90 10.18
CA TYR A 456 -0.28 23.08 9.36
C TYR A 456 1.07 23.76 9.20
N GLU A 457 1.07 25.03 8.80
CA GLU A 457 2.34 25.73 8.61
C GLU A 457 3.21 25.69 9.87
N GLU A 458 2.58 25.87 11.04
CA GLU A 458 3.30 25.82 12.31
C GLU A 458 4.01 24.47 12.51
N ARG A 459 3.28 23.36 12.38
CA ARG A 459 3.92 22.04 12.55
C ARG A 459 4.94 21.72 11.45
N ALA A 460 4.71 22.25 10.25
CA ALA A 460 5.62 22.08 9.11
C ALA A 460 6.95 22.85 9.22
N THR A 461 6.98 23.85 10.10
CA THR A 461 8.14 24.73 10.28
C THR A 461 8.67 24.68 11.71
N MET A 462 8.42 23.57 12.41
CA MET A 462 8.98 23.35 13.75
C MET A 462 10.51 23.17 13.68
N PHE A 463 11.15 23.02 14.84
CA PHE A 463 12.60 22.92 14.95
C PHE A 463 13.34 24.16 14.38
N GLY A 464 12.73 25.34 14.56
CA GLY A 464 13.36 26.60 14.17
C GLY A 464 13.33 26.93 12.69
N ARG A 465 12.35 26.38 11.97
CA ARG A 465 12.18 26.64 10.54
C ARG A 465 11.05 27.61 10.19
N SER A 466 10.63 28.44 11.14
CA SER A 466 9.54 29.38 10.87
C SER A 466 9.82 30.21 9.61
N LEU A 467 8.78 30.40 8.79
CA LEU A 467 8.85 31.32 7.66
C LEU A 467 8.39 32.72 8.04
N ASN A 468 8.21 32.96 9.34
CA ASN A 468 7.78 34.25 9.85
C ASN A 468 6.47 34.68 9.24
N ARG A 469 5.54 33.73 9.17
CA ARG A 469 4.19 34.00 8.69
C ARG A 469 3.60 35.14 9.51
N ASP A 470 3.03 36.12 8.82
CA ASP A 470 2.44 37.31 9.44
C ASP A 470 0.94 37.31 9.20
N ASN A 471 0.25 38.42 9.53
CA ASN A 471 -1.19 38.52 9.33
C ASN A 471 -1.61 39.25 8.07
N ARG A 472 -0.67 39.38 7.12
CA ARG A 472 -1.01 39.82 5.79
C ARG A 472 -2.01 38.88 5.14
N THR A 473 -2.90 39.47 4.36
CA THR A 473 -3.90 38.70 3.62
C THR A 473 -3.20 38.04 2.44
N ASP A 474 -3.79 36.97 1.94
CA ASP A 474 -3.28 36.33 0.71
C ASP A 474 -3.23 37.33 -0.44
N GLU A 475 -4.22 38.21 -0.48
CA GLU A 475 -4.30 39.31 -1.45
C GLU A 475 -3.09 40.25 -1.35
N GLN A 476 -2.74 40.67 -0.13
CA GLN A 476 -1.53 41.49 0.08
C GLN A 476 -0.31 40.76 -0.48
N LEU A 477 -0.17 39.49 -0.11
CA LEU A 477 0.99 38.71 -0.53
C LEU A 477 1.04 38.59 -2.04
N LEU A 478 -0.09 38.20 -2.65
CA LEU A 478 -0.13 38.00 -4.08
C LEU A 478 0.09 39.29 -4.86
N ASN A 479 -0.59 40.37 -4.48
CA ASN A 479 -0.45 41.65 -5.18
C ASN A 479 0.99 42.18 -5.20
N GLU A 480 1.66 42.07 -4.07
CA GLU A 480 3.07 42.47 -4.00
C GLU A 480 3.92 41.63 -4.98
N ALA A 481 3.67 40.32 -5.04
CA ALA A 481 4.39 39.45 -5.96
C ALA A 481 4.13 39.79 -7.44
N LEU A 482 2.88 40.13 -7.75
CA LEU A 482 2.52 40.47 -9.14
C LEU A 482 3.12 41.81 -9.59
N THR A 483 3.21 42.77 -8.67
CA THR A 483 3.90 44.03 -8.95
C THR A 483 5.39 43.74 -9.26
N VAL A 484 6.01 42.85 -8.50
CA VAL A 484 7.38 42.40 -8.82
C VAL A 484 7.44 41.69 -10.18
N ALA A 485 6.56 40.72 -10.39
CA ALA A 485 6.61 39.87 -11.59
C ALA A 485 6.51 40.71 -12.85
N ASN A 486 5.56 41.64 -12.88
CA ASN A 486 5.34 42.45 -14.07
C ASN A 486 6.46 43.47 -14.41
N GLN A 487 7.39 43.70 -13.49
CA GLN A 487 8.64 44.45 -13.76
C GLN A 487 9.86 43.61 -14.11
N SER A 488 9.74 42.27 -14.05
CA SER A 488 10.93 41.40 -14.10
C SER A 488 11.14 40.81 -15.49
N ASP A 489 12.38 40.46 -15.79
CA ASP A 489 12.71 39.79 -17.06
C ASP A 489 12.55 38.27 -16.97
N ILE A 490 12.70 37.73 -15.76
CA ILE A 490 12.48 36.31 -15.50
C ILE A 490 12.05 36.17 -14.04
N ILE A 491 11.27 35.12 -13.77
CA ILE A 491 10.75 34.86 -12.43
C ILE A 491 11.28 33.51 -11.96
N ILE A 492 11.97 33.52 -10.82
CA ILE A 492 12.38 32.30 -10.13
C ILE A 492 11.33 32.05 -9.06
N ALA A 493 10.46 31.04 -9.29
CA ALA A 493 9.42 30.66 -8.35
C ALA A 493 10.01 29.63 -7.40
N ALA A 494 10.29 30.06 -6.18
CA ALA A 494 10.94 29.21 -5.18
C ALA A 494 9.85 28.63 -4.30
N LEU A 495 9.40 27.42 -4.66
CA LEU A 495 8.21 26.80 -4.07
C LEU A 495 8.50 25.37 -3.68
N GLY A 496 7.61 24.83 -2.86
CA GLY A 496 7.54 23.41 -2.54
C GLY A 496 7.35 23.18 -1.05
N GLU A 497 8.14 22.28 -0.50
CA GLU A 497 8.01 21.92 0.91
C GLU A 497 8.88 22.81 1.76
N SER A 498 8.47 23.00 3.02
CA SER A 498 9.38 23.41 4.09
C SER A 498 10.18 22.17 4.47
N SER A 499 11.33 22.33 5.13
CA SER A 499 12.19 21.17 5.35
C SER A 499 11.55 20.14 6.28
N GLU A 500 10.75 20.60 7.25
CA GLU A 500 10.14 19.68 8.22
C GLU A 500 8.77 19.12 7.79
N MET A 501 8.41 19.36 6.53
CA MET A 501 7.39 18.53 5.87
C MET A 501 7.92 17.14 5.54
N SER A 502 9.24 16.93 5.64
CA SER A 502 9.82 15.59 5.55
C SER A 502 10.65 15.32 6.81
N GLY A 503 11.43 14.24 6.80
CA GLY A 503 12.09 13.75 8.01
C GLY A 503 11.19 12.82 8.80
N GLU A 504 11.49 12.70 10.09
CA GLU A 504 10.80 11.75 10.95
C GLU A 504 9.45 12.31 11.37
N SER A 505 8.45 11.43 11.45
CA SER A 505 7.10 11.80 11.85
C SER A 505 6.56 12.96 10.99
N SER A 506 6.83 12.89 9.68
CA SER A 506 6.39 13.87 8.71
C SER A 506 5.85 13.14 7.48
N SER A 507 4.71 12.50 7.67
CA SER A 507 4.07 11.76 6.59
C SER A 507 2.95 12.63 6.01
N ARG A 508 2.79 12.56 4.68
CA ARG A 508 1.78 13.33 3.97
C ARG A 508 0.87 12.38 3.19
N THR A 509 -0.42 12.67 3.20
CA THR A 509 -1.43 11.95 2.40
C THR A 509 -1.69 12.59 1.03
N ASP A 510 -1.33 13.85 0.84
N ASP A 510 -1.30 13.86 0.88
CA ASP A 510 -1.31 14.43 -0.50
CA ASP A 510 -1.31 14.59 -0.39
C ASP A 510 0.09 14.98 -0.72
C ASP A 510 0.12 15.00 -0.70
N LEU A 511 0.54 14.88 -1.96
CA LEU A 511 1.92 15.17 -2.34
C LEU A 511 2.06 16.31 -3.34
N ASN A 512 1.10 17.23 -3.32
CA ASN A 512 1.14 18.42 -4.19
C ASN A 512 2.03 19.48 -3.59
N ILE A 513 2.43 20.41 -4.45
CA ILE A 513 2.85 21.72 -3.98
C ILE A 513 1.63 22.30 -3.26
N PRO A 514 1.80 22.77 -2.00
CA PRO A 514 0.64 23.24 -1.23
C PRO A 514 -0.23 24.32 -1.90
N ASP A 515 -1.53 24.29 -1.56
CA ASP A 515 -2.58 25.10 -2.20
C ASP A 515 -2.20 26.55 -2.57
N VAL A 516 -1.85 27.35 -1.58
CA VAL A 516 -1.56 28.78 -1.85
C VAL A 516 -0.32 29.02 -2.72
N GLN A 517 0.65 28.11 -2.65
CA GLN A 517 1.83 28.18 -3.50
C GLN A 517 1.51 27.81 -4.94
N GLN A 518 0.66 26.80 -5.13
CA GLN A 518 0.26 26.45 -6.49
C GLN A 518 -0.61 27.56 -7.08
N ASN A 519 -1.47 28.18 -6.28
CA ASN A 519 -2.21 29.35 -6.74
C ASN A 519 -1.28 30.50 -7.13
N LEU A 520 -0.26 30.75 -6.31
CA LEU A 520 0.78 31.73 -6.64
C LEU A 520 1.46 31.39 -7.96
N LEU A 521 1.83 30.12 -8.14
CA LEU A 521 2.48 29.69 -9.37
C LEU A 521 1.59 29.97 -10.60
N LYS A 522 0.31 29.65 -10.49
CA LYS A 522 -0.66 29.91 -11.57
C LYS A 522 -0.68 31.39 -11.95
N GLU A 523 -0.75 32.24 -10.93
CA GLU A 523 -0.79 33.69 -11.14
C GLU A 523 0.49 34.25 -11.77
N LEU A 524 1.63 33.71 -11.35
CA LEU A 524 2.91 34.09 -11.93
C LEU A 524 2.97 33.69 -13.40
N LEU A 525 2.49 32.49 -13.72
CA LEU A 525 2.44 32.03 -15.11
C LEU A 525 1.52 32.91 -15.97
N LYS A 526 0.41 33.35 -15.39
CA LYS A 526 -0.52 34.25 -16.07
C LYS A 526 0.04 35.62 -16.43
N THR A 527 1.10 36.09 -15.74
CA THR A 527 1.72 37.37 -16.12
C THR A 527 2.30 37.35 -17.55
N GLY A 528 2.67 36.16 -18.02
CA GLY A 528 3.27 36.00 -19.35
C GLY A 528 4.78 36.13 -19.33
N LYS A 529 5.35 36.43 -18.16
CA LYS A 529 6.79 36.45 -17.98
C LYS A 529 7.33 35.04 -17.88
N PRO A 530 8.59 34.81 -18.28
CA PRO A 530 9.13 33.45 -18.17
C PRO A 530 9.29 33.01 -16.70
N VAL A 531 8.85 31.79 -16.39
CA VAL A 531 8.83 31.29 -15.03
C VAL A 531 9.66 30.03 -14.95
N VAL A 532 10.60 30.03 -14.00
CA VAL A 532 11.37 28.84 -13.63
C VAL A 532 10.91 28.40 -12.23
N LEU A 533 10.41 27.18 -12.13
CA LEU A 533 10.09 26.57 -10.84
C LEU A 533 11.37 25.97 -10.26
N VAL A 534 11.84 26.54 -9.15
CA VAL A 534 12.94 25.98 -8.38
C VAL A 534 12.24 25.28 -7.22
N LEU A 535 12.21 23.95 -7.29
CA LEU A 535 11.38 23.14 -6.43
C LEU A 535 12.16 22.58 -5.24
N PHE A 536 11.74 22.97 -4.04
CA PHE A 536 12.28 22.45 -2.80
C PHE A 536 11.39 21.31 -2.32
N THR A 537 11.99 20.16 -2.04
CA THR A 537 11.24 19.00 -1.55
C THR A 537 12.13 17.95 -0.91
N GLY A 538 11.55 17.19 0.00
CA GLY A 538 12.24 16.06 0.65
C GLY A 538 11.74 14.73 0.15
N ARG A 539 10.90 14.74 -0.87
CA ARG A 539 10.19 13.55 -1.36
C ARG A 539 9.69 13.74 -2.79
N PRO A 540 9.37 12.64 -3.49
CA PRO A 540 8.60 12.79 -4.71
C PRO A 540 7.30 13.54 -4.43
N LEU A 541 6.95 14.43 -5.36
CA LEU A 541 5.69 15.14 -5.35
C LEU A 541 4.91 14.78 -6.61
N THR A 542 3.61 15.01 -6.57
CA THR A 542 2.73 14.80 -7.70
C THR A 542 2.65 16.09 -8.53
N LEU A 543 3.36 16.09 -9.67
CA LEU A 543 3.66 17.32 -10.40
C LEU A 543 3.10 17.35 -11.83
N THR A 544 1.99 16.66 -12.10
CA THR A 544 1.48 16.62 -13.47
C THR A 544 1.07 18.01 -13.98
N TRP A 545 0.43 18.81 -13.13
CA TRP A 545 0.02 20.15 -13.53
C TRP A 545 1.26 20.99 -13.89
N GLU A 546 2.27 20.94 -13.03
CA GLU A 546 3.48 21.75 -13.21
C GLU A 546 4.23 21.32 -14.48
N GLN A 547 4.28 20.01 -14.73
CA GLN A 547 4.91 19.48 -15.96
C GLN A 547 4.18 19.95 -17.23
N GLU A 548 2.87 20.10 -17.16
CA GLU A 548 2.08 20.60 -18.28
C GLU A 548 2.26 22.12 -18.48
N HIS A 549 2.41 22.89 -17.41
CA HIS A 549 2.29 24.35 -17.50
C HIS A 549 3.54 25.22 -17.27
N VAL A 550 4.55 24.71 -16.55
CA VAL A 550 5.75 25.50 -16.25
C VAL A 550 6.83 25.15 -17.27
N PRO A 551 7.48 26.15 -17.90
CA PRO A 551 8.50 25.79 -18.92
C PRO A 551 9.72 25.06 -18.40
N ALA A 552 10.20 25.45 -17.21
CA ALA A 552 11.41 24.89 -16.62
C ALA A 552 11.18 24.53 -15.16
N ILE A 553 11.60 23.33 -14.79
CA ILE A 553 11.44 22.80 -13.44
C ILE A 553 12.79 22.22 -13.01
N LEU A 554 13.37 22.81 -11.97
CA LEU A 554 14.61 22.31 -11.37
C LEU A 554 14.30 21.84 -9.95
N ASN A 555 14.48 20.54 -9.72
CA ASN A 555 14.33 19.96 -8.41
C ASN A 555 15.65 20.14 -7.67
N VAL A 556 15.63 20.97 -6.64
CA VAL A 556 16.82 21.24 -5.83
C VAL A 556 16.79 20.52 -4.48
N TRP A 557 15.80 19.64 -4.28
CA TRP A 557 15.65 18.92 -3.03
C TRP A 557 15.79 19.89 -1.85
N PHE A 558 16.69 19.60 -0.91
CA PHE A 558 17.22 20.61 0.02
C PHE A 558 18.72 20.46 -0.09
N GLY A 559 19.38 21.49 -0.62
CA GLY A 559 20.78 21.40 -1.04
C GLY A 559 21.81 21.55 0.06
N GLY A 560 21.40 21.91 1.27
CA GLY A 560 22.33 22.10 2.38
C GLY A 560 22.58 23.58 2.64
N SER A 561 23.65 23.85 3.38
CA SER A 561 23.91 25.19 3.89
C SER A 561 24.34 26.14 2.77
N GLU A 562 24.89 25.59 1.68
CA GLU A 562 25.32 26.36 0.52
C GLU A 562 24.37 26.21 -0.67
N ALA A 563 23.15 25.76 -0.41
CA ALA A 563 22.16 25.53 -1.47
C ALA A 563 21.93 26.76 -2.36
N ALA A 564 21.84 27.95 -1.75
CA ALA A 564 21.58 29.18 -2.52
C ALA A 564 22.62 29.42 -3.58
N TYR A 565 23.89 29.19 -3.23
CA TYR A 565 24.99 29.37 -4.18
C TYR A 565 24.97 28.32 -5.28
N ALA A 566 24.74 27.08 -4.89
CA ALA A 566 24.62 26.00 -5.84
C ALA A 566 23.47 26.23 -6.82
N ILE A 567 22.35 26.77 -6.32
CA ILE A 567 21.21 27.06 -7.18
C ILE A 567 21.58 28.14 -8.20
N GLY A 568 22.26 29.18 -7.73
CA GLY A 568 22.82 30.19 -8.63
C GLY A 568 23.72 29.57 -9.70
N ASP A 569 24.60 28.66 -9.30
CA ASP A 569 25.49 27.94 -10.24
C ASP A 569 24.74 27.23 -11.37
N ALA A 570 23.64 26.57 -11.02
CA ALA A 570 22.80 25.87 -12.01
C ALA A 570 22.05 26.87 -12.90
N LEU A 571 21.40 27.85 -12.28
CA LEU A 571 20.59 28.82 -13.03
C LEU A 571 21.42 29.61 -14.06
N PHE A 572 22.63 29.97 -13.68
CA PHE A 572 23.48 30.81 -14.53
C PHE A 572 24.40 30.00 -15.44
N GLY A 573 24.37 28.67 -15.33
CA GLY A 573 25.13 27.81 -16.21
C GLY A 573 26.59 27.63 -15.86
N TYR A 574 26.96 27.87 -14.61
CA TYR A 574 28.29 27.54 -14.10
C TYR A 574 28.41 26.01 -13.88
N VAL A 575 27.28 25.36 -13.59
CA VAL A 575 27.19 23.91 -13.52
C VAL A 575 26.04 23.47 -14.41
N ASN A 576 26.27 22.43 -15.20
CA ASN A 576 25.23 21.80 -16.00
C ASN A 576 24.59 20.70 -15.15
N PRO A 577 23.28 20.83 -14.83
CA PRO A 577 22.65 19.77 -14.04
C PRO A 577 22.83 18.36 -14.64
N GLY A 578 23.14 17.40 -13.79
CA GLY A 578 23.27 16.00 -14.19
C GLY A 578 22.68 15.00 -13.23
N GLY A 579 21.86 15.46 -12.29
CA GLY A 579 21.20 14.56 -11.35
C GLY A 579 20.20 13.66 -12.04
N LYS A 580 20.05 12.45 -11.50
CA LYS A 580 19.04 11.49 -11.97
C LYS A 580 18.24 10.99 -10.76
N LEU A 581 16.92 10.94 -10.92
CA LEU A 581 16.04 10.49 -9.83
C LEU A 581 16.39 9.09 -9.33
N THR A 582 16.30 8.90 -8.02
CA THR A 582 16.47 7.58 -7.40
C THR A 582 15.15 7.05 -6.81
N MET A 583 14.05 7.79 -6.99
CA MET A 583 12.73 7.35 -6.56
C MET A 583 11.71 7.86 -7.56
N SER A 584 10.77 6.99 -7.94
CA SER A 584 9.73 7.29 -8.90
C SER A 584 8.84 8.42 -8.42
N PHE A 585 8.43 9.31 -9.34
CA PHE A 585 7.49 10.40 -9.04
C PHE A 585 6.11 10.00 -9.59
N PRO A 586 5.16 9.66 -8.70
CA PRO A 586 3.85 9.26 -9.20
C PRO A 586 3.02 10.42 -9.75
N LYS A 587 2.08 10.09 -10.63
CA LYS A 587 1.11 11.07 -11.12
C LYS A 587 0.09 11.39 -10.04
N ASN A 588 -0.27 10.41 -9.21
CA ASN A 588 -1.13 10.66 -8.06
C ASN A 588 -0.89 9.65 -6.95
N VAL A 589 -1.37 9.97 -5.76
N VAL A 589 -1.36 9.96 -5.74
CA VAL A 589 -1.20 9.14 -4.57
CA VAL A 589 -1.14 9.09 -4.58
C VAL A 589 -1.89 7.77 -4.68
C VAL A 589 -1.88 7.74 -4.67
N GLY A 590 -2.95 7.71 -5.46
CA GLY A 590 -3.66 6.45 -5.75
C GLY A 590 -2.90 5.42 -6.56
N GLN A 591 -1.80 5.81 -7.21
CA GLN A 591 -0.87 4.86 -7.84
C GLN A 591 0.12 4.19 -6.90
N ILE A 592 0.24 4.66 -5.65
CA ILE A 592 1.27 4.17 -4.74
C ILE A 592 0.97 2.70 -4.38
N PRO A 593 1.96 1.80 -4.45
CA PRO A 593 3.38 2.07 -4.71
C PRO A 593 3.75 1.93 -6.19
N LEU A 594 4.47 2.89 -6.74
CA LEU A 594 5.05 2.78 -8.07
C LEU A 594 6.53 2.60 -7.94
N TYR A 595 7.05 1.63 -8.65
CA TYR A 595 8.49 1.38 -8.64
C TYR A 595 8.86 0.67 -9.93
N TYR A 596 10.04 0.99 -10.45
CA TYR A 596 10.43 0.51 -11.78
C TYR A 596 10.64 -1.01 -11.80
N ALA A 597 11.13 -1.58 -10.70
CA ALA A 597 11.54 -3.00 -10.67
C ALA A 597 10.40 -3.91 -10.24
N HIS A 598 9.31 -3.82 -10.98
CA HIS A 598 8.06 -4.50 -10.66
C HIS A 598 7.92 -5.80 -11.45
N LYS A 599 7.04 -6.68 -10.97
CA LYS A 599 6.75 -7.95 -11.66
C LYS A 599 5.85 -7.67 -12.85
N ASN A 600 5.83 -8.58 -13.82
CA ASN A 600 5.06 -8.35 -15.04
C ASN A 600 3.55 -8.51 -14.83
N THR A 601 3.15 -9.32 -13.84
CA THR A 601 1.78 -9.85 -13.70
C THR A 601 1.43 -10.81 -14.85
N GLY A 602 0.30 -11.49 -14.70
CA GLY A 602 -0.23 -12.35 -15.75
C GLY A 602 -1.07 -11.61 -16.79
N ARG A 603 -1.39 -10.34 -16.55
CA ARG A 603 -2.18 -9.54 -17.48
C ARG A 603 -1.56 -8.15 -17.69
N PRO A 604 -0.30 -8.13 -18.16
CA PRO A 604 0.42 -6.86 -18.38
C PRO A 604 -0.26 -6.01 -19.43
N LEU A 605 -0.34 -4.71 -19.17
CA LEU A 605 -0.79 -3.74 -20.15
C LEU A 605 0.39 -3.45 -21.07
N ALA A 606 0.24 -3.75 -22.36
CA ALA A 606 1.31 -3.49 -23.33
C ALA A 606 1.52 -1.97 -23.51
N GLN A 607 2.72 -1.57 -23.91
CA GLN A 607 3.04 -0.14 -24.01
C GLN A 607 2.11 0.60 -24.97
N GLY A 608 1.65 1.77 -24.54
CA GLY A 608 0.73 2.60 -25.30
C GLY A 608 -0.69 2.08 -25.44
N LYS A 609 -1.09 1.05 -24.68
CA LYS A 609 -2.44 0.47 -24.79
C LYS A 609 -3.43 0.91 -23.72
N TRP A 610 -3.02 1.76 -22.78
CA TRP A 610 -3.96 2.28 -21.79
C TRP A 610 -5.09 3.01 -22.54
N PHE A 611 -6.38 2.78 -22.27
CA PHE A 611 -6.91 1.80 -21.31
C PHE A 611 -7.29 0.52 -22.05
N GLU A 612 -7.13 -0.63 -21.39
CA GLU A 612 -7.62 -1.88 -21.93
C GLU A 612 -8.28 -2.71 -20.84
N LYS A 613 -9.57 -3.03 -21.04
CA LYS A 613 -10.28 -3.89 -20.12
C LYS A 613 -9.64 -5.29 -20.06
N PHE A 614 -9.62 -5.87 -18.86
CA PHE A 614 -9.01 -7.19 -18.58
C PHE A 614 -7.47 -7.22 -18.61
N ARG A 615 -6.83 -6.05 -18.57
CA ARG A 615 -5.40 -5.92 -18.27
C ARG A 615 -5.23 -5.27 -16.90
N SER A 616 -4.03 -5.39 -16.35
CA SER A 616 -3.69 -4.76 -15.08
C SER A 616 -3.49 -3.27 -15.30
N ASN A 617 -4.56 -2.51 -15.11
CA ASN A 617 -4.54 -1.06 -15.31
C ASN A 617 -5.72 -0.40 -14.60
N TYR A 618 -5.65 0.91 -14.42
CA TYR A 618 -6.70 1.68 -13.75
C TYR A 618 -7.62 2.35 -14.77
N LEU A 619 -8.85 2.66 -14.32
CA LEU A 619 -9.83 3.39 -15.11
C LEU A 619 -9.46 4.85 -15.42
N ASP A 620 -8.69 5.48 -14.53
CA ASP A 620 -8.54 6.95 -14.51
C ASP A 620 -7.15 7.52 -14.76
N VAL A 621 -6.13 6.67 -14.84
CA VAL A 621 -4.77 7.10 -15.12
C VAL A 621 -4.03 5.85 -15.62
N ASP A 622 -2.99 6.05 -16.42
CA ASP A 622 -2.16 4.92 -16.87
C ASP A 622 -1.29 4.40 -15.72
N ASN A 623 -0.45 3.42 -16.00
CA ASN A 623 0.34 2.77 -14.94
C ASN A 623 1.63 3.49 -14.59
N GLU A 624 1.94 4.59 -15.28
CA GLU A 624 3.28 5.11 -15.30
C GLU A 624 3.49 6.26 -14.30
N PRO A 625 4.70 6.34 -13.73
CA PRO A 625 5.05 7.54 -12.99
C PRO A 625 5.18 8.74 -13.95
N LEU A 626 5.01 9.95 -13.44
CA LEU A 626 5.31 11.15 -14.22
C LEU A 626 6.78 11.14 -14.64
N TYR A 627 7.66 10.90 -13.68
CA TYR A 627 9.10 10.79 -13.95
C TYR A 627 9.61 9.45 -13.42
N PRO A 628 10.25 8.63 -14.28
CA PRO A 628 10.67 7.29 -13.83
C PRO A 628 11.97 7.32 -13.05
N PHE A 629 12.23 6.22 -12.34
CA PHE A 629 13.53 5.98 -11.75
C PHE A 629 14.63 6.27 -12.78
N GLY A 630 15.66 7.00 -12.38
CA GLY A 630 16.79 7.31 -13.26
C GLY A 630 16.58 8.48 -14.18
N TYR A 631 15.43 9.17 -14.07
CA TYR A 631 15.12 10.31 -14.92
C TYR A 631 15.91 11.54 -14.52
N GLY A 632 16.41 12.24 -15.53
CA GLY A 632 17.00 13.55 -15.33
C GLY A 632 17.52 14.12 -16.63
N LEU A 633 17.28 15.41 -16.82
CA LEU A 633 17.71 16.12 -18.03
C LEU A 633 19.03 16.86 -17.83
N SER A 634 19.52 17.46 -18.91
CA SER A 634 20.77 18.21 -18.92
C SER A 634 20.53 19.44 -19.79
N TYR A 635 21.46 20.39 -19.73
CA TYR A 635 21.49 21.47 -20.70
C TYR A 635 21.98 21.01 -22.08
N THR A 636 22.53 19.82 -22.16
CA THR A 636 22.83 19.18 -23.42
C THR A 636 21.95 17.94 -23.61
N THR A 637 22.12 17.28 -24.75
CA THR A 637 21.44 16.03 -25.07
C THR A 637 22.49 14.98 -25.36
N PHE A 638 22.14 13.73 -25.03
CA PHE A 638 23.01 12.56 -25.24
C PHE A 638 22.26 11.56 -26.09
N SER A 639 22.94 10.97 -27.07
CA SER A 639 22.35 9.90 -27.89
C SER A 639 23.11 8.60 -27.65
N TYR A 640 22.38 7.48 -27.79
CA TYR A 640 22.90 6.15 -27.51
C TYR A 640 22.84 5.34 -28.80
N GLY A 641 23.96 4.72 -29.17
CA GLY A 641 23.98 3.72 -30.25
C GLY A 641 23.42 2.39 -29.78
N ASP A 642 23.45 1.38 -30.65
CA ASP A 642 22.92 0.05 -30.30
C ASP A 642 23.89 -0.68 -29.39
N ILE A 643 23.39 -1.61 -28.59
CA ILE A 643 24.25 -2.34 -27.66
C ILE A 643 24.99 -3.45 -28.40
N ASP A 644 26.28 -3.54 -28.10
CA ASP A 644 27.16 -4.59 -28.61
C ASP A 644 27.52 -5.50 -27.45
N LEU A 645 27.08 -6.75 -27.52
CA LEU A 645 27.45 -7.77 -26.54
C LEU A 645 28.63 -8.57 -27.09
N SER A 646 29.65 -8.75 -26.26
CA SER A 646 30.87 -9.47 -26.67
C SER A 646 30.63 -10.96 -26.95
N ARG A 647 29.56 -11.52 -26.39
CA ARG A 647 29.06 -12.84 -26.76
C ARG A 647 27.59 -13.00 -26.40
N SER A 648 26.93 -13.91 -27.10
CA SER A 648 25.50 -14.15 -26.96
C SER A 648 25.18 -15.29 -26.00
N THR A 649 26.17 -16.13 -25.69
CA THR A 649 25.97 -17.25 -24.77
C THR A 649 27.16 -17.39 -23.82
N ILE A 650 26.87 -17.48 -22.52
CA ILE A 650 27.89 -17.74 -21.49
C ILE A 650 27.37 -18.83 -20.57
N ASP A 651 28.28 -19.42 -19.79
CA ASP A 651 27.86 -20.32 -18.71
C ASP A 651 28.22 -19.71 -17.36
N MET A 652 27.99 -20.47 -16.29
CA MET A 652 28.22 -20.01 -14.94
C MET A 652 29.66 -19.60 -14.66
N THR A 653 30.61 -20.12 -15.45
CA THR A 653 32.03 -19.79 -15.31
C THR A 653 32.45 -18.57 -16.12
N GLY A 654 31.53 -17.99 -16.90
CA GLY A 654 31.88 -17.01 -17.92
C GLY A 654 31.61 -15.58 -17.53
N GLU A 655 31.78 -14.71 -18.52
CA GLU A 655 31.43 -13.30 -18.42
C GLU A 655 31.27 -12.78 -19.85
N LEU A 656 30.57 -11.65 -19.99
CA LEU A 656 30.53 -10.93 -21.25
C LEU A 656 30.57 -9.44 -20.96
N THR A 657 30.71 -8.65 -22.02
CA THR A 657 30.79 -7.20 -21.94
C THR A 657 29.65 -6.61 -22.77
N ALA A 658 28.89 -5.70 -22.16
CA ALA A 658 27.89 -4.93 -22.89
C ALA A 658 28.45 -3.53 -23.07
N ALA A 659 28.49 -3.07 -24.31
CA ALA A 659 29.12 -1.81 -24.67
C ALA A 659 28.17 -0.99 -25.51
N VAL A 660 28.17 0.32 -25.27
CA VAL A 660 27.33 1.24 -26.01
C VAL A 660 28.07 2.57 -26.20
N MET A 661 27.90 3.16 -27.37
CA MET A 661 28.47 4.46 -27.66
C MET A 661 27.49 5.56 -27.26
N VAL A 662 27.96 6.46 -26.41
CA VAL A 662 27.16 7.60 -25.96
C VAL A 662 27.78 8.87 -26.53
N THR A 663 26.99 9.68 -27.22
CA THR A 663 27.45 10.91 -27.85
C THR A 663 26.71 12.11 -27.30
N ASN A 664 27.46 13.14 -26.95
CA ASN A 664 26.93 14.46 -26.63
C ASN A 664 26.54 15.18 -27.92
N THR A 665 25.24 15.26 -28.18
CA THR A 665 24.69 15.80 -29.42
C THR A 665 24.18 17.25 -29.30
N GLY A 666 24.38 17.87 -28.14
CA GLY A 666 23.92 19.24 -27.91
C GLY A 666 25.07 20.22 -27.92
N THR A 667 24.84 21.39 -27.34
CA THR A 667 25.79 22.50 -27.38
C THR A 667 26.55 22.73 -26.07
N TRP A 668 26.28 21.92 -25.05
CA TRP A 668 26.83 22.14 -23.71
C TRP A 668 27.66 20.93 -23.27
N PRO A 669 28.83 21.18 -22.63
CA PRO A 669 29.48 20.05 -21.95
C PRO A 669 28.63 19.63 -20.75
N GLY A 670 28.62 18.34 -20.44
CA GLY A 670 27.86 17.88 -19.28
C GLY A 670 28.00 16.42 -18.97
N SER A 671 27.48 16.05 -17.80
CA SER A 671 27.52 14.67 -17.32
C SER A 671 26.26 13.91 -17.67
N GLU A 672 26.44 12.64 -18.04
CA GLU A 672 25.35 11.69 -18.24
C GLU A 672 25.55 10.48 -17.33
N VAL A 673 24.49 10.03 -16.66
CA VAL A 673 24.53 8.80 -15.90
C VAL A 673 23.98 7.69 -16.79
N VAL A 674 24.89 6.86 -17.28
CA VAL A 674 24.57 5.76 -18.17
C VAL A 674 24.20 4.59 -17.27
N GLN A 675 22.97 4.09 -17.41
CA GLN A 675 22.42 3.12 -16.47
C GLN A 675 22.25 1.75 -17.11
N LEU A 676 22.71 0.71 -16.41
CA LEU A 676 22.59 -0.67 -16.85
C LEU A 676 21.48 -1.38 -16.11
N TYR A 677 20.51 -1.89 -16.86
CA TYR A 677 19.43 -2.71 -16.33
C TYR A 677 19.46 -4.10 -16.94
N ILE A 678 19.12 -5.09 -16.12
CA ILE A 678 19.03 -6.49 -16.57
C ILE A 678 17.65 -7.03 -16.24
N ARG A 679 17.05 -7.73 -17.20
CA ARG A 679 15.85 -8.52 -16.98
C ARG A 679 16.17 -10.00 -17.15
N ASP A 680 15.89 -10.75 -16.10
CA ASP A 680 15.86 -12.20 -16.13
C ASP A 680 14.47 -12.60 -16.64
N LEU A 681 14.38 -13.04 -17.89
CA LEU A 681 13.07 -13.19 -18.57
C LEU A 681 12.17 -14.26 -17.98
N VAL A 682 12.75 -15.39 -17.58
CA VAL A 682 11.98 -16.51 -17.06
C VAL A 682 12.61 -16.95 -15.74
N GLY A 683 11.79 -17.20 -14.73
CA GLY A 683 12.30 -17.69 -13.44
C GLY A 683 11.43 -18.80 -12.90
N SER A 684 11.95 -19.54 -11.92
CA SER A 684 11.13 -20.48 -11.15
C SER A 684 10.13 -19.69 -10.28
N THR A 685 10.49 -18.45 -9.97
CA THR A 685 9.57 -17.45 -9.45
C THR A 685 9.58 -16.26 -10.40
N THR A 686 8.54 -15.42 -10.33
CA THR A 686 8.43 -14.26 -11.22
C THR A 686 9.53 -13.26 -10.89
N ARG A 687 10.09 -12.67 -11.93
CA ARG A 687 11.25 -11.80 -11.83
C ARG A 687 10.84 -10.40 -12.23
N PRO A 688 11.50 -9.37 -11.67
CA PRO A 688 11.17 -8.00 -12.08
C PRO A 688 11.42 -7.76 -13.57
N VAL A 689 10.68 -6.82 -14.16
CA VAL A 689 10.84 -6.46 -15.57
C VAL A 689 12.19 -5.81 -15.87
N LYS A 690 12.80 -5.22 -14.85
CA LYS A 690 14.22 -4.90 -14.86
C LYS A 690 14.74 -4.57 -13.47
N GLU A 691 16.06 -4.66 -13.34
CA GLU A 691 16.78 -4.30 -12.14
C GLU A 691 18.05 -3.58 -12.51
N LEU A 692 18.33 -2.47 -11.82
CA LEU A 692 19.59 -1.77 -11.97
C LEU A 692 20.73 -2.67 -11.51
N LYS A 693 21.71 -2.88 -12.39
CA LYS A 693 22.89 -3.69 -12.06
C LYS A 693 24.23 -3.00 -12.31
N GLY A 694 24.20 -1.75 -12.75
CA GLY A 694 25.41 -1.01 -12.94
C GLY A 694 25.09 0.40 -13.41
N PHE A 695 26.08 1.27 -13.32
CA PHE A 695 25.99 2.59 -13.93
C PHE A 695 27.37 3.18 -14.06
N GLN A 696 27.51 4.13 -14.96
CA GLN A 696 28.71 4.93 -15.09
C GLN A 696 28.33 6.35 -15.44
N LYS A 697 28.81 7.29 -14.64
CA LYS A 697 28.60 8.70 -14.87
C LYS A 697 29.78 9.21 -15.69
N ILE A 698 29.48 9.69 -16.90
CA ILE A 698 30.50 10.12 -17.85
C ILE A 698 30.32 11.61 -18.11
N PHE A 699 31.42 12.30 -18.40
CA PHE A 699 31.39 13.71 -18.76
C PHE A 699 31.86 13.85 -20.20
N LEU A 700 31.06 14.53 -21.01
CA LEU A 700 31.33 14.70 -22.43
C LEU A 700 31.23 16.17 -22.84
N GLU A 701 32.17 16.58 -23.68
CA GLU A 701 32.16 17.91 -24.30
C GLU A 701 31.19 17.81 -25.49
N PRO A 702 30.71 18.96 -26.01
CA PRO A 702 29.82 18.93 -27.18
C PRO A 702 30.44 18.17 -28.35
N GLY A 703 29.66 17.30 -28.98
CA GLY A 703 30.17 16.45 -30.08
C GLY A 703 30.97 15.23 -29.69
N GLN A 704 31.50 15.18 -28.46
CA GLN A 704 32.34 14.09 -27.99
C GLN A 704 31.54 12.78 -27.80
N SER A 705 32.23 11.65 -28.01
CA SER A 705 31.66 10.33 -27.80
C SER A 705 32.52 9.49 -26.87
N GLU A 706 31.91 8.48 -26.27
CA GLU A 706 32.61 7.53 -25.41
C GLU A 706 31.90 6.18 -25.47
N ILE A 707 32.67 5.09 -25.58
CA ILE A 707 32.11 3.75 -25.55
C ILE A 707 32.09 3.34 -24.07
N VAL A 708 30.88 3.16 -23.53
CA VAL A 708 30.71 2.77 -22.13
C VAL A 708 30.55 1.26 -22.08
N ARG A 709 31.39 0.59 -21.28
CA ARG A 709 31.39 -0.87 -21.19
C ARG A 709 31.04 -1.34 -19.80
N PHE A 710 30.13 -2.31 -19.74
CA PHE A 710 29.76 -2.98 -18.51
C PHE A 710 30.13 -4.45 -18.55
N LYS A 711 30.85 -4.92 -17.54
CA LYS A 711 31.08 -6.34 -17.35
C LYS A 711 29.81 -6.98 -16.78
N ILE A 712 29.34 -8.03 -17.44
CA ILE A 712 28.20 -8.81 -16.99
C ILE A 712 28.70 -10.22 -16.64
N ALA A 713 28.56 -10.60 -15.36
CA ALA A 713 28.94 -11.94 -14.90
C ALA A 713 27.75 -12.61 -14.20
N PRO A 714 27.73 -13.96 -14.22
CA PRO A 714 26.63 -14.70 -13.58
C PRO A 714 26.37 -14.36 -12.11
N GLU A 715 27.39 -13.97 -11.34
CA GLU A 715 27.17 -13.53 -9.96
C GLU A 715 26.22 -12.32 -9.83
N MET A 716 26.20 -11.44 -10.85
CA MET A 716 25.27 -10.30 -10.90
C MET A 716 23.82 -10.72 -11.22
N LEU A 717 23.65 -11.93 -11.75
CA LEU A 717 22.36 -12.45 -12.16
C LEU A 717 21.67 -13.30 -11.09
N ARG A 718 22.25 -13.37 -9.89
CA ARG A 718 21.67 -14.17 -8.81
C ARG A 718 20.54 -13.44 -8.13
N TYR A 719 19.60 -14.20 -7.59
CA TYR A 719 18.52 -13.66 -6.77
C TYR A 719 18.03 -14.76 -5.83
N TYR A 720 17.24 -14.39 -4.83
CA TYR A 720 16.70 -15.37 -3.89
C TYR A 720 15.49 -16.06 -4.48
N ASN A 721 15.59 -17.37 -4.70
CA ASN A 721 14.51 -18.17 -5.27
C ASN A 721 13.43 -18.47 -4.22
N TYR A 722 12.46 -19.31 -4.56
CA TYR A 722 11.34 -19.61 -3.64
C TYR A 722 11.80 -20.11 -2.27
N ASP A 723 12.86 -20.91 -2.26
CA ASP A 723 13.42 -21.47 -1.04
C ASP A 723 14.54 -20.59 -0.42
N LEU A 724 14.61 -19.32 -0.83
CA LEU A 724 15.61 -18.36 -0.35
C LEU A 724 17.05 -18.77 -0.61
N GLN A 725 17.28 -19.46 -1.71
CA GLN A 725 18.63 -19.81 -2.16
C GLN A 725 19.05 -18.73 -3.15
N LEU A 726 20.19 -18.10 -2.87
CA LEU A 726 20.77 -17.10 -3.77
C LEU A 726 21.41 -17.83 -4.94
N VAL A 727 20.71 -17.85 -6.06
CA VAL A 727 21.04 -18.68 -7.21
C VAL A 727 20.84 -17.88 -8.49
N ALA A 728 21.63 -18.18 -9.52
CA ALA A 728 21.33 -17.73 -10.89
C ALA A 728 20.80 -18.92 -11.64
N GLU A 729 19.72 -18.76 -12.40
CA GLU A 729 19.14 -19.87 -13.17
C GLU A 729 19.50 -19.73 -14.63
N PRO A 730 19.74 -20.85 -15.33
CA PRO A 730 19.98 -20.74 -16.77
C PRO A 730 18.75 -20.25 -17.50
N GLY A 731 18.96 -19.57 -18.62
CA GLY A 731 17.87 -19.02 -19.42
C GLY A 731 18.28 -17.73 -20.09
N GLU A 732 17.29 -17.05 -20.67
CA GLU A 732 17.50 -15.82 -21.42
C GLU A 732 17.53 -14.60 -20.52
N PHE A 733 18.42 -13.66 -20.84
CA PHE A 733 18.51 -12.39 -20.12
C PHE A 733 18.44 -11.25 -21.13
N GLU A 734 17.86 -10.13 -20.70
CA GLU A 734 17.82 -8.93 -21.52
C GLU A 734 18.67 -7.88 -20.83
N VAL A 735 19.57 -7.27 -21.60
CA VAL A 735 20.44 -6.22 -21.12
C VAL A 735 19.87 -4.93 -21.67
N MET A 736 19.69 -3.94 -20.79
CA MET A 736 19.18 -2.64 -21.18
C MET A 736 20.09 -1.54 -20.66
N ILE A 737 20.39 -0.58 -21.53
CA ILE A 737 21.24 0.54 -21.16
C ILE A 737 20.59 1.81 -21.67
N GLY A 738 20.58 2.84 -20.82
CA GLY A 738 19.96 4.09 -21.20
C GLY A 738 20.09 5.22 -20.19
N THR A 739 19.40 6.31 -20.53
CA THR A 739 19.46 7.60 -19.85
C THR A 739 18.52 7.66 -18.63
N ASN A 740 17.62 6.68 -18.54
CA ASN A 740 16.78 6.42 -17.37
C ASN A 740 16.24 4.99 -17.48
N SER A 741 15.44 4.55 -16.51
CA SER A 741 14.90 3.18 -16.50
C SER A 741 13.83 2.89 -17.56
N ARG A 742 13.26 3.95 -18.15
CA ARG A 742 12.20 3.83 -19.15
C ARG A 742 12.73 3.83 -20.58
N ASP A 743 13.71 4.69 -20.86
CA ASP A 743 14.20 4.95 -22.22
C ASP A 743 15.55 4.26 -22.43
N VAL A 744 15.49 3.05 -22.98
CA VAL A 744 16.66 2.16 -23.03
C VAL A 744 16.83 1.45 -24.37
N LYS A 745 18.08 1.10 -24.67
CA LYS A 745 18.42 0.15 -25.74
C LYS A 745 18.45 -1.25 -25.15
N SER A 746 18.20 -2.25 -25.98
CA SER A 746 18.11 -3.65 -25.53
C SER A 746 18.99 -4.60 -26.35
N ALA A 747 19.53 -5.60 -25.67
CA ALA A 747 20.20 -6.74 -26.30
C ALA A 747 19.95 -7.97 -25.43
N ARG A 748 20.03 -9.16 -26.04
CA ARG A 748 19.77 -10.42 -25.32
C ARG A 748 20.99 -11.32 -25.29
N PHE A 749 21.10 -12.12 -24.23
CA PHE A 749 22.09 -13.19 -24.13
C PHE A 749 21.49 -14.38 -23.39
N THR A 750 22.08 -15.55 -23.60
CA THR A 750 21.67 -16.79 -22.94
C THR A 750 22.70 -17.19 -21.87
N LEU A 751 22.23 -17.58 -20.69
CA LEU A 751 23.06 -18.21 -19.67
C LEU A 751 22.76 -19.71 -19.63
N LYS A 752 23.80 -20.54 -19.66
CA LYS A 752 23.67 -22.01 -19.52
C LYS A 752 24.43 -22.51 -18.29
N LEU A 753 24.13 -23.72 -17.82
CA LEU A 753 24.97 -24.36 -16.78
C LEU A 753 26.35 -24.67 -17.38
N GLU A 754 26.33 -25.16 -18.62
CA GLU A 754 27.54 -25.43 -19.40
C GLU A 754 27.23 -25.18 -20.88
N ASP B 9 -18.98 -47.58 -3.92
CA ASP B 9 -20.23 -47.11 -4.62
C ASP B 9 -19.87 -46.05 -5.68
N MET B 10 -19.57 -44.82 -5.25
CA MET B 10 -18.97 -43.83 -6.15
C MET B 10 -17.58 -44.29 -6.58
N ASP B 11 -16.77 -44.72 -5.62
CA ASP B 11 -15.39 -45.16 -5.88
C ASP B 11 -15.34 -46.26 -6.94
N ARG B 12 -16.20 -47.26 -6.80
CA ARG B 12 -16.28 -48.36 -7.77
C ARG B 12 -16.72 -47.88 -9.16
N PHE B 13 -17.76 -47.03 -9.20
CA PHE B 13 -18.23 -46.50 -10.48
C PHE B 13 -17.12 -45.76 -11.21
N ILE B 14 -16.43 -44.88 -10.50
CA ILE B 14 -15.38 -44.05 -11.11
C ILE B 14 -14.15 -44.90 -11.48
N ASP B 15 -13.79 -45.89 -10.65
CA ASP B 15 -12.74 -46.87 -11.03
C ASP B 15 -13.02 -47.49 -12.39
N ALA B 16 -14.23 -48.03 -12.54
CA ALA B 16 -14.64 -48.73 -13.77
C ALA B 16 -14.68 -47.81 -14.97
N LEU B 17 -15.20 -46.59 -14.80
CA LEU B 17 -15.21 -45.62 -15.90
C LEU B 17 -13.78 -45.27 -16.30
N MET B 18 -12.93 -44.99 -15.31
CA MET B 18 -11.55 -44.57 -15.58
C MET B 18 -10.65 -45.66 -16.18
N LYS B 19 -10.91 -46.93 -15.85
CA LYS B 19 -10.23 -48.06 -16.53
C LYS B 19 -10.44 -48.07 -18.05
N LYS B 20 -11.59 -47.57 -18.52
CA LYS B 20 -11.89 -47.52 -19.95
C LYS B 20 -11.27 -46.36 -20.71
N MET B 21 -10.82 -45.33 -19.99
CA MET B 21 -10.48 -44.06 -20.60
C MET B 21 -9.09 -44.07 -21.19
N THR B 22 -8.97 -43.50 -22.37
CA THR B 22 -7.66 -43.19 -22.94
C THR B 22 -7.04 -42.05 -22.13
N VAL B 23 -5.74 -41.85 -22.35
CA VAL B 23 -5.03 -40.70 -21.77
C VAL B 23 -5.66 -39.39 -22.25
N GLU B 24 -5.99 -39.32 -23.54
CA GLU B 24 -6.65 -38.16 -24.15
C GLU B 24 -8.00 -37.83 -23.51
N GLU B 25 -8.76 -38.86 -23.15
CA GLU B 25 -10.07 -38.70 -22.51
C GLU B 25 -9.97 -38.27 -21.04
N LYS B 26 -8.95 -38.75 -20.33
CA LYS B 26 -8.65 -38.28 -18.97
C LYS B 26 -8.27 -36.80 -18.99
N ILE B 27 -7.39 -36.44 -19.93
CA ILE B 27 -6.94 -35.06 -20.13
C ILE B 27 -8.14 -34.17 -20.51
N GLY B 28 -9.06 -34.72 -21.31
CA GLY B 28 -10.25 -33.99 -21.75
C GLY B 28 -11.20 -33.55 -20.65
N GLN B 29 -11.29 -34.35 -19.58
CA GLN B 29 -12.10 -34.01 -18.41
C GLN B 29 -11.61 -32.75 -17.68
N LEU B 30 -10.36 -32.40 -17.91
CA LEU B 30 -9.71 -31.26 -17.27
C LEU B 30 -9.83 -29.98 -18.11
N ASN B 31 -10.54 -30.03 -19.23
CA ASN B 31 -10.59 -28.93 -20.16
C ASN B 31 -11.94 -28.22 -20.06
N LEU B 32 -11.88 -26.90 -19.89
CA LEU B 32 -13.08 -26.06 -19.71
C LEU B 32 -13.00 -24.90 -20.70
N PRO B 33 -13.47 -25.13 -21.96
CA PRO B 33 -13.60 -24.01 -22.91
C PRO B 33 -14.79 -23.10 -22.60
N VAL B 34 -14.80 -21.93 -23.23
CA VAL B 34 -15.87 -20.93 -23.06
C VAL B 34 -16.74 -20.91 -24.31
N THR B 35 -18.00 -20.53 -24.15
CA THR B 35 -18.90 -20.29 -25.28
C THR B 35 -20.09 -19.41 -24.87
N GLY B 36 -20.97 -19.13 -25.83
CA GLY B 36 -22.17 -18.34 -25.58
C GLY B 36 -21.98 -16.85 -25.88
N GLU B 37 -22.96 -16.06 -25.46
CA GLU B 37 -22.98 -14.60 -25.69
C GLU B 37 -22.26 -13.83 -24.58
N ILE B 38 -22.24 -14.39 -23.36
CA ILE B 38 -21.63 -13.74 -22.21
C ILE B 38 -20.11 -13.69 -22.37
N THR B 39 -19.55 -12.50 -22.13
CA THR B 39 -18.13 -12.21 -22.30
C THR B 39 -17.53 -11.83 -20.94
N THR B 40 -16.59 -12.66 -20.45
CA THR B 40 -15.86 -12.39 -19.18
C THR B 40 -14.33 -12.43 -19.33
N GLY B 41 -13.84 -12.44 -20.57
CA GLY B 41 -12.41 -12.40 -20.84
C GLY B 41 -12.16 -12.23 -22.33
N GLN B 42 -10.88 -12.08 -22.68
CA GLN B 42 -10.49 -11.76 -24.07
C GLN B 42 -10.46 -12.99 -24.98
N ALA B 43 -9.84 -14.07 -24.52
CA ALA B 43 -9.65 -15.28 -25.35
C ALA B 43 -10.94 -16.10 -25.49
N LYS B 44 -11.25 -16.53 -26.70
CA LYS B 44 -12.47 -17.30 -27.00
C LYS B 44 -12.09 -18.70 -27.49
N SER B 45 -12.94 -19.69 -27.22
CA SER B 45 -12.72 -21.09 -27.62
C SER B 45 -13.40 -21.44 -28.95
N SER B 46 -12.72 -22.26 -29.76
CA SER B 46 -13.16 -22.61 -31.11
C SER B 46 -13.51 -24.10 -31.21
N ASP B 47 -14.36 -24.44 -32.18
CA ASP B 47 -14.54 -25.84 -32.64
C ASP B 47 -15.11 -26.78 -31.56
N ILE B 48 -16.07 -26.29 -30.77
CA ILE B 48 -16.55 -27.00 -29.56
C ILE B 48 -17.33 -28.27 -29.87
N ALA B 49 -18.13 -28.24 -30.95
CA ALA B 49 -18.89 -29.43 -31.39
C ALA B 49 -17.98 -30.65 -31.54
N ALA B 50 -16.89 -30.48 -32.28
CA ALA B 50 -15.92 -31.54 -32.53
C ALA B 50 -15.20 -32.02 -31.25
N LYS B 51 -14.85 -31.07 -30.38
CA LYS B 51 -14.12 -31.38 -29.14
C LYS B 51 -14.88 -32.28 -28.18
N ILE B 52 -16.19 -32.02 -28.05
CA ILE B 52 -17.09 -32.88 -27.28
C ILE B 52 -17.09 -34.29 -27.89
N LYS B 53 -17.13 -34.36 -29.22
CA LYS B 53 -17.13 -35.62 -29.99
C LYS B 53 -15.87 -36.43 -29.68
N ARG B 54 -14.71 -35.77 -29.73
CA ARG B 54 -13.41 -36.35 -29.35
C ARG B 54 -13.20 -36.63 -27.83
N GLY B 55 -14.18 -36.31 -26.98
CA GLY B 55 -14.06 -36.49 -25.53
C GLY B 55 -13.13 -35.50 -24.85
N GLU B 56 -12.91 -34.34 -25.48
CA GLU B 56 -11.94 -33.34 -24.99
C GLU B 56 -12.56 -32.19 -24.18
N VAL B 57 -13.78 -32.36 -23.67
CA VAL B 57 -14.48 -31.29 -22.94
C VAL B 57 -15.02 -31.81 -21.62
N GLY B 58 -14.55 -31.23 -20.52
CA GLY B 58 -15.03 -31.54 -19.18
C GLY B 58 -16.25 -30.73 -18.80
N GLY B 59 -16.32 -29.49 -19.28
CA GLY B 59 -17.45 -28.62 -19.02
C GLY B 59 -17.40 -27.41 -19.91
N LEU B 60 -18.43 -26.58 -19.85
CA LEU B 60 -18.44 -25.31 -20.56
C LEU B 60 -18.97 -24.23 -19.62
N PHE B 61 -18.71 -22.99 -19.97
CA PHE B 61 -19.29 -21.88 -19.24
C PHE B 61 -19.63 -20.69 -20.13
N ASN B 62 -20.53 -19.85 -19.59
CA ASN B 62 -21.10 -18.67 -20.24
C ASN B 62 -22.20 -18.94 -21.27
N LEU B 63 -22.66 -20.18 -21.35
CA LEU B 63 -23.81 -20.51 -22.19
C LEU B 63 -25.09 -20.34 -21.37
N LYS B 64 -26.01 -19.54 -21.88
CA LYS B 64 -27.29 -19.28 -21.23
C LYS B 64 -28.46 -19.90 -21.98
N GLY B 65 -29.33 -20.60 -21.25
CA GLY B 65 -30.62 -21.08 -21.76
C GLY B 65 -30.69 -22.58 -21.69
N VAL B 66 -31.67 -23.09 -20.94
CA VAL B 66 -31.87 -24.53 -20.70
C VAL B 66 -31.90 -25.35 -22.00
N GLU B 67 -32.51 -24.78 -23.04
CA GLU B 67 -32.65 -25.44 -24.35
C GLU B 67 -31.30 -25.62 -25.06
N LYS B 68 -30.46 -24.59 -25.02
CA LYS B 68 -29.14 -24.63 -25.63
C LYS B 68 -28.19 -25.55 -24.85
N ILE B 69 -28.29 -25.50 -23.52
CA ILE B 69 -27.52 -26.38 -22.63
C ILE B 69 -27.93 -27.85 -22.83
N ARG B 70 -29.23 -28.10 -22.88
CA ARG B 70 -29.77 -29.44 -23.17
C ARG B 70 -29.18 -30.00 -24.46
N ASP B 71 -29.23 -29.21 -25.53
CA ASP B 71 -28.63 -29.58 -26.83
C ASP B 71 -27.15 -29.97 -26.71
N VAL B 72 -26.38 -29.21 -25.94
CA VAL B 72 -24.95 -29.49 -25.78
C VAL B 72 -24.73 -30.74 -24.93
N GLN B 73 -25.52 -30.92 -23.87
CA GLN B 73 -25.41 -32.13 -23.03
C GLN B 73 -25.67 -33.38 -23.86
N LYS B 74 -26.69 -33.32 -24.72
CA LYS B 74 -27.02 -34.38 -25.69
C LYS B 74 -25.81 -34.86 -26.50
N GLN B 75 -25.10 -33.91 -27.11
CA GLN B 75 -23.86 -34.21 -27.83
C GLN B 75 -22.84 -34.94 -26.97
N ALA B 76 -22.67 -34.50 -25.73
CA ALA B 76 -21.75 -35.17 -24.80
C ALA B 76 -22.24 -36.58 -24.47
N VAL B 77 -23.52 -36.72 -24.14
CA VAL B 77 -24.12 -38.00 -23.73
C VAL B 77 -24.20 -39.01 -24.89
N GLU B 78 -24.47 -38.51 -26.11
CA GLU B 78 -24.77 -39.37 -27.27
C GLU B 78 -23.69 -39.46 -28.36
N GLN B 79 -22.84 -38.44 -28.50
CA GLN B 79 -21.86 -38.38 -29.60
C GLN B 79 -20.37 -38.55 -29.23
N SER B 80 -20.06 -38.65 -27.94
CA SER B 80 -18.69 -38.96 -27.50
C SER B 80 -18.60 -40.45 -27.23
N ARG B 81 -17.41 -41.03 -27.40
CA ARG B 81 -17.21 -42.47 -27.17
C ARG B 81 -17.79 -42.95 -25.84
N LEU B 82 -17.51 -42.21 -24.77
CA LEU B 82 -17.87 -42.63 -23.42
C LEU B 82 -19.13 -41.98 -22.82
N GLY B 83 -19.67 -40.94 -23.45
CA GLY B 83 -20.92 -40.32 -22.99
C GLY B 83 -20.85 -39.57 -21.67
N ILE B 84 -19.67 -39.09 -21.30
CA ILE B 84 -19.48 -38.42 -19.99
C ILE B 84 -20.13 -37.02 -20.04
N PRO B 85 -21.10 -36.75 -19.15
CA PRO B 85 -21.80 -35.45 -19.19
C PRO B 85 -20.93 -34.27 -18.76
N LEU B 86 -21.32 -33.08 -19.20
CA LEU B 86 -20.61 -31.85 -18.92
C LEU B 86 -21.15 -31.12 -17.70
N LEU B 87 -20.25 -30.44 -16.99
CA LEU B 87 -20.65 -29.37 -16.08
C LEU B 87 -20.98 -28.15 -16.93
N PHE B 88 -21.97 -27.37 -16.49
CA PHE B 88 -22.28 -26.09 -17.10
C PHE B 88 -22.16 -24.97 -16.08
N GLY B 89 -21.21 -24.07 -16.34
CA GLY B 89 -20.84 -23.01 -15.39
C GLY B 89 -21.30 -21.63 -15.80
N MET B 90 -21.49 -20.78 -14.79
CA MET B 90 -21.72 -19.34 -15.01
C MET B 90 -21.34 -18.57 -13.76
N ASP B 91 -20.99 -17.30 -13.95
CA ASP B 91 -20.85 -16.37 -12.84
C ASP B 91 -22.24 -15.98 -12.33
N VAL B 92 -22.77 -16.79 -11.44
CA VAL B 92 -23.99 -16.45 -10.70
C VAL B 92 -23.50 -15.90 -9.37
N ILE B 93 -23.37 -14.58 -9.32
CA ILE B 93 -22.63 -13.84 -8.28
C ILE B 93 -23.58 -13.26 -7.25
N HIS B 94 -24.60 -12.53 -7.69
CA HIS B 94 -25.64 -12.00 -6.80
C HIS B 94 -27.01 -12.03 -7.48
N GLY B 95 -27.26 -13.14 -8.18
CA GLY B 95 -28.53 -13.36 -8.87
C GLY B 95 -28.33 -13.90 -10.26
N TYR B 96 -29.36 -14.58 -10.75
CA TYR B 96 -29.41 -15.06 -12.13
C TYR B 96 -30.13 -14.03 -12.99
N GLU B 97 -31.46 -13.96 -12.93
CA GLU B 97 -32.22 -12.87 -13.56
C GLU B 97 -32.77 -11.92 -12.49
N THR B 98 -33.32 -12.48 -11.43
CA THR B 98 -33.67 -11.71 -10.25
C THR B 98 -32.35 -11.31 -9.59
N MET B 99 -32.03 -10.01 -9.61
CA MET B 99 -30.75 -9.54 -9.12
C MET B 99 -30.88 -8.99 -7.71
N PHE B 100 -30.06 -9.53 -6.81
CA PHE B 100 -29.96 -9.06 -5.46
C PHE B 100 -28.90 -7.96 -5.44
N PRO B 101 -28.68 -7.33 -4.28
CA PRO B 101 -27.60 -6.35 -4.26
C PRO B 101 -26.25 -6.96 -4.59
N ILE B 102 -25.34 -6.17 -5.11
CA ILE B 102 -23.94 -6.60 -5.24
C ILE B 102 -23.48 -7.14 -3.89
N PRO B 103 -22.60 -8.16 -3.90
CA PRO B 103 -22.19 -8.80 -2.63
C PRO B 103 -21.73 -7.87 -1.51
N LEU B 104 -21.01 -6.81 -1.88
CA LEU B 104 -20.51 -5.88 -0.85
C LEU B 104 -21.69 -5.20 -0.17
N GLY B 105 -22.67 -4.76 -0.96
CA GLY B 105 -23.92 -4.24 -0.40
C GLY B 105 -24.67 -5.27 0.43
N LEU B 106 -24.80 -6.48 -0.13
CA LEU B 106 -25.45 -7.57 0.58
C LEU B 106 -24.80 -7.87 1.94
N SER B 107 -23.46 -7.79 2.02
CA SER B 107 -22.80 -8.02 3.31
C SER B 107 -23.27 -7.08 4.42
N CYS B 108 -23.69 -5.86 4.06
CA CYS B 108 -24.17 -4.87 5.01
C CYS B 108 -25.53 -5.19 5.64
N THR B 109 -26.23 -6.23 5.15
CA THR B 109 -27.41 -6.74 5.88
C THR B 109 -27.04 -7.37 7.22
N TRP B 110 -25.81 -7.86 7.35
CA TRP B 110 -25.38 -8.67 8.50
C TRP B 110 -26.42 -9.75 8.85
N ASP B 111 -26.96 -10.39 7.82
CA ASP B 111 -28.13 -11.28 7.97
C ASP B 111 -27.84 -12.53 7.17
N MET B 112 -27.38 -13.55 7.87
CA MET B 112 -26.96 -14.79 7.22
C MET B 112 -28.15 -15.56 6.65
N THR B 113 -29.34 -15.36 7.22
CA THR B 113 -30.54 -16.00 6.70
C THR B 113 -30.89 -15.41 5.32
N ALA B 114 -30.89 -14.08 5.23
CA ALA B 114 -31.15 -13.39 3.96
C ALA B 114 -30.11 -13.71 2.91
N ILE B 115 -28.85 -13.79 3.32
CA ILE B 115 -27.78 -14.09 2.38
C ILE B 115 -27.95 -15.50 1.81
N GLU B 116 -28.15 -16.48 2.69
CA GLU B 116 -28.48 -17.85 2.26
C GLU B 116 -29.68 -17.86 1.30
N GLU B 117 -30.72 -17.13 1.66
CA GLU B 117 -31.92 -17.03 0.83
C GLU B 117 -31.59 -16.53 -0.58
N SER B 118 -30.78 -15.47 -0.68
CA SER B 118 -30.44 -14.90 -1.99
C SER B 118 -29.70 -15.91 -2.87
N ALA B 119 -28.82 -16.69 -2.27
CA ALA B 119 -28.10 -17.75 -2.97
C ALA B 119 -29.03 -18.89 -3.39
N ARG B 120 -29.92 -19.29 -2.47
CA ARG B 120 -30.98 -20.29 -2.73
C ARG B 120 -31.79 -19.89 -3.96
N ILE B 121 -32.27 -18.65 -3.99
CA ILE B 121 -33.09 -18.16 -5.10
C ILE B 121 -32.30 -18.15 -6.42
N ALA B 122 -31.07 -17.63 -6.38
CA ALA B 122 -30.20 -17.66 -7.56
C ALA B 122 -29.97 -19.08 -8.09
N ALA B 123 -29.77 -20.02 -7.18
CA ALA B 123 -29.56 -21.42 -7.56
C ALA B 123 -30.81 -22.02 -8.22
N ILE B 124 -31.98 -21.76 -7.64
CA ILE B 124 -33.28 -22.15 -8.21
C ILE B 124 -33.40 -21.64 -9.64
N GLU B 125 -33.11 -20.35 -9.84
CA GLU B 125 -33.24 -19.75 -11.17
C GLU B 125 -32.25 -20.32 -12.18
N ALA B 126 -30.97 -20.36 -11.79
CA ALA B 126 -29.91 -20.83 -12.67
C ALA B 126 -30.05 -22.32 -13.01
N SER B 127 -30.40 -23.13 -12.02
CA SER B 127 -30.62 -24.58 -12.22
C SER B 127 -31.81 -24.85 -13.15
N ALA B 128 -32.89 -24.09 -12.94
CA ALA B 128 -34.03 -24.09 -13.85
C ALA B 128 -33.63 -23.82 -15.31
N ASP B 129 -32.57 -23.05 -15.51
CA ASP B 129 -32.08 -22.73 -16.84
C ASP B 129 -30.84 -23.53 -17.30
N GLY B 130 -30.56 -24.67 -16.66
CA GLY B 130 -29.48 -25.57 -17.12
C GLY B 130 -28.15 -25.51 -16.42
N ILE B 131 -27.94 -24.49 -15.59
CA ILE B 131 -26.67 -24.30 -14.91
C ILE B 131 -26.55 -25.22 -13.69
N SER B 132 -25.43 -25.95 -13.63
CA SER B 132 -25.11 -26.85 -12.54
C SER B 132 -23.96 -26.35 -11.63
N TRP B 133 -23.34 -25.23 -11.98
CA TRP B 133 -22.10 -24.79 -11.35
C TRP B 133 -21.98 -23.26 -11.38
N THR B 134 -21.80 -22.64 -10.22
CA THR B 134 -21.57 -21.19 -10.18
C THR B 134 -20.19 -20.84 -9.65
N PHE B 135 -19.57 -19.84 -10.28
CA PHE B 135 -18.27 -19.32 -9.85
C PHE B 135 -18.50 -18.30 -8.74
N SER B 136 -18.91 -18.80 -7.58
CA SER B 136 -19.34 -18.00 -6.42
C SER B 136 -19.33 -18.92 -5.20
N PRO B 137 -19.02 -18.46 -3.98
CA PRO B 137 -18.82 -17.04 -3.63
C PRO B 137 -17.40 -16.52 -3.80
N MET B 138 -17.32 -15.21 -4.04
CA MET B 138 -16.08 -14.47 -4.02
C MET B 138 -15.88 -14.03 -2.57
N VAL B 139 -14.78 -14.48 -1.95
CA VAL B 139 -14.58 -14.27 -0.51
C VAL B 139 -13.26 -13.57 -0.19
N ASP B 140 -12.71 -12.90 -1.18
CA ASP B 140 -11.39 -12.26 -1.02
C ASP B 140 -11.48 -11.11 -0.02
N ILE B 141 -10.60 -11.14 0.98
CA ILE B 141 -10.50 -10.04 1.93
C ILE B 141 -9.81 -8.89 1.18
N SER B 142 -10.33 -7.68 1.31
CA SER B 142 -9.57 -6.50 0.84
C SER B 142 -9.69 -5.36 1.80
N ARG B 143 -8.57 -4.65 1.93
CA ARG B 143 -8.46 -3.43 2.69
C ARG B 143 -8.19 -2.27 1.76
N ASP B 144 -8.37 -2.47 0.45
CA ASP B 144 -7.97 -1.49 -0.56
C ASP B 144 -9.15 -1.14 -1.46
N PRO B 145 -9.84 -0.01 -1.15
CA PRO B 145 -11.04 0.32 -1.90
C PRO B 145 -10.79 0.82 -3.32
N ARG B 146 -9.52 0.95 -3.72
CA ARG B 146 -9.18 1.20 -5.13
C ARG B 146 -9.56 0.01 -6.02
N TRP B 147 -9.51 -1.20 -5.48
CA TRP B 147 -9.79 -2.41 -6.24
C TRP B 147 -11.28 -2.55 -6.50
N GLY B 148 -11.66 -2.63 -7.77
CA GLY B 148 -13.06 -2.71 -8.17
C GLY B 148 -13.77 -3.95 -7.69
N ARG B 149 -13.01 -5.00 -7.41
CA ARG B 149 -13.61 -6.27 -7.05
C ARG B 149 -14.06 -6.33 -5.59
N VAL B 150 -13.82 -5.27 -4.80
CA VAL B 150 -14.43 -5.20 -3.47
C VAL B 150 -15.95 -5.33 -3.56
N SER B 151 -16.53 -4.89 -4.67
CA SER B 151 -17.97 -5.03 -4.93
C SER B 151 -18.50 -6.49 -4.84
N GLU B 152 -17.62 -7.44 -5.15
CA GLU B 152 -17.95 -8.86 -5.22
C GLU B 152 -17.71 -9.62 -3.91
N GLY B 153 -17.06 -8.96 -2.95
CA GLY B 153 -16.72 -9.58 -1.67
C GLY B 153 -17.65 -9.15 -0.56
N SER B 154 -17.24 -9.42 0.67
CA SER B 154 -18.06 -9.09 1.84
C SER B 154 -17.32 -8.19 2.81
N GLY B 155 -16.36 -7.44 2.28
CA GLY B 155 -15.67 -6.43 3.05
C GLY B 155 -14.31 -6.86 3.58
N GLU B 156 -13.86 -6.12 4.57
CA GLU B 156 -12.49 -6.25 5.08
C GLU B 156 -12.30 -7.30 6.17
N ASP B 157 -13.38 -7.82 6.76
CA ASP B 157 -13.29 -8.63 7.97
C ASP B 157 -13.40 -10.14 7.73
N PRO B 158 -12.44 -10.94 8.21
CA PRO B 158 -12.53 -12.37 7.94
C PRO B 158 -13.57 -13.16 8.75
N PHE B 159 -13.92 -12.70 9.96
CA PHE B 159 -14.96 -13.38 10.75
C PHE B 159 -16.31 -13.30 10.03
N LEU B 160 -16.71 -12.09 9.64
CA LEU B 160 -17.94 -11.88 8.88
C LEU B 160 -17.85 -12.50 7.49
N GLY B 161 -16.70 -12.33 6.83
CA GLY B 161 -16.46 -12.97 5.54
C GLY B 161 -16.66 -14.48 5.61
N ALA B 162 -16.15 -15.10 6.68
CA ALA B 162 -16.29 -16.55 6.87
C ALA B 162 -17.75 -16.98 7.03
N MET B 163 -18.52 -16.27 7.88
N MET B 163 -18.51 -16.28 7.88
CA MET B 163 -19.94 -16.59 8.07
CA MET B 163 -19.94 -16.54 8.10
C MET B 163 -20.73 -16.43 6.79
C MET B 163 -20.70 -16.45 6.79
N ILE B 164 -20.43 -15.40 6.01
CA ILE B 164 -21.07 -15.19 4.73
C ILE B 164 -20.69 -16.31 3.73
N ALA B 165 -19.41 -16.65 3.64
CA ALA B 165 -18.96 -17.77 2.79
C ALA B 165 -19.77 -19.05 3.07
N GLU B 166 -19.99 -19.35 4.35
CA GLU B 166 -20.78 -20.52 4.75
C GLU B 166 -22.24 -20.41 4.27
N ALA B 167 -22.84 -19.24 4.45
CA ALA B 167 -24.24 -18.98 4.05
C ALA B 167 -24.46 -19.13 2.55
N MET B 168 -23.49 -18.66 1.76
CA MET B 168 -23.56 -18.73 0.30
C MET B 168 -23.42 -20.17 -0.20
N VAL B 169 -22.44 -20.89 0.36
CA VAL B 169 -22.21 -22.29 -0.05
C VAL B 169 -23.45 -23.12 0.28
N LEU B 170 -23.98 -22.95 1.48
CA LEU B 170 -25.21 -23.65 1.90
C LEU B 170 -26.39 -23.27 1.01
N GLY B 171 -26.57 -21.98 0.74
CA GLY B 171 -27.65 -21.50 -0.13
C GLY B 171 -27.63 -22.14 -1.52
N TYR B 172 -26.44 -22.25 -2.10
CA TYR B 172 -26.30 -22.83 -3.44
C TYR B 172 -26.43 -24.35 -3.44
N GLN B 173 -25.69 -25.01 -2.56
CA GLN B 173 -25.51 -26.47 -2.60
C GLN B 173 -26.51 -27.25 -1.78
N GLY B 174 -27.08 -26.61 -0.75
CA GLY B 174 -27.82 -27.31 0.29
C GLY B 174 -26.95 -28.33 1.00
N LYS B 175 -27.61 -29.36 1.54
CA LYS B 175 -26.96 -30.46 2.26
C LYS B 175 -25.92 -31.21 1.42
N ASP B 176 -26.27 -31.55 0.19
CA ASP B 176 -25.42 -32.40 -0.66
C ASP B 176 -25.64 -32.31 -2.18
N MET B 177 -26.26 -31.22 -2.65
CA MET B 177 -26.51 -30.99 -4.08
C MET B 177 -27.39 -32.05 -4.75
N GLN B 178 -28.23 -32.71 -3.97
CA GLN B 178 -29.06 -33.81 -4.46
C GLN B 178 -30.26 -33.29 -5.24
N ARG B 179 -30.87 -32.20 -4.76
CA ARG B 179 -32.04 -31.62 -5.39
C ARG B 179 -31.68 -31.04 -6.75
N ASN B 180 -32.66 -30.97 -7.66
CA ASN B 180 -32.43 -30.38 -8.98
C ASN B 180 -32.41 -28.85 -8.98
N ASP B 181 -32.74 -28.24 -7.83
CA ASP B 181 -32.57 -26.79 -7.61
C ASP B 181 -31.33 -26.43 -6.74
N GLU B 182 -30.43 -27.40 -6.54
CA GLU B 182 -29.14 -27.16 -5.88
C GLU B 182 -28.03 -27.32 -6.90
N ILE B 183 -27.01 -26.46 -6.82
CA ILE B 183 -25.93 -26.42 -7.78
C ILE B 183 -24.61 -26.42 -7.03
N MET B 184 -23.51 -26.68 -7.74
CA MET B 184 -22.19 -26.70 -7.13
C MET B 184 -21.67 -25.28 -7.03
N ALA B 185 -21.09 -24.93 -5.88
CA ALA B 185 -20.50 -23.61 -5.67
C ALA B 185 -18.99 -23.71 -5.90
N CYS B 186 -18.34 -22.54 -5.96
CA CYS B 186 -16.91 -22.45 -6.25
C CYS B 186 -16.32 -21.25 -5.52
N VAL B 187 -15.63 -21.50 -4.40
CA VAL B 187 -15.01 -20.40 -3.66
C VAL B 187 -13.86 -19.80 -4.47
N LYS B 188 -13.87 -18.47 -4.58
CA LYS B 188 -12.84 -17.77 -5.34
C LYS B 188 -12.42 -16.51 -4.56
N HIS B 189 -11.23 -15.96 -4.81
CA HIS B 189 -10.23 -16.44 -5.75
C HIS B 189 -9.05 -16.85 -4.88
N PHE B 190 -8.80 -18.16 -4.79
CA PHE B 190 -7.79 -18.69 -3.88
C PHE B 190 -6.39 -18.43 -4.44
N ALA B 191 -5.54 -17.58 -3.85
CA ALA B 191 -5.78 -16.82 -2.60
C ALA B 191 -5.08 -15.46 -2.63
N LEU B 192 -5.59 -14.56 -1.77
CA LEU B 192 -4.96 -13.26 -1.45
C LEU B 192 -5.09 -12.18 -2.54
N TYR B 193 -5.99 -12.42 -3.49
CA TYR B 193 -6.18 -11.58 -4.68
C TYR B 193 -6.59 -10.13 -4.34
N GLY B 194 -7.26 -9.95 -3.20
CA GLY B 194 -7.64 -8.63 -2.74
C GLY B 194 -6.53 -7.74 -2.22
N ALA B 195 -5.30 -8.26 -2.15
CA ALA B 195 -4.14 -7.48 -1.69
C ALA B 195 -3.23 -7.03 -2.82
N GLY B 196 -3.74 -7.03 -4.07
CA GLY B 196 -2.98 -6.57 -5.22
C GLY B 196 -2.45 -5.16 -5.02
N GLU B 197 -1.16 -4.97 -5.29
CA GLU B 197 -0.52 -3.69 -5.03
C GLU B 197 -1.15 -2.54 -5.80
N GLY B 198 -1.24 -1.40 -5.11
CA GLY B 198 -1.85 -0.21 -5.67
C GLY B 198 -3.34 -0.29 -5.87
N GLY B 199 -3.99 -1.32 -5.33
CA GLY B 199 -5.37 -1.62 -5.65
C GLY B 199 -5.62 -1.87 -7.13
N ARG B 200 -4.57 -2.21 -7.87
CA ARG B 200 -4.64 -2.36 -9.30
C ARG B 200 -4.91 -3.83 -9.59
N ASP B 201 -5.99 -4.12 -10.29
CA ASP B 201 -6.44 -5.50 -10.47
C ASP B 201 -5.34 -6.32 -11.13
N TYR B 202 -5.16 -7.55 -10.65
CA TYR B 202 -4.15 -8.51 -11.17
C TYR B 202 -2.71 -8.26 -10.73
N ASN B 203 -2.47 -7.20 -9.98
CA ASN B 203 -1.12 -6.81 -9.63
C ASN B 203 -0.56 -7.69 -8.52
N THR B 204 0.76 -7.66 -8.42
CA THR B 204 1.52 -8.39 -7.41
C THR B 204 0.93 -8.34 -6.01
N VAL B 205 0.85 -9.51 -5.37
CA VAL B 205 0.48 -9.65 -3.97
C VAL B 205 1.71 -10.13 -3.22
N ASP B 206 1.95 -9.56 -2.05
CA ASP B 206 3.02 -10.04 -1.20
C ASP B 206 2.67 -9.83 0.25
N MET B 207 2.84 -10.87 1.06
CA MET B 207 2.64 -10.76 2.51
C MET B 207 3.30 -11.92 3.25
N SER B 208 3.41 -11.79 4.56
CA SER B 208 3.92 -12.86 5.41
C SER B 208 2.90 -14.00 5.51
N ARG B 209 3.38 -15.17 5.92
CA ARG B 209 2.51 -16.32 6.15
C ARG B 209 1.59 -16.04 7.34
N GLN B 210 2.13 -15.37 8.36
N GLN B 210 2.11 -15.39 8.38
CA GLN B 210 1.37 -14.98 9.52
CA GLN B 210 1.30 -14.96 9.52
C GLN B 210 0.16 -14.11 9.16
C GLN B 210 0.09 -14.15 9.09
N ARG B 211 0.34 -13.12 8.27
CA ARG B 211 -0.75 -12.27 7.78
C ARG B 211 -1.75 -13.08 6.96
N MET B 212 -1.25 -13.96 6.09
CA MET B 212 -2.15 -14.82 5.33
C MET B 212 -3.18 -15.47 6.25
N PHE B 213 -2.70 -16.16 7.28
CA PHE B 213 -3.56 -16.97 8.10
C PHE B 213 -4.45 -16.20 9.06
N ASN B 214 -3.91 -15.16 9.68
CA ASN B 214 -4.69 -14.36 10.60
C ASN B 214 -5.66 -13.38 9.94
N GLU B 215 -5.32 -12.93 8.73
CA GLU B 215 -5.99 -11.76 8.15
C GLU B 215 -6.72 -12.00 6.82
N TYR B 216 -6.29 -12.99 6.05
CA TYR B 216 -6.84 -13.23 4.71
C TYR B 216 -7.47 -14.61 4.44
N MET B 217 -7.06 -15.65 5.14
CA MET B 217 -7.39 -17.04 4.73
C MET B 217 -8.73 -17.58 5.21
N LEU B 218 -9.20 -17.10 6.36
CA LEU B 218 -10.37 -17.70 7.01
C LEU B 218 -11.59 -17.89 6.08
N PRO B 219 -11.92 -16.89 5.24
CA PRO B 219 -13.11 -17.11 4.39
C PRO B 219 -13.01 -18.25 3.39
N TYR B 220 -11.82 -18.47 2.81
CA TYR B 220 -11.60 -19.62 1.91
C TYR B 220 -11.78 -20.93 2.66
N GLU B 221 -11.17 -21.01 3.85
CA GLU B 221 -11.26 -22.18 4.72
C GLU B 221 -12.70 -22.45 5.14
N ALA B 222 -13.44 -21.39 5.48
CA ALA B 222 -14.84 -21.53 5.87
C ALA B 222 -15.67 -22.16 4.74
N ALA B 223 -15.40 -21.72 3.50
CA ALA B 223 -16.11 -22.27 2.34
C ALA B 223 -15.79 -23.76 2.16
N VAL B 224 -14.50 -24.08 2.25
CA VAL B 224 -14.02 -25.46 2.17
C VAL B 224 -14.68 -26.31 3.27
N GLU B 225 -14.70 -25.80 4.49
CA GLU B 225 -15.30 -26.55 5.61
C GLU B 225 -16.84 -26.65 5.55
N ALA B 226 -17.48 -25.74 4.81
CA ALA B 226 -18.92 -25.82 4.50
C ALA B 226 -19.23 -26.82 3.37
N GLY B 227 -18.21 -27.45 2.80
CA GLY B 227 -18.39 -28.49 1.79
C GLY B 227 -18.49 -27.96 0.39
N VAL B 228 -17.91 -26.79 0.12
CA VAL B 228 -17.89 -26.22 -1.23
C VAL B 228 -17.27 -27.24 -2.19
N GLY B 229 -17.90 -27.42 -3.35
CA GLY B 229 -17.50 -28.45 -4.29
C GLY B 229 -16.23 -28.16 -5.05
N SER B 230 -15.95 -26.88 -5.28
CA SER B 230 -14.82 -26.47 -6.11
C SER B 230 -14.19 -25.19 -5.57
N VAL B 231 -12.95 -24.94 -6.01
CA VAL B 231 -12.17 -23.76 -5.66
C VAL B 231 -11.56 -23.18 -6.94
N MET B 232 -11.59 -21.85 -7.10
CA MET B 232 -10.94 -21.19 -8.24
C MET B 232 -9.59 -20.59 -7.84
N ALA B 233 -8.54 -20.95 -8.58
CA ALA B 233 -7.20 -20.41 -8.38
C ALA B 233 -7.12 -18.97 -8.89
N SER B 234 -6.42 -18.11 -8.13
CA SER B 234 -6.41 -16.67 -8.43
C SER B 234 -5.35 -16.26 -9.46
N PHE B 235 -5.52 -15.05 -10.00
CA PHE B 235 -4.62 -14.50 -11.02
C PHE B 235 -3.29 -14.03 -10.46
N ASN B 236 -3.28 -13.68 -9.18
CA ASN B 236 -2.10 -13.10 -8.56
C ASN B 236 -1.04 -14.13 -8.22
N GLU B 237 0.20 -13.67 -8.21
CA GLU B 237 1.29 -14.39 -7.58
C GLU B 237 1.16 -14.32 -6.05
N VAL B 238 1.67 -15.36 -5.38
CA VAL B 238 1.87 -15.41 -3.94
C VAL B 238 3.27 -15.96 -3.73
N ASP B 239 4.11 -15.27 -2.94
CA ASP B 239 5.51 -15.68 -2.73
C ASP B 239 6.27 -15.86 -4.04
N GLY B 240 5.97 -15.00 -5.02
CA GLY B 240 6.59 -15.04 -6.35
C GLY B 240 6.12 -16.15 -7.28
N VAL B 241 5.11 -16.91 -6.88
CA VAL B 241 4.60 -17.98 -7.72
C VAL B 241 3.13 -17.69 -7.99
N PRO B 242 2.75 -17.56 -9.27
CA PRO B 242 1.34 -17.45 -9.63
C PRO B 242 0.54 -18.50 -8.88
N ALA B 243 -0.62 -18.14 -8.33
CA ALA B 243 -1.40 -19.07 -7.51
C ALA B 243 -1.69 -20.37 -8.25
N THR B 244 -1.91 -20.27 -9.56
CA THR B 244 -2.19 -21.42 -10.41
C THR B 244 -1.03 -22.44 -10.54
N ALA B 245 0.19 -22.05 -10.13
CA ALA B 245 1.33 -22.97 -10.04
C ALA B 245 1.85 -23.16 -8.61
N ASN B 246 1.09 -22.68 -7.63
CA ASN B 246 1.56 -22.66 -6.26
C ASN B 246 1.04 -23.90 -5.53
N LYS B 247 1.92 -24.91 -5.42
CA LYS B 247 1.57 -26.18 -4.80
C LYS B 247 1.36 -26.06 -3.31
N TRP B 248 2.13 -25.16 -2.67
CA TRP B 248 1.89 -24.89 -1.25
C TRP B 248 0.43 -24.48 -1.02
N LEU B 249 -0.11 -23.64 -1.89
CA LEU B 249 -1.52 -23.21 -1.77
C LEU B 249 -2.49 -24.33 -2.11
N MET B 250 -2.36 -24.84 -3.32
CA MET B 250 -3.35 -25.71 -3.95
C MET B 250 -3.34 -27.16 -3.45
N THR B 251 -2.20 -27.59 -2.89
CA THR B 251 -2.09 -28.91 -2.24
C THR B 251 -1.87 -28.81 -0.73
N ASP B 252 -0.79 -28.17 -0.28
CA ASP B 252 -0.41 -28.23 1.14
C ASP B 252 -1.45 -27.55 2.05
N VAL B 253 -1.92 -26.36 1.67
CA VAL B 253 -2.91 -25.66 2.48
C VAL B 253 -4.30 -26.24 2.21
N LEU B 254 -4.73 -26.19 0.95
CA LEU B 254 -6.10 -26.54 0.58
C LEU B 254 -6.47 -27.97 0.98
N ARG B 255 -5.63 -28.93 0.57
CA ARG B 255 -5.84 -30.36 0.89
C ARG B 255 -5.20 -30.78 2.22
N GLY B 256 -3.89 -30.54 2.35
CA GLY B 256 -3.13 -30.98 3.52
C GLY B 256 -3.63 -30.44 4.86
N GLN B 257 -3.93 -29.15 4.91
CA GLN B 257 -4.36 -28.50 6.15
C GLN B 257 -5.87 -28.51 6.34
N TRP B 258 -6.62 -28.24 5.28
CA TRP B 258 -8.07 -28.05 5.42
C TRP B 258 -8.91 -29.25 4.98
N GLY B 259 -8.28 -30.21 4.32
CA GLY B 259 -8.96 -31.46 3.93
C GLY B 259 -9.92 -31.33 2.78
N PHE B 260 -9.71 -30.35 1.90
CA PHE B 260 -10.58 -30.14 0.73
C PHE B 260 -10.65 -31.41 -0.10
N ASN B 261 -11.85 -31.86 -0.41
CA ASN B 261 -12.05 -33.11 -1.15
C ASN B 261 -12.57 -32.90 -2.58
N GLY B 262 -12.66 -31.64 -3.01
CA GLY B 262 -13.17 -31.29 -4.36
C GLY B 262 -12.09 -31.06 -5.39
N PHE B 263 -12.39 -30.22 -6.38
CA PHE B 263 -11.44 -29.91 -7.44
C PHE B 263 -11.19 -28.41 -7.56
N VAL B 264 -10.04 -28.09 -8.13
CA VAL B 264 -9.59 -26.72 -8.36
C VAL B 264 -9.68 -26.43 -9.84
N VAL B 265 -10.40 -25.34 -10.16
CA VAL B 265 -10.46 -24.76 -11.50
C VAL B 265 -9.58 -23.50 -11.54
N THR B 266 -9.04 -23.20 -12.71
CA THR B 266 -8.28 -21.96 -12.89
C THR B 266 -9.28 -20.84 -13.06
N ASP B 267 -8.79 -19.62 -12.98
CA ASP B 267 -9.52 -18.46 -13.47
C ASP B 267 -9.30 -18.39 -14.99
N TYR B 268 -9.83 -17.35 -15.64
CA TYR B 268 -9.86 -17.21 -17.10
C TYR B 268 -8.48 -17.13 -17.76
N THR B 269 -8.11 -18.17 -18.50
CA THR B 269 -6.75 -18.33 -19.08
C THR B 269 -5.63 -18.18 -18.04
N GLY B 270 -5.91 -18.56 -16.80
CA GLY B 270 -4.93 -18.49 -15.71
C GLY B 270 -3.63 -19.23 -15.98
N ILE B 271 -3.68 -20.34 -16.72
CA ILE B 271 -2.48 -21.11 -17.04
C ILE B 271 -1.59 -20.40 -18.07
N SER B 272 -2.14 -20.03 -19.22
CA SER B 272 -1.36 -19.37 -20.25
C SER B 272 -0.85 -17.99 -19.78
N GLU B 273 -1.60 -17.34 -18.89
CA GLU B 273 -1.12 -16.08 -18.29
C GLU B 273 0.12 -16.24 -17.40
N MET B 274 0.39 -17.45 -16.91
CA MET B 274 1.67 -17.72 -16.22
C MET B 274 2.89 -17.53 -17.13
N ILE B 275 2.69 -17.63 -18.45
CA ILE B 275 3.73 -17.30 -19.42
C ILE B 275 4.08 -15.81 -19.27
N ASP B 276 3.06 -14.95 -19.28
CA ASP B 276 3.28 -13.51 -19.06
C ASP B 276 3.83 -13.16 -17.68
N HIS B 277 3.36 -13.88 -16.65
CA HIS B 277 3.93 -13.75 -15.30
C HIS B 277 5.45 -13.92 -15.31
N GLY B 278 5.93 -14.81 -16.17
CA GLY B 278 7.35 -14.99 -16.43
C GLY B 278 7.96 -16.24 -15.79
N ILE B 279 7.17 -17.31 -15.66
CA ILE B 279 7.69 -18.56 -15.07
C ILE B 279 7.82 -19.73 -16.06
N GLY B 280 7.71 -19.45 -17.36
CA GLY B 280 8.01 -20.44 -18.39
C GLY B 280 7.00 -20.52 -19.52
N ASP B 281 7.26 -21.46 -20.43
CA ASP B 281 6.39 -21.70 -21.59
C ASP B 281 5.14 -22.50 -21.23
N LEU B 282 4.23 -22.65 -22.19
CA LEU B 282 2.92 -23.25 -21.93
C LEU B 282 3.02 -24.64 -21.33
N GLN B 283 3.86 -25.49 -21.93
CA GLN B 283 4.05 -26.86 -21.40
C GLN B 283 4.53 -26.83 -19.95
N THR B 284 5.55 -26.01 -19.68
CA THR B 284 6.17 -25.94 -18.35
C THR B 284 5.18 -25.51 -17.26
N VAL B 285 4.46 -24.43 -17.52
CA VAL B 285 3.50 -23.89 -16.54
C VAL B 285 2.23 -24.75 -16.43
N SER B 286 1.83 -25.39 -17.55
CA SER B 286 0.74 -26.36 -17.53
C SER B 286 1.09 -27.55 -16.64
N ALA B 287 2.29 -28.11 -16.82
CA ALA B 287 2.76 -29.22 -15.97
C ALA B 287 2.89 -28.79 -14.51
N ARG B 288 3.38 -27.59 -14.27
CA ARG B 288 3.48 -27.07 -12.91
C ARG B 288 2.10 -26.88 -12.27
N ALA B 289 1.12 -26.44 -13.05
CA ALA B 289 -0.25 -26.27 -12.51
C ALA B 289 -0.88 -27.59 -12.06
N ILE B 290 -0.85 -28.62 -12.90
CA ILE B 290 -1.47 -29.89 -12.52
C ILE B 290 -0.72 -30.53 -11.34
N ASN B 291 0.62 -30.45 -11.36
CA ASN B 291 1.46 -30.92 -10.25
C ASN B 291 1.24 -30.14 -8.94
N ALA B 292 0.84 -28.88 -9.06
CA ALA B 292 0.48 -28.07 -7.89
C ALA B 292 -0.87 -28.44 -7.26
N GLY B 293 -1.76 -29.08 -8.03
CA GLY B 293 -3.09 -29.42 -7.55
C GLY B 293 -4.24 -28.76 -8.31
N VAL B 294 -3.96 -28.18 -9.47
CA VAL B 294 -5.00 -27.61 -10.33
C VAL B 294 -5.58 -28.73 -11.19
N ASP B 295 -6.89 -28.79 -11.25
CA ASP B 295 -7.62 -29.90 -11.87
C ASP B 295 -8.33 -29.55 -13.17
N MET B 296 -8.74 -28.29 -13.34
CA MET B 296 -9.46 -27.90 -14.54
C MET B 296 -8.95 -26.60 -15.13
N ASP B 297 -8.78 -26.60 -16.45
CA ASP B 297 -8.14 -25.53 -17.22
C ASP B 297 -9.20 -24.70 -17.92
N MET B 298 -9.46 -23.51 -17.39
CA MET B 298 -10.40 -22.55 -18.01
C MET B 298 -9.78 -21.83 -19.22
N VAL B 299 -10.20 -22.24 -20.42
CA VAL B 299 -9.92 -21.56 -21.72
C VAL B 299 -8.49 -21.69 -22.32
N SER B 300 -7.45 -21.77 -21.51
CA SER B 300 -6.08 -21.69 -22.04
C SER B 300 -5.68 -22.84 -22.97
N GLU B 301 -6.34 -24.00 -22.82
CA GLU B 301 -6.00 -25.22 -23.54
C GLU B 301 -4.58 -25.73 -23.27
N GLY B 302 -4.02 -25.36 -22.11
CA GLY B 302 -2.69 -25.78 -21.71
C GLY B 302 -2.66 -27.26 -21.38
N PHE B 303 -3.65 -27.72 -20.64
CA PHE B 303 -3.73 -29.14 -20.29
C PHE B 303 -3.94 -29.97 -21.56
N VAL B 304 -4.98 -29.66 -22.32
CA VAL B 304 -5.34 -30.49 -23.50
C VAL B 304 -4.24 -30.50 -24.59
N SER B 305 -3.50 -29.42 -24.74
CA SER B 305 -2.47 -29.31 -25.79
C SER B 305 -1.04 -29.73 -25.37
N THR B 306 -0.77 -29.92 -24.08
CA THR B 306 0.60 -30.23 -23.64
C THR B 306 0.80 -31.37 -22.64
N LEU B 307 -0.26 -31.86 -21.98
CA LEU B 307 -0.09 -32.85 -20.90
C LEU B 307 0.37 -34.24 -21.37
N LYS B 308 -0.06 -34.66 -22.55
CA LYS B 308 0.39 -35.95 -23.11
C LYS B 308 1.90 -35.95 -23.31
N LYS B 309 2.40 -34.91 -23.99
CA LYS B 309 3.85 -34.70 -24.15
C LYS B 309 4.60 -34.67 -22.81
N SER B 310 4.02 -33.99 -21.80
CA SER B 310 4.64 -33.93 -20.47
C SER B 310 4.67 -35.29 -19.77
N ILE B 311 3.59 -36.05 -19.94
CA ILE B 311 3.53 -37.41 -19.42
C ILE B 311 4.57 -38.31 -20.09
N GLN B 312 4.73 -38.17 -21.40
CA GLN B 312 5.72 -38.94 -22.15
C GLN B 312 7.17 -38.60 -21.73
N GLU B 313 7.41 -37.34 -21.38
CA GLU B 313 8.73 -36.88 -20.91
C GLU B 313 8.98 -37.06 -19.40
N GLY B 314 8.01 -37.59 -18.67
CA GLY B 314 8.16 -37.81 -17.22
C GLY B 314 8.00 -36.56 -16.34
N LYS B 315 7.48 -35.49 -16.92
CA LYS B 315 7.29 -34.22 -16.20
C LYS B 315 6.00 -34.22 -15.38
N VAL B 316 5.01 -34.99 -15.84
CA VAL B 316 3.75 -35.22 -15.14
C VAL B 316 3.51 -36.74 -15.07
N SER B 317 3.16 -37.24 -13.90
CA SER B 317 2.92 -38.67 -13.72
C SER B 317 1.49 -39.03 -14.14
N MET B 318 1.31 -40.30 -14.52
CA MET B 318 -0.01 -40.83 -14.81
C MET B 318 -0.90 -40.75 -13.56
N GLU B 319 -0.27 -40.95 -12.41
CA GLU B 319 -0.87 -40.78 -11.07
C GLU B 319 -1.53 -39.40 -10.88
N THR B 320 -0.79 -38.36 -11.22
CA THR B 320 -1.25 -36.98 -11.10
C THR B 320 -2.44 -36.73 -12.02
N LEU B 321 -2.31 -37.20 -13.28
CA LEU B 321 -3.42 -37.11 -14.24
C LEU B 321 -4.68 -37.82 -13.74
N ASN B 322 -4.52 -39.04 -13.24
CA ASN B 322 -5.66 -39.81 -12.75
C ASN B 322 -6.35 -39.13 -11.57
N THR B 323 -5.56 -38.52 -10.69
CA THR B 323 -6.12 -37.80 -9.56
C THR B 323 -6.96 -36.60 -10.02
N ALA B 324 -6.43 -35.80 -10.95
CA ALA B 324 -7.16 -34.62 -11.49
C ALA B 324 -8.45 -35.06 -12.15
N CYS B 325 -8.36 -36.05 -13.04
CA CYS B 325 -9.52 -36.61 -13.72
C CYS B 325 -10.56 -37.14 -12.74
N ARG B 326 -10.11 -37.90 -11.74
CA ARG B 326 -11.01 -38.48 -10.73
C ARG B 326 -11.80 -37.41 -10.02
N ARG B 327 -11.13 -36.33 -9.63
CA ARG B 327 -11.81 -35.24 -8.92
C ARG B 327 -12.91 -34.61 -9.77
N ILE B 328 -12.66 -34.41 -11.06
CA ILE B 328 -13.70 -33.90 -11.98
C ILE B 328 -14.88 -34.88 -12.05
N LEU B 329 -14.58 -36.17 -12.16
CA LEU B 329 -15.64 -37.19 -12.22
C LEU B 329 -16.42 -37.31 -10.92
N GLU B 330 -15.75 -37.16 -9.77
CA GLU B 330 -16.44 -37.15 -8.47
C GLU B 330 -17.44 -36.00 -8.33
N ALA B 331 -17.06 -34.81 -8.83
CA ALA B 331 -17.95 -33.64 -8.84
C ALA B 331 -19.22 -33.93 -9.67
N LYS B 332 -19.02 -34.48 -10.87
CA LYS B 332 -20.15 -34.87 -11.73
C LYS B 332 -21.08 -35.90 -11.07
N TYR B 333 -20.49 -36.91 -10.43
CA TYR B 333 -21.24 -37.93 -9.68
C TYR B 333 -22.03 -37.33 -8.52
N LYS B 334 -21.38 -36.48 -7.72
CA LYS B 334 -22.02 -35.83 -6.58
C LYS B 334 -23.19 -34.90 -6.97
N LEU B 335 -23.08 -34.25 -8.13
CA LEU B 335 -24.17 -33.44 -8.67
C LEU B 335 -25.36 -34.26 -9.19
N GLY B 336 -25.17 -35.57 -9.38
CA GLY B 336 -26.22 -36.45 -9.89
C GLY B 336 -26.24 -36.55 -11.41
N LEU B 337 -25.15 -36.15 -12.07
CA LEU B 337 -25.10 -36.15 -13.54
C LEU B 337 -24.91 -37.54 -14.19
N PHE B 338 -24.40 -38.53 -13.44
CA PHE B 338 -24.34 -39.90 -13.96
C PHE B 338 -25.67 -40.64 -13.81
N ASP B 339 -26.40 -40.37 -12.73
CA ASP B 339 -27.80 -40.79 -12.60
C ASP B 339 -28.70 -40.18 -13.67
N ASN B 340 -28.53 -38.89 -13.93
CA ASN B 340 -29.26 -38.18 -14.99
C ASN B 340 -28.47 -36.98 -15.52
N PRO B 341 -27.87 -37.12 -16.72
CA PRO B 341 -27.18 -35.99 -17.36
C PRO B 341 -28.03 -34.73 -17.57
N TYR B 342 -29.35 -34.92 -17.67
CA TYR B 342 -30.31 -33.83 -17.90
C TYR B 342 -31.03 -33.42 -16.61
N LYS B 343 -30.38 -33.63 -15.47
CA LYS B 343 -30.92 -33.24 -14.17
C LYS B 343 -31.42 -31.80 -14.13
N TYR B 344 -30.69 -30.91 -14.81
CA TYR B 344 -30.98 -29.48 -14.82
C TYR B 344 -31.57 -28.99 -16.15
N CYS B 345 -32.06 -29.91 -16.99
CA CYS B 345 -32.59 -29.56 -18.32
C CYS B 345 -34.08 -29.83 -18.45
N ASP B 346 -34.85 -29.33 -17.49
CA ASP B 346 -36.31 -29.38 -17.55
C ASP B 346 -36.77 -28.12 -18.27
N LEU B 347 -37.31 -28.28 -19.47
CA LEU B 347 -37.77 -27.14 -20.26
C LEU B 347 -38.99 -26.42 -19.67
N LYS B 348 -39.74 -27.06 -18.75
CA LYS B 348 -40.87 -26.42 -18.07
C LYS B 348 -40.46 -25.49 -16.90
N ARG B 349 -39.20 -25.55 -16.47
CA ARG B 349 -38.79 -24.86 -15.23
C ARG B 349 -38.58 -23.36 -15.37
N PRO B 350 -37.94 -22.88 -16.45
CA PRO B 350 -37.74 -21.43 -16.61
C PRO B 350 -38.99 -20.58 -16.39
N ALA B 351 -40.10 -21.00 -17.00
CA ALA B 351 -41.37 -20.30 -16.84
C ALA B 351 -41.87 -20.23 -15.40
N ARG B 352 -41.64 -21.27 -14.60
CA ARG B 352 -42.14 -21.28 -13.23
C ARG B 352 -41.12 -20.80 -12.18
N ASP B 353 -39.83 -20.83 -12.50
CA ASP B 353 -38.77 -20.54 -11.51
C ASP B 353 -37.98 -19.24 -11.70
N ILE B 354 -37.94 -18.68 -12.92
CA ILE B 354 -37.07 -17.54 -13.22
C ILE B 354 -37.82 -16.20 -13.25
N PHE B 355 -37.33 -15.23 -12.48
CA PHE B 355 -37.84 -13.84 -12.48
C PHE B 355 -39.31 -13.78 -12.06
N THR B 356 -39.66 -14.59 -11.07
CA THR B 356 -41.01 -14.63 -10.56
C THR B 356 -41.23 -13.46 -9.62
N LYS B 357 -42.49 -13.13 -9.42
CA LYS B 357 -42.85 -12.10 -8.47
C LYS B 357 -42.31 -12.42 -7.07
N ALA B 358 -42.44 -13.66 -6.62
CA ALA B 358 -41.95 -14.07 -5.31
C ALA B 358 -40.43 -13.80 -5.14
N HIS B 359 -39.67 -14.15 -6.17
CA HIS B 359 -38.22 -13.92 -6.14
C HIS B 359 -37.88 -12.44 -6.11
N ARG B 360 -38.58 -11.67 -6.93
CA ARG B 360 -38.35 -10.23 -7.03
C ARG B 360 -38.75 -9.47 -5.77
N ASP B 361 -39.82 -9.90 -5.11
CA ASP B 361 -40.19 -9.35 -3.81
C ASP B 361 -39.13 -9.62 -2.74
N ALA B 362 -38.56 -10.82 -2.74
CA ALA B 362 -37.46 -11.17 -1.83
C ALA B 362 -36.25 -10.27 -2.07
N ALA B 363 -35.92 -10.06 -3.34
CA ALA B 363 -34.81 -9.20 -3.72
C ALA B 363 -35.05 -7.75 -3.29
N ARG B 364 -36.28 -7.28 -3.46
CA ARG B 364 -36.65 -5.95 -2.98
C ARG B 364 -36.47 -5.77 -1.47
N ARG B 365 -36.89 -6.80 -0.71
CA ARG B 365 -36.74 -6.82 0.74
C ARG B 365 -35.25 -6.79 1.16
N ILE B 366 -34.47 -7.66 0.55
CA ILE B 366 -33.06 -7.80 0.87
C ILE B 366 -32.30 -6.50 0.47
N ALA B 367 -32.66 -5.93 -0.68
CA ALA B 367 -32.08 -4.65 -1.11
C ALA B 367 -32.28 -3.53 -0.08
N ALA B 368 -33.52 -3.33 0.36
CA ALA B 368 -33.80 -2.30 1.37
C ALA B 368 -33.01 -2.55 2.69
N GLU B 369 -32.84 -3.81 3.04
CA GLU B 369 -32.06 -4.25 4.20
C GLU B 369 -30.55 -4.00 4.08
N SER B 370 -30.06 -3.90 2.84
CA SER B 370 -28.63 -3.73 2.55
C SER B 370 -28.14 -2.28 2.62
N PHE B 371 -29.07 -1.31 2.54
CA PHE B 371 -28.70 0.09 2.44
C PHE B 371 -28.13 0.57 3.76
N VAL B 372 -27.17 1.49 3.70
CA VAL B 372 -26.49 2.01 4.89
C VAL B 372 -26.79 3.49 4.96
N LEU B 373 -27.49 3.90 6.01
CA LEU B 373 -27.77 5.31 6.23
C LEU B 373 -26.50 5.91 6.84
N LEU B 374 -25.79 6.73 6.06
CA LEU B 374 -24.50 7.29 6.51
C LEU B 374 -24.67 8.58 7.31
N LYS B 375 -25.75 9.32 7.02
CA LYS B 375 -26.00 10.62 7.64
C LYS B 375 -27.46 10.97 7.48
N ASN B 376 -28.03 11.60 8.49
CA ASN B 376 -29.41 12.04 8.44
C ASN B 376 -29.60 13.16 9.47
N ASP B 377 -28.94 14.28 9.21
CA ASP B 377 -28.89 15.40 10.17
C ASP B 377 -30.21 16.14 10.20
N ASN B 378 -30.47 16.75 11.35
CA ASN B 378 -31.60 17.65 11.48
C ASN B 378 -31.41 18.89 10.59
N VAL B 379 -32.45 19.24 9.85
CA VAL B 379 -32.47 20.36 8.91
C VAL B 379 -33.67 21.24 9.25
N THR B 380 -33.50 22.55 9.09
CA THR B 380 -34.60 23.51 9.24
C THR B 380 -35.47 23.42 7.99
N LEU B 381 -36.65 22.82 8.16
CA LEU B 381 -37.57 22.55 7.04
C LEU B 381 -38.59 23.67 6.87
N ARG B 382 -39.30 23.97 7.96
CA ARG B 382 -40.27 25.07 8.01
C ARG B 382 -39.82 26.02 9.11
N PRO B 383 -39.78 27.35 8.86
CA PRO B 383 -39.22 28.23 9.89
C PRO B 383 -39.99 28.21 11.22
N GLY B 384 -39.27 28.45 12.31
CA GLY B 384 -39.84 28.37 13.65
C GLY B 384 -39.80 26.99 14.29
N THR B 385 -39.89 25.93 13.48
CA THR B 385 -39.95 24.56 13.99
C THR B 385 -38.58 24.06 14.42
N PRO B 386 -38.53 23.17 15.42
CA PRO B 386 -37.29 22.42 15.67
C PRO B 386 -36.82 21.71 14.38
N ALA B 387 -35.50 21.76 14.13
CA ALA B 387 -34.91 21.08 12.98
C ALA B 387 -35.26 19.58 13.00
N GLU B 388 -35.61 19.03 11.83
CA GLU B 388 -35.92 17.58 11.72
C GLU B 388 -35.10 16.93 10.59
N PRO B 389 -34.87 15.61 10.66
CA PRO B 389 -34.20 14.94 9.53
C PRO B 389 -35.03 14.94 8.25
N LEU B 390 -34.35 14.91 7.11
CA LEU B 390 -35.04 14.77 5.81
C LEU B 390 -35.63 13.37 5.59
N LEU B 391 -34.95 12.35 6.10
CA LEU B 391 -35.42 10.97 5.92
C LEU B 391 -36.02 10.41 7.21
N PRO B 392 -37.12 9.65 7.12
CA PRO B 392 -37.90 9.44 5.90
C PRO B 392 -38.88 10.57 5.67
N PHE B 393 -39.46 10.65 4.47
CA PHE B 393 -40.50 11.64 4.19
C PHE B 393 -41.70 11.00 3.49
N ASN B 394 -42.86 11.61 3.64
CA ASN B 394 -44.07 11.17 2.95
C ASN B 394 -44.06 11.66 1.51
N PRO B 395 -44.36 10.77 0.54
CA PRO B 395 -44.33 11.20 -0.86
C PRO B 395 -45.47 12.16 -1.21
N LYS B 396 -45.14 13.46 -1.28
CA LYS B 396 -46.09 14.53 -1.58
C LYS B 396 -45.45 15.64 -2.41
N GLY B 397 -46.29 16.51 -2.94
CA GLY B 397 -45.85 17.65 -3.73
C GLY B 397 -44.96 17.22 -4.87
N ASN B 398 -43.87 17.95 -5.06
CA ASN B 398 -42.96 17.74 -6.18
C ASN B 398 -41.62 17.23 -5.69
N ILE B 399 -41.26 16.01 -6.08
CA ILE B 399 -40.00 15.38 -5.66
C ILE B 399 -39.10 15.40 -6.89
N ALA B 400 -38.01 16.18 -6.80
CA ALA B 400 -36.99 16.19 -7.84
C ALA B 400 -36.10 14.98 -7.68
N VAL B 401 -35.86 14.26 -8.78
CA VAL B 401 -34.90 13.15 -8.81
C VAL B 401 -33.88 13.49 -9.91
N ILE B 402 -32.65 13.79 -9.50
CA ILE B 402 -31.66 14.42 -10.39
C ILE B 402 -30.32 13.71 -10.30
N GLY B 403 -29.69 13.49 -11.47
CA GLY B 403 -28.33 12.94 -11.55
C GLY B 403 -28.20 11.86 -12.60
N PRO B 404 -26.97 11.51 -12.98
CA PRO B 404 -26.77 10.48 -14.00
C PRO B 404 -27.21 9.07 -13.58
N LEU B 405 -27.40 8.81 -12.28
CA LEU B 405 -27.95 7.52 -11.82
C LEU B 405 -29.48 7.56 -11.57
N ALA B 406 -30.14 8.68 -11.90
CA ALA B 406 -31.57 8.86 -11.61
C ALA B 406 -32.48 8.10 -12.59
N ASP B 407 -32.12 8.09 -13.87
CA ASP B 407 -32.92 7.42 -14.90
C ASP B 407 -32.06 6.49 -15.75
N SER B 408 -31.36 5.57 -15.10
CA SER B 408 -30.66 4.49 -15.80
C SER B 408 -31.20 3.16 -15.33
N ARG B 409 -31.82 2.41 -16.23
CA ARG B 409 -32.25 1.05 -15.92
C ARG B 409 -31.04 0.13 -15.75
N THR B 410 -30.12 0.24 -16.72
CA THR B 410 -29.06 -0.74 -16.91
C THR B 410 -27.98 -0.70 -15.82
N ASN B 411 -27.84 0.46 -15.16
CA ASN B 411 -26.92 0.57 -14.02
C ASN B 411 -27.48 0.15 -12.65
N MET B 412 -28.77 -0.19 -12.56
CA MET B 412 -29.36 -0.61 -11.28
C MET B 412 -28.89 -1.96 -10.71
N PRO B 413 -28.80 -3.02 -11.55
CA PRO B 413 -28.48 -4.35 -10.98
C PRO B 413 -27.11 -4.46 -10.34
N GLY B 414 -26.13 -3.76 -10.91
CA GLY B 414 -24.75 -3.79 -10.44
C GLY B 414 -23.87 -4.57 -11.40
N THR B 415 -22.57 -4.45 -11.21
CA THR B 415 -21.60 -5.28 -11.93
C THR B 415 -21.85 -6.77 -11.66
N TRP B 416 -21.32 -7.63 -12.52
CA TRP B 416 -21.51 -9.08 -12.40
C TRP B 416 -23.00 -9.47 -12.31
N SER B 417 -23.73 -9.05 -13.34
CA SER B 417 -25.13 -9.40 -13.54
C SER B 417 -25.28 -9.99 -14.96
N VAL B 418 -24.42 -10.95 -15.32
CA VAL B 418 -24.27 -11.38 -16.72
C VAL B 418 -25.49 -12.07 -17.34
N ALA B 419 -26.38 -12.62 -16.52
CA ALA B 419 -27.61 -13.27 -17.00
C ALA B 419 -28.85 -12.38 -16.87
N ALA B 420 -28.70 -11.20 -16.26
CA ALA B 420 -29.82 -10.28 -16.07
C ALA B 420 -30.27 -9.69 -17.40
N VAL B 421 -31.55 -9.29 -17.47
CA VAL B 421 -32.04 -8.45 -18.56
C VAL B 421 -31.94 -7.02 -18.05
N LEU B 422 -30.87 -6.34 -18.44
CA LEU B 422 -30.48 -5.07 -17.82
C LEU B 422 -31.52 -3.98 -18.01
N ASP B 423 -32.04 -3.88 -19.24
CA ASP B 423 -33.02 -2.84 -19.60
C ASP B 423 -34.47 -3.16 -19.23
N ARG B 424 -34.67 -4.22 -18.44
CA ARG B 424 -35.94 -4.53 -17.80
C ARG B 424 -36.02 -3.99 -16.37
N CYS B 425 -34.88 -3.71 -15.73
CA CYS B 425 -34.88 -3.15 -14.38
C CYS B 425 -35.45 -1.73 -14.40
N PRO B 426 -36.36 -1.39 -13.46
CA PRO B 426 -36.87 -0.02 -13.45
C PRO B 426 -35.77 0.95 -13.04
N SER B 427 -35.65 2.09 -13.71
CA SER B 427 -34.77 3.15 -13.21
C SER B 427 -35.34 3.72 -11.93
N LEU B 428 -34.52 4.46 -11.17
CA LEU B 428 -34.99 5.06 -9.93
C LEU B 428 -36.22 5.94 -10.17
N VAL B 429 -36.15 6.79 -11.19
CA VAL B 429 -37.28 7.65 -11.56
C VAL B 429 -38.54 6.83 -11.87
N GLU B 430 -38.39 5.75 -12.64
CA GLU B 430 -39.53 4.89 -12.98
C GLU B 430 -40.15 4.23 -11.75
N GLY B 431 -39.31 3.70 -10.86
CA GLY B 431 -39.79 3.05 -9.64
C GLY B 431 -40.46 4.01 -8.68
N LEU B 432 -39.87 5.20 -8.50
CA LEU B 432 -40.47 6.21 -7.63
C LEU B 432 -41.75 6.79 -8.22
N LYS B 433 -41.81 6.94 -9.54
CA LYS B 433 -43.06 7.33 -10.23
C LYS B 433 -44.20 6.34 -9.94
N GLU B 434 -43.89 5.05 -10.07
CA GLU B 434 -44.83 3.98 -9.74
C GLU B 434 -45.31 4.04 -8.30
N MET B 435 -44.37 4.20 -7.39
CA MET B 435 -44.67 4.19 -5.96
C MET B 435 -45.38 5.45 -5.46
N THR B 436 -45.32 6.54 -6.22
CA THR B 436 -45.97 7.79 -5.80
C THR B 436 -47.14 8.24 -6.67
N ALA B 437 -47.56 7.38 -7.62
CA ALA B 437 -48.62 7.72 -8.56
C ALA B 437 -49.86 8.13 -7.78
N GLY B 438 -50.40 9.30 -8.11
CA GLY B 438 -51.53 9.88 -7.40
C GLY B 438 -51.22 10.67 -6.13
N LYS B 439 -49.98 10.59 -5.63
CA LYS B 439 -49.59 11.22 -4.37
C LYS B 439 -48.54 12.34 -4.54
N ALA B 440 -47.61 12.16 -5.47
CA ALA B 440 -46.58 13.17 -5.76
C ALA B 440 -46.21 13.19 -7.22
N ASN B 441 -45.59 14.28 -7.66
CA ASN B 441 -44.98 14.37 -8.97
C ASN B 441 -43.49 14.14 -8.83
N ILE B 442 -42.96 13.30 -9.70
CA ILE B 442 -41.54 13.01 -9.80
C ILE B 442 -41.02 13.85 -10.95
N LEU B 443 -40.14 14.80 -10.65
CA LEU B 443 -39.57 15.68 -11.68
C LEU B 443 -38.11 15.26 -11.93
N TYR B 444 -37.79 14.88 -13.16
CA TYR B 444 -36.48 14.35 -13.49
C TYR B 444 -35.62 15.40 -14.18
N ALA B 445 -34.34 15.43 -13.84
CA ALA B 445 -33.32 16.02 -14.70
C ALA B 445 -32.03 15.24 -14.62
N LYS B 446 -31.38 15.05 -15.76
CA LYS B 446 -30.14 14.30 -15.81
C LYS B 446 -29.07 14.97 -14.95
N GLY B 447 -28.96 16.30 -15.03
CA GLY B 447 -28.09 17.06 -14.13
C GLY B 447 -26.63 17.14 -14.51
N SER B 448 -26.03 16.00 -14.83
CA SER B 448 -24.65 15.93 -15.32
C SER B 448 -24.44 14.63 -16.08
N ASN B 449 -23.32 14.58 -16.81
CA ASN B 449 -22.79 13.30 -17.27
C ASN B 449 -22.23 12.50 -16.08
N LEU B 450 -21.77 11.29 -16.35
CA LEU B 450 -21.11 10.48 -15.32
C LEU B 450 -19.87 11.17 -14.79
N ILE B 451 -19.06 11.67 -15.70
CA ILE B 451 -17.78 12.27 -15.39
C ILE B 451 -17.44 13.20 -16.56
N SER B 452 -16.57 14.20 -16.34
CA SER B 452 -16.28 15.16 -17.41
C SER B 452 -15.69 14.48 -18.64
N ASP B 453 -14.74 13.59 -18.43
CA ASP B 453 -14.01 12.96 -19.54
C ASP B 453 -14.88 11.93 -20.27
N ALA B 454 -15.13 12.16 -21.56
CA ALA B 454 -16.02 11.32 -22.37
C ALA B 454 -15.50 9.90 -22.55
N SER B 455 -14.19 9.77 -22.74
CA SER B 455 -13.55 8.47 -22.87
C SER B 455 -13.70 7.65 -21.60
N TYR B 456 -13.48 8.27 -20.46
CA TYR B 456 -13.72 7.61 -19.16
C TYR B 456 -15.15 7.12 -19.11
N GLU B 457 -16.11 8.00 -19.37
CA GLU B 457 -17.51 7.60 -19.30
C GLU B 457 -17.81 6.38 -20.18
N GLU B 458 -17.24 6.35 -21.38
CA GLU B 458 -17.41 5.20 -22.29
C GLU B 458 -16.93 3.88 -21.66
N ARG B 459 -15.71 3.84 -21.14
CA ARG B 459 -15.23 2.59 -20.52
C ARG B 459 -15.94 2.26 -19.20
N ALA B 460 -16.36 3.30 -18.47
CA ALA B 460 -17.15 3.14 -17.23
C ALA B 460 -18.57 2.63 -17.45
N THR B 461 -19.06 2.71 -18.68
CA THR B 461 -20.43 2.28 -19.02
C THR B 461 -20.47 1.17 -20.06
N MET B 462 -19.38 0.41 -20.16
CA MET B 462 -19.34 -0.77 -21.06
C MET B 462 -20.25 -1.91 -20.57
N PHE B 463 -20.35 -2.98 -21.37
CA PHE B 463 -21.26 -4.10 -21.09
C PHE B 463 -22.74 -3.66 -21.03
N GLY B 464 -23.12 -2.70 -21.87
CA GLY B 464 -24.51 -2.25 -22.02
C GLY B 464 -25.06 -1.29 -20.96
N ARG B 465 -24.17 -0.53 -20.32
CA ARG B 465 -24.56 0.41 -19.26
C ARG B 465 -24.52 1.87 -19.71
N SER B 466 -24.58 2.14 -21.02
CA SER B 466 -24.54 3.51 -21.53
C SER B 466 -25.57 4.41 -20.85
N LEU B 467 -25.19 5.65 -20.56
CA LEU B 467 -26.13 6.64 -20.05
C LEU B 467 -26.66 7.55 -21.16
N ASN B 468 -26.42 7.17 -22.40
CA ASN B 468 -26.78 7.97 -23.58
C ASN B 468 -26.28 9.39 -23.48
N ARG B 469 -24.97 9.51 -23.23
CA ARG B 469 -24.28 10.78 -23.31
C ARG B 469 -24.47 11.36 -24.71
N ASP B 470 -24.74 12.65 -24.78
CA ASP B 470 -24.98 13.33 -26.06
C ASP B 470 -24.19 14.64 -26.10
N ASN B 471 -24.55 15.56 -26.99
CA ASN B 471 -23.82 16.82 -27.15
C ASN B 471 -24.14 17.92 -26.12
N ARG B 472 -25.09 17.68 -25.23
CA ARG B 472 -25.39 18.65 -24.18
C ARG B 472 -24.19 18.77 -23.24
N THR B 473 -23.76 20.00 -23.00
CA THR B 473 -22.58 20.28 -22.19
C THR B 473 -22.93 20.11 -20.71
N ASP B 474 -21.90 20.03 -19.88
CA ASP B 474 -22.06 20.02 -18.43
C ASP B 474 -22.93 21.20 -17.95
N GLU B 475 -22.71 22.37 -18.56
CA GLU B 475 -23.37 23.60 -18.13
C GLU B 475 -24.85 23.57 -18.48
N GLN B 476 -25.18 23.09 -19.68
CA GLN B 476 -26.57 22.89 -20.08
C GLN B 476 -27.32 21.94 -19.16
N LEU B 477 -26.71 20.79 -18.86
CA LEU B 477 -27.35 19.80 -17.99
C LEU B 477 -27.55 20.37 -16.60
N LEU B 478 -26.56 21.11 -16.10
CA LEU B 478 -26.71 21.76 -14.80
C LEU B 478 -27.88 22.73 -14.79
N ASN B 479 -27.96 23.57 -15.82
CA ASN B 479 -28.98 24.60 -15.88
C ASN B 479 -30.39 24.02 -15.86
N GLU B 480 -30.63 23.03 -16.71
CA GLU B 480 -31.90 22.29 -16.73
C GLU B 480 -32.25 21.73 -15.35
N ALA B 481 -31.25 21.13 -14.67
CA ALA B 481 -31.48 20.55 -13.34
C ALA B 481 -31.85 21.57 -12.28
N LEU B 482 -31.24 22.75 -12.33
CA LEU B 482 -31.56 23.83 -11.38
C LEU B 482 -32.97 24.36 -11.61
N THR B 483 -33.41 24.43 -12.87
CA THR B 483 -34.80 24.78 -13.18
C THR B 483 -35.75 23.78 -12.52
N VAL B 484 -35.46 22.49 -12.69
CA VAL B 484 -36.27 21.44 -12.05
C VAL B 484 -36.17 21.51 -10.52
N ALA B 485 -34.96 21.65 -9.99
CA ALA B 485 -34.75 21.69 -8.53
C ALA B 485 -35.54 22.81 -7.87
N ASN B 486 -35.61 23.97 -8.51
CA ASN B 486 -36.30 25.12 -7.93
C ASN B 486 -37.83 25.08 -8.06
N GLN B 487 -38.36 24.12 -8.82
CA GLN B 487 -39.80 23.79 -8.82
C GLN B 487 -40.20 22.76 -7.76
N SER B 488 -39.21 22.20 -7.05
CA SER B 488 -39.45 21.06 -6.18
C SER B 488 -39.51 21.42 -4.71
N ASP B 489 -40.03 20.47 -3.93
CA ASP B 489 -40.08 20.57 -2.48
C ASP B 489 -38.90 19.84 -1.85
N ILE B 490 -38.34 18.88 -2.58
CA ILE B 490 -37.19 18.12 -2.10
C ILE B 490 -36.42 17.56 -3.30
N ILE B 491 -35.10 17.44 -3.14
CA ILE B 491 -34.20 16.95 -4.20
C ILE B 491 -33.59 15.63 -3.77
N ILE B 492 -33.82 14.59 -4.57
CA ILE B 492 -33.13 13.32 -4.44
C ILE B 492 -32.01 13.34 -5.46
N ALA B 493 -30.78 13.52 -4.98
CA ALA B 493 -29.62 13.53 -5.84
C ALA B 493 -29.13 12.08 -5.96
N ALA B 494 -29.33 11.51 -7.15
CA ALA B 494 -28.96 10.13 -7.45
C ALA B 494 -27.62 10.15 -8.17
N LEU B 495 -26.55 9.98 -7.38
CA LEU B 495 -25.18 10.22 -7.84
C LEU B 495 -24.28 9.07 -7.43
N GLY B 496 -23.12 9.00 -8.09
CA GLY B 496 -22.02 8.14 -7.67
C GLY B 496 -21.37 7.44 -8.84
N GLU B 497 -21.12 6.15 -8.69
CA GLU B 497 -20.49 5.36 -9.72
C GLU B 497 -21.52 4.79 -10.67
N SER B 498 -21.09 4.55 -11.91
CA SER B 498 -21.78 3.60 -12.79
C SER B 498 -21.42 2.21 -12.29
N SER B 499 -22.18 1.20 -12.68
CA SER B 499 -21.97 -0.14 -12.12
C SER B 499 -20.62 -0.70 -12.54
N GLU B 500 -20.18 -0.39 -13.76
CA GLU B 500 -18.89 -0.90 -14.27
C GLU B 500 -17.66 -0.03 -13.94
N MET B 501 -17.83 0.96 -13.07
CA MET B 501 -16.68 1.57 -12.37
C MET B 501 -16.16 0.65 -11.26
N SER B 502 -16.91 -0.41 -10.95
CA SER B 502 -16.42 -1.49 -10.09
C SER B 502 -16.52 -2.84 -10.83
N GLY B 503 -16.29 -3.94 -10.09
CA GLY B 503 -16.16 -5.28 -10.68
C GLY B 503 -14.75 -5.54 -11.15
N GLU B 504 -14.61 -6.50 -12.08
CA GLU B 504 -13.31 -6.91 -12.59
C GLU B 504 -12.69 -5.86 -13.52
N SER B 505 -11.37 -5.67 -13.38
CA SER B 505 -10.61 -4.73 -14.20
C SER B 505 -11.17 -3.30 -14.14
N SER B 506 -11.61 -2.90 -12.95
CA SER B 506 -12.21 -1.59 -12.72
C SER B 506 -11.62 -0.98 -11.44
N SER B 507 -10.34 -0.67 -11.53
CA SER B 507 -9.60 -0.04 -10.42
C SER B 507 -9.58 1.47 -10.59
N ARG B 508 -9.68 2.18 -9.47
CA ARG B 508 -9.70 3.65 -9.46
C ARG B 508 -8.57 4.17 -8.57
N THR B 509 -7.92 5.25 -8.98
CA THR B 509 -6.89 5.94 -8.16
C THR B 509 -7.47 7.13 -7.41
N ASP B 510 -8.62 7.62 -7.85
CA ASP B 510 -9.41 8.61 -7.12
C ASP B 510 -10.74 7.96 -6.75
N LEU B 511 -11.20 8.19 -5.52
CA LEU B 511 -12.44 7.57 -5.01
C LEU B 511 -13.53 8.58 -4.65
N ASN B 512 -13.52 9.76 -5.28
CA ASN B 512 -14.57 10.74 -5.11
C ASN B 512 -15.81 10.36 -5.92
N ILE B 513 -16.93 10.97 -5.57
CA ILE B 513 -18.02 11.13 -6.50
C ILE B 513 -17.43 11.92 -7.68
N PRO B 514 -17.61 11.45 -8.93
CA PRO B 514 -16.95 12.12 -10.05
C PRO B 514 -17.18 13.62 -10.17
N ASP B 515 -16.19 14.30 -10.72
CA ASP B 515 -16.13 15.78 -10.79
C ASP B 515 -17.46 16.49 -11.07
N VAL B 516 -18.05 16.19 -12.22
CA VAL B 516 -19.25 16.92 -12.65
C VAL B 516 -20.46 16.64 -11.77
N GLN B 517 -20.54 15.42 -11.23
CA GLN B 517 -21.59 15.08 -10.27
C GLN B 517 -21.42 15.80 -8.94
N GLN B 518 -20.18 15.92 -8.49
CA GLN B 518 -19.93 16.64 -7.24
C GLN B 518 -20.23 18.13 -7.41
N ASN B 519 -19.90 18.67 -8.57
CA ASN B 519 -20.28 20.04 -8.86
C ASN B 519 -21.80 20.22 -8.91
N LEU B 520 -22.48 19.29 -9.58
CA LEU B 520 -23.94 19.27 -9.59
C LEU B 520 -24.49 19.27 -8.17
N LEU B 521 -23.94 18.40 -7.31
CA LEU B 521 -24.41 18.31 -5.93
C LEU B 521 -24.27 19.65 -5.19
N LYS B 522 -23.13 20.29 -5.38
CA LYS B 522 -22.85 21.60 -4.77
C LYS B 522 -23.89 22.62 -5.21
N GLU B 523 -24.20 22.64 -6.50
CA GLU B 523 -25.18 23.59 -7.03
C GLU B 523 -26.60 23.30 -6.55
N LEU B 524 -26.97 22.02 -6.44
CA LEU B 524 -28.28 21.65 -5.90
C LEU B 524 -28.46 22.12 -4.45
N LEU B 525 -27.41 21.95 -3.64
CA LEU B 525 -27.41 22.46 -2.27
C LEU B 525 -27.60 23.98 -2.22
N LYS B 526 -27.00 24.68 -3.18
CA LYS B 526 -27.09 26.15 -3.23
C LYS B 526 -28.49 26.68 -3.57
N THR B 527 -29.38 25.83 -4.10
CA THR B 527 -30.78 26.22 -4.31
C THR B 527 -31.52 26.50 -2.98
N GLY B 528 -31.02 25.95 -1.87
CA GLY B 528 -31.70 26.04 -0.58
C GLY B 528 -32.81 25.02 -0.37
N LYS B 529 -33.07 24.17 -1.38
CA LYS B 529 -34.04 23.08 -1.23
C LYS B 529 -33.37 21.96 -0.46
N PRO B 530 -34.15 21.18 0.29
CA PRO B 530 -33.51 20.06 0.99
C PRO B 530 -32.99 19.01 0.00
N VAL B 531 -31.79 18.51 0.28
CA VAL B 531 -31.09 17.57 -0.61
C VAL B 531 -30.78 16.28 0.14
N VAL B 532 -31.20 15.16 -0.45
CA VAL B 532 -30.84 13.83 0.01
C VAL B 532 -29.93 13.25 -1.05
N LEU B 533 -28.77 12.77 -0.63
CA LEU B 533 -27.84 12.08 -1.52
C LEU B 533 -28.15 10.59 -1.44
N VAL B 534 -28.62 10.05 -2.55
CA VAL B 534 -28.79 8.62 -2.73
C VAL B 534 -27.59 8.18 -3.54
N LEU B 535 -26.66 7.52 -2.84
CA LEU B 535 -25.34 7.20 -3.35
C LEU B 535 -25.26 5.78 -3.91
N PHE B 536 -24.98 5.70 -5.21
CA PHE B 536 -24.69 4.43 -5.89
C PHE B 536 -23.18 4.23 -5.92
N THR B 537 -22.72 3.08 -5.44
CA THR B 537 -21.30 2.77 -5.45
C THR B 537 -21.03 1.27 -5.28
N GLY B 538 -19.90 0.82 -5.82
CA GLY B 538 -19.46 -0.56 -5.65
C GLY B 538 -18.31 -0.70 -4.67
N ARG B 539 -17.96 0.42 -4.00
CA ARG B 539 -16.77 0.48 -3.19
C ARG B 539 -16.92 1.63 -2.19
N PRO B 540 -16.08 1.65 -1.14
CA PRO B 540 -15.95 2.88 -0.35
C PRO B 540 -15.52 4.06 -1.23
N LEU B 541 -16.11 5.22 -0.95
CA LEU B 541 -15.75 6.48 -1.59
C LEU B 541 -15.22 7.42 -0.51
N THR B 542 -14.56 8.47 -0.95
CA THR B 542 -13.98 9.48 -0.08
C THR B 542 -14.97 10.64 -0.02
N LEU B 543 -15.70 10.72 1.09
CA LEU B 543 -16.93 11.52 1.18
C LEU B 543 -16.88 12.66 2.21
N THR B 544 -15.69 13.12 2.58
CA THR B 544 -15.60 14.13 3.64
C THR B 544 -16.37 15.41 3.30
N TRP B 545 -16.31 15.86 2.05
CA TRP B 545 -17.06 17.04 1.62
C TRP B 545 -18.57 16.80 1.75
N GLU B 546 -19.04 15.64 1.33
CA GLU B 546 -20.45 15.31 1.36
C GLU B 546 -20.94 15.19 2.82
N GLN B 547 -20.15 14.57 3.68
CA GLN B 547 -20.46 14.49 5.12
C GLN B 547 -20.59 15.89 5.76
N GLU B 548 -19.78 16.85 5.31
CA GLU B 548 -19.83 18.21 5.87
C GLU B 548 -21.09 18.97 5.40
N HIS B 549 -21.47 18.81 4.14
CA HIS B 549 -22.41 19.72 3.47
C HIS B 549 -23.81 19.18 3.13
N VAL B 550 -23.98 17.86 3.00
CA VAL B 550 -25.26 17.26 2.59
C VAL B 550 -26.00 16.79 3.83
N PRO B 551 -27.28 17.16 4.00
CA PRO B 551 -27.93 16.75 5.25
C PRO B 551 -28.16 15.25 5.43
N ALA B 552 -28.55 14.58 4.36
CA ALA B 552 -28.81 13.14 4.43
C ALA B 552 -28.07 12.40 3.33
N ILE B 553 -27.48 11.26 3.69
CA ILE B 553 -26.74 10.41 2.76
C ILE B 553 -27.14 8.96 3.00
N LEU B 554 -27.73 8.35 1.98
CA LEU B 554 -28.13 6.95 2.00
C LEU B 554 -27.28 6.23 0.97
N ASN B 555 -26.41 5.34 1.45
CA ASN B 555 -25.62 4.50 0.57
C ASN B 555 -26.46 3.31 0.14
N VAL B 556 -26.80 3.29 -1.14
CA VAL B 556 -27.64 2.23 -1.72
C VAL B 556 -26.83 1.19 -2.49
N TRP B 557 -25.50 1.29 -2.45
CA TRP B 557 -24.63 0.40 -3.20
C TRP B 557 -25.16 0.24 -4.65
N PHE B 558 -25.35 -1.00 -5.10
CA PHE B 558 -26.20 -1.31 -6.25
C PHE B 558 -27.13 -2.41 -5.78
N GLY B 559 -28.41 -2.08 -5.63
CA GLY B 559 -29.37 -2.91 -4.94
C GLY B 559 -30.02 -4.03 -5.73
N GLY B 560 -29.64 -4.20 -6.99
CA GLY B 560 -30.19 -5.29 -7.82
C GLY B 560 -31.29 -4.82 -8.76
N SER B 561 -32.04 -5.78 -9.30
CA SER B 561 -33.02 -5.47 -10.32
C SER B 561 -34.18 -4.65 -9.75
N GLU B 562 -34.44 -4.79 -8.44
CA GLU B 562 -35.54 -4.10 -7.77
C GLU B 562 -35.05 -2.95 -6.89
N ALA B 563 -33.86 -2.43 -7.19
CA ALA B 563 -33.24 -1.36 -6.39
C ALA B 563 -34.14 -0.15 -6.29
N ALA B 564 -34.75 0.25 -7.40
CA ALA B 564 -35.59 1.45 -7.42
C ALA B 564 -36.69 1.37 -6.38
N TYR B 565 -37.34 0.21 -6.28
CA TYR B 565 -38.44 0.03 -5.33
C TYR B 565 -37.95 0.02 -3.89
N ALA B 566 -36.85 -0.69 -3.64
CA ALA B 566 -36.25 -0.72 -2.31
C ALA B 566 -35.84 0.69 -1.86
N ILE B 567 -35.34 1.50 -2.80
CA ILE B 567 -34.93 2.87 -2.47
C ILE B 567 -36.15 3.68 -2.05
N GLY B 568 -37.24 3.57 -2.81
CA GLY B 568 -38.54 4.11 -2.39
C GLY B 568 -38.94 3.68 -0.98
N ASP B 569 -38.85 2.38 -0.72
CA ASP B 569 -39.18 1.83 0.60
C ASP B 569 -38.40 2.53 1.73
N ALA B 570 -37.11 2.75 1.50
CA ALA B 570 -36.27 3.42 2.49
C ALA B 570 -36.63 4.90 2.62
N LEU B 571 -36.70 5.60 1.49
CA LEU B 571 -36.97 7.05 1.48
C LEU B 571 -38.29 7.41 2.15
N PHE B 572 -39.32 6.60 1.88
CA PHE B 572 -40.67 6.90 2.37
C PHE B 572 -40.96 6.28 3.73
N GLY B 573 -39.99 5.59 4.31
CA GLY B 573 -40.10 5.06 5.67
C GLY B 573 -40.80 3.72 5.77
N TYR B 574 -41.05 3.04 4.65
CA TYR B 574 -41.66 1.70 4.69
C TYR B 574 -40.68 0.69 5.29
N VAL B 575 -39.39 0.91 5.04
CA VAL B 575 -38.30 0.17 5.69
C VAL B 575 -37.42 1.20 6.41
N ASN B 576 -37.10 0.90 7.67
CA ASN B 576 -36.12 1.66 8.43
C ASN B 576 -34.72 1.09 8.16
N PRO B 577 -33.82 1.88 7.55
CA PRO B 577 -32.47 1.38 7.25
C PRO B 577 -31.78 0.79 8.47
N GLY B 578 -31.13 -0.35 8.27
CA GLY B 578 -30.35 -0.99 9.33
C GLY B 578 -29.03 -1.56 8.89
N GLY B 579 -28.58 -1.21 7.68
CA GLY B 579 -27.32 -1.69 7.18
C GLY B 579 -26.15 -1.13 7.97
N LYS B 580 -25.07 -1.89 8.03
CA LYS B 580 -23.84 -1.47 8.70
C LYS B 580 -22.69 -1.77 7.75
N LEU B 581 -21.74 -0.84 7.66
CA LEU B 581 -20.62 -1.00 6.74
C LEU B 581 -19.79 -2.22 7.08
N THR B 582 -19.29 -2.89 6.04
CA THR B 582 -18.34 -4.00 6.20
C THR B 582 -16.94 -3.67 5.67
N MET B 583 -16.75 -2.44 5.20
CA MET B 583 -15.43 -1.95 4.78
C MET B 583 -15.31 -0.47 5.17
N SER B 584 -14.14 -0.10 5.71
CA SER B 584 -13.85 1.28 6.14
C SER B 584 -13.97 2.25 4.97
N PHE B 585 -14.48 3.45 5.23
CA PHE B 585 -14.54 4.54 4.24
C PHE B 585 -13.46 5.57 4.59
N PRO B 586 -12.37 5.61 3.81
CA PRO B 586 -11.29 6.55 4.16
C PRO B 586 -11.63 8.00 3.88
N LYS B 587 -10.94 8.89 4.56
CA LYS B 587 -11.04 10.32 4.26
C LYS B 587 -10.33 10.67 2.95
N ASN B 588 -9.20 10.04 2.65
CA ASN B 588 -8.54 10.24 1.36
C ASN B 588 -7.77 8.99 0.97
N VAL B 589 -7.40 8.92 -0.31
N VAL B 589 -7.40 8.88 -0.31
CA VAL B 589 -6.66 7.80 -0.86
CA VAL B 589 -6.65 7.71 -0.80
C VAL B 589 -5.26 7.63 -0.26
C VAL B 589 -5.25 7.60 -0.22
N GLY B 590 -4.68 8.73 0.22
CA GLY B 590 -3.42 8.71 0.97
C GLY B 590 -3.42 7.99 2.31
N GLN B 591 -4.59 7.69 2.88
CA GLN B 591 -4.68 6.86 4.10
C GLN B 591 -4.69 5.36 3.84
N ILE B 592 -4.86 4.95 2.57
CA ILE B 592 -4.95 3.52 2.23
C ILE B 592 -3.63 2.78 2.55
N PRO B 593 -3.67 1.63 3.22
CA PRO B 593 -4.87 0.92 3.65
C PRO B 593 -5.32 1.31 5.06
N LEU B 594 -6.63 1.48 5.22
CA LEU B 594 -7.21 1.79 6.50
C LEU B 594 -8.14 0.64 6.83
N TYR B 595 -8.01 0.08 8.03
CA TYR B 595 -8.82 -1.05 8.46
C TYR B 595 -8.89 -1.06 9.97
N TYR B 596 -10.00 -1.52 10.53
CA TYR B 596 -10.26 -1.38 11.96
C TYR B 596 -9.37 -2.33 12.79
N ALA B 597 -9.05 -3.51 12.25
CA ALA B 597 -8.33 -4.55 12.99
C ALA B 597 -6.82 -4.42 12.78
N HIS B 598 -6.32 -3.24 13.10
CA HIS B 598 -4.92 -2.86 12.87
C HIS B 598 -4.10 -3.07 14.15
N LYS B 599 -2.78 -3.19 14.00
CA LYS B 599 -1.89 -3.30 15.15
C LYS B 599 -1.78 -1.92 15.79
N ASN B 600 -1.38 -1.87 17.05
CA ASN B 600 -1.29 -0.60 17.79
C ASN B 600 -0.11 0.28 17.39
N THR B 601 0.95 -0.34 16.87
CA THR B 601 2.28 0.25 16.71
C THR B 601 2.94 0.55 18.06
N GLY B 602 4.22 0.88 17.98
CA GLY B 602 4.99 1.33 19.14
C GLY B 602 4.76 2.78 19.50
N ARG B 603 4.16 3.58 18.60
CA ARG B 603 3.93 5.00 18.84
C ARG B 603 2.50 5.39 18.47
N PRO B 604 1.51 4.75 19.12
CA PRO B 604 0.10 5.07 18.84
C PRO B 604 -0.24 6.53 19.13
N LEU B 605 -1.02 7.15 18.26
CA LEU B 605 -1.58 8.46 18.52
C LEU B 605 -2.82 8.27 19.37
N ALA B 606 -2.84 8.86 20.56
CA ALA B 606 -4.02 8.75 21.44
C ALA B 606 -5.20 9.52 20.87
N GLN B 607 -6.41 9.13 21.27
CA GLN B 607 -7.64 9.77 20.81
C GLN B 607 -7.59 11.26 21.07
N GLY B 608 -7.94 12.04 20.05
CA GLY B 608 -7.98 13.49 20.15
C GLY B 608 -6.66 14.24 20.17
N LYS B 609 -5.54 13.53 20.01
CA LYS B 609 -4.21 14.16 20.10
C LYS B 609 -3.65 14.60 18.74
N TRP B 610 -4.35 14.32 17.64
CA TRP B 610 -3.86 14.75 16.32
C TRP B 610 -3.74 16.28 16.29
N PHE B 611 -2.62 16.87 15.90
CA PHE B 611 -1.37 16.24 15.46
C PHE B 611 -0.39 16.21 16.60
N GLU B 612 0.40 15.14 16.69
CA GLU B 612 1.47 15.04 17.67
C GLU B 612 2.76 14.52 17.02
N LYS B 613 3.80 15.35 17.05
CA LYS B 613 5.10 14.97 16.53
C LYS B 613 5.63 13.77 17.32
N PHE B 614 6.27 12.84 16.59
CA PHE B 614 6.81 11.58 17.12
C PHE B 614 5.79 10.51 17.45
N ARG B 615 4.56 10.66 16.96
CA ARG B 615 3.55 9.60 17.05
C ARG B 615 3.26 9.14 15.63
N SER B 616 2.63 7.98 15.51
CA SER B 616 2.26 7.44 14.22
C SER B 616 1.06 8.21 13.71
N ASN B 617 1.33 9.24 12.92
CA ASN B 617 0.30 10.12 12.37
C ASN B 617 0.82 10.93 11.20
N TYR B 618 -0.12 11.49 10.44
CA TYR B 618 0.17 12.31 9.26
C TYR B 618 0.09 13.80 9.56
N LEU B 619 0.77 14.58 8.74
CA LEU B 619 0.77 16.05 8.86
C LEU B 619 -0.56 16.71 8.50
N ASP B 620 -1.38 16.04 7.68
CA ASP B 620 -2.49 16.70 6.97
C ASP B 620 -3.88 16.11 7.18
N VAL B 621 -3.99 14.99 7.90
CA VAL B 621 -5.28 14.39 8.22
C VAL B 621 -5.02 13.51 9.42
N ASP B 622 -6.03 13.26 10.25
CA ASP B 622 -5.90 12.32 11.35
C ASP B 622 -5.89 10.87 10.83
N ASN B 623 -5.80 9.91 11.73
CA ASN B 623 -5.66 8.51 11.31
C ASN B 623 -6.96 7.79 10.98
N GLU B 624 -8.09 8.47 11.14
CA GLU B 624 -9.38 7.79 11.18
C GLU B 624 -10.04 7.72 9.82
N PRO B 625 -10.83 6.66 9.59
CA PRO B 625 -11.72 6.67 8.44
C PRO B 625 -12.83 7.68 8.68
N LEU B 626 -13.46 8.15 7.61
CA LEU B 626 -14.68 8.96 7.76
C LEU B 626 -15.78 8.16 8.45
N TYR B 627 -16.01 6.95 7.94
CA TYR B 627 -16.96 6.01 8.54
C TYR B 627 -16.22 4.70 8.82
N PRO B 628 -16.23 4.24 10.08
CA PRO B 628 -15.53 3.02 10.45
C PRO B 628 -16.29 1.74 10.06
N PHE B 629 -15.57 0.62 10.05
CA PHE B 629 -16.21 -0.69 9.99
C PHE B 629 -17.37 -0.82 10.98
N GLY B 630 -18.49 -1.35 10.50
CA GLY B 630 -19.67 -1.55 11.32
C GLY B 630 -20.56 -0.35 11.47
N TYR B 631 -20.25 0.76 10.80
CA TYR B 631 -21.01 2.00 10.94
C TYR B 631 -22.32 1.96 10.17
N GLY B 632 -23.38 2.46 10.78
CA GLY B 632 -24.62 2.66 10.06
C GLY B 632 -25.68 3.17 11.00
N LEU B 633 -26.47 4.13 10.52
CA LEU B 633 -27.48 4.82 11.32
C LEU B 633 -28.86 4.22 11.05
N SER B 634 -29.83 4.72 11.79
CA SER B 634 -31.20 4.25 11.69
C SER B 634 -32.10 5.46 11.86
N TYR B 635 -33.38 5.32 11.49
CA TYR B 635 -34.36 6.36 11.79
C TYR B 635 -34.67 6.47 13.29
N THR B 636 -34.29 5.45 14.08
CA THR B 636 -34.33 5.51 15.55
C THR B 636 -32.91 5.55 16.12
N THR B 637 -32.82 5.56 17.44
CA THR B 637 -31.55 5.48 18.15
C THR B 637 -31.56 4.28 19.11
N PHE B 638 -30.37 3.75 19.35
CA PHE B 638 -30.18 2.64 20.29
C PHE B 638 -29.19 3.09 21.34
N SER B 639 -29.40 2.63 22.57
CA SER B 639 -28.53 2.96 23.70
C SER B 639 -28.10 1.67 24.36
N TYR B 640 -26.83 1.61 24.74
CA TYR B 640 -26.22 0.41 25.31
C TYR B 640 -25.92 0.64 26.78
N GLY B 641 -26.29 -0.33 27.62
CA GLY B 641 -25.88 -0.33 29.02
C GLY B 641 -24.46 -0.84 29.14
N ASP B 642 -24.01 -1.02 30.38
CA ASP B 642 -22.66 -1.54 30.62
C ASP B 642 -22.61 -3.03 30.35
N ILE B 643 -21.42 -3.52 30.03
CA ILE B 643 -21.22 -4.93 29.75
C ILE B 643 -21.14 -5.71 31.05
N ASP B 644 -21.90 -6.80 31.09
CA ASP B 644 -21.94 -7.73 32.20
C ASP B 644 -21.20 -8.98 31.74
N LEU B 645 -20.03 -9.24 32.34
CA LEU B 645 -19.31 -10.50 32.12
C LEU B 645 -19.65 -11.47 33.26
N SER B 646 -20.05 -12.69 32.92
CA SER B 646 -20.48 -13.67 33.92
C SER B 646 -19.32 -14.18 34.78
N ARG B 647 -18.10 -14.17 34.24
CA ARG B 647 -16.88 -14.45 34.99
C ARG B 647 -15.84 -13.35 34.74
N SER B 648 -14.94 -13.17 35.70
CA SER B 648 -13.75 -12.36 35.52
C SER B 648 -12.55 -13.20 35.08
N THR B 649 -12.63 -14.52 35.25
CA THR B 649 -11.56 -15.44 34.85
C THR B 649 -12.08 -16.79 34.36
N ILE B 650 -11.45 -17.33 33.32
CA ILE B 650 -11.68 -18.70 32.85
C ILE B 650 -10.38 -19.40 32.50
N ASP B 651 -10.38 -20.72 32.52
CA ASP B 651 -9.22 -21.50 32.04
C ASP B 651 -9.47 -22.00 30.61
N MET B 652 -8.53 -22.77 30.07
CA MET B 652 -8.59 -23.25 28.68
C MET B 652 -9.81 -24.09 28.31
N THR B 653 -10.47 -24.71 29.30
CA THR B 653 -11.66 -25.52 29.07
C THR B 653 -12.95 -24.80 29.48
N GLY B 654 -12.84 -23.53 29.89
CA GLY B 654 -13.96 -22.78 30.46
C GLY B 654 -14.71 -21.93 29.46
N GLU B 655 -15.57 -21.07 29.98
CA GLU B 655 -16.47 -20.27 29.16
C GLU B 655 -17.08 -19.14 30.01
N LEU B 656 -17.49 -18.06 29.35
CA LEU B 656 -18.24 -16.99 30.00
C LEU B 656 -19.24 -16.38 29.04
N THR B 657 -20.14 -15.58 29.59
CA THR B 657 -21.16 -14.87 28.83
C THR B 657 -20.96 -13.37 29.02
N ALA B 658 -20.94 -12.63 27.90
CA ALA B 658 -20.90 -11.17 27.89
C ALA B 658 -22.29 -10.72 27.51
N ALA B 659 -22.91 -9.88 28.33
CA ALA B 659 -24.29 -9.45 28.11
C ALA B 659 -24.38 -7.95 28.20
N VAL B 660 -25.27 -7.39 27.39
CA VAL B 660 -25.50 -5.96 27.37
C VAL B 660 -26.96 -5.70 27.03
N MET B 661 -27.57 -4.75 27.73
CA MET B 661 -28.93 -4.32 27.43
C MET B 661 -28.90 -3.26 26.35
N VAL B 662 -29.64 -3.49 25.27
CA VAL B 662 -29.78 -2.55 24.17
C VAL B 662 -31.22 -2.04 24.16
N THR B 663 -31.38 -0.72 24.20
CA THR B 663 -32.69 -0.08 24.29
C THR B 663 -32.93 0.78 23.07
N ASN B 664 -34.13 0.66 22.49
CA ASN B 664 -34.57 1.56 21.43
C ASN B 664 -35.07 2.85 22.08
N THR B 665 -34.27 3.90 21.96
CA THR B 665 -34.53 5.19 22.61
C THR B 665 -35.16 6.26 21.73
N GLY B 666 -35.51 5.92 20.49
CA GLY B 666 -36.14 6.88 19.58
C GLY B 666 -37.60 6.54 19.32
N THR B 667 -38.13 7.08 18.22
CA THR B 667 -39.56 7.00 17.93
C THR B 667 -39.92 5.98 16.84
N TRP B 668 -38.93 5.32 16.25
CA TRP B 668 -39.15 4.39 15.15
C TRP B 668 -38.85 2.95 15.54
N PRO B 669 -39.67 1.99 15.07
CA PRO B 669 -39.26 0.59 15.14
C PRO B 669 -38.04 0.41 14.23
N GLY B 670 -37.08 -0.39 14.63
CA GLY B 670 -35.90 -0.62 13.80
C GLY B 670 -34.99 -1.74 14.26
N SER B 671 -34.10 -2.15 13.36
CA SER B 671 -33.12 -3.17 13.69
C SER B 671 -31.76 -2.56 14.01
N GLU B 672 -31.03 -3.24 14.90
CA GLU B 672 -29.67 -2.87 15.29
C GLU B 672 -28.77 -4.09 15.19
N VAL B 673 -27.61 -3.92 14.55
CA VAL B 673 -26.60 -4.96 14.54
C VAL B 673 -25.67 -4.67 15.71
N VAL B 674 -25.82 -5.49 16.75
CA VAL B 674 -25.01 -5.42 17.95
C VAL B 674 -23.76 -6.24 17.67
N GLN B 675 -22.59 -5.59 17.81
CA GLN B 675 -21.33 -6.15 17.33
C GLN B 675 -20.42 -6.49 18.49
N LEU B 676 -19.85 -7.70 18.47
CA LEU B 676 -18.92 -8.17 19.50
C LEU B 676 -17.50 -8.10 18.99
N TYR B 677 -16.65 -7.36 19.68
CA TYR B 677 -15.22 -7.31 19.38
C TYR B 677 -14.41 -7.78 20.57
N ILE B 678 -13.27 -8.40 20.29
CA ILE B 678 -12.34 -8.85 21.33
C ILE B 678 -10.94 -8.32 21.00
N ARG B 679 -10.26 -7.77 22.01
CA ARG B 679 -8.84 -7.42 21.94
C ARG B 679 -8.08 -8.32 22.88
N ASP B 680 -7.07 -9.01 22.33
CA ASP B 680 -6.10 -9.76 23.08
C ASP B 680 -5.04 -8.75 23.49
N LEU B 681 -4.99 -8.37 24.77
CA LEU B 681 -4.20 -7.19 25.17
C LEU B 681 -2.69 -7.35 24.94
N VAL B 682 -2.16 -8.53 25.27
CA VAL B 682 -0.74 -8.82 25.13
C VAL B 682 -0.59 -10.12 24.35
N GLY B 683 0.33 -10.16 23.41
CA GLY B 683 0.62 -11.38 22.66
C GLY B 683 2.10 -11.60 22.54
N SER B 684 2.48 -12.84 22.22
CA SER B 684 3.86 -13.16 21.86
C SER B 684 4.22 -12.52 20.51
N THR B 685 3.20 -12.25 19.69
CA THR B 685 3.27 -11.33 18.55
C THR B 685 2.24 -10.22 18.78
N THR B 686 2.37 -9.11 18.06
CA THR B 686 1.45 -8.01 18.23
C THR B 686 0.07 -8.40 17.71
N ARG B 687 -0.96 -8.01 18.43
CA ARG B 687 -2.32 -8.40 18.13
C ARG B 687 -3.10 -7.16 17.72
N PRO B 688 -4.16 -7.34 16.92
CA PRO B 688 -4.97 -6.18 16.56
C PRO B 688 -5.62 -5.51 17.75
N VAL B 689 -5.91 -4.22 17.59
CA VAL B 689 -6.62 -3.45 18.61
C VAL B 689 -8.05 -3.92 18.86
N LYS B 690 -8.65 -4.57 17.87
CA LYS B 690 -9.88 -5.36 18.09
C LYS B 690 -10.12 -6.29 16.90
N GLU B 691 -10.88 -7.36 17.14
CA GLU B 691 -11.35 -8.27 16.09
C GLU B 691 -12.81 -8.58 16.32
N LEU B 692 -13.59 -8.53 15.25
CA LEU B 692 -14.99 -8.94 15.32
C LEU B 692 -15.03 -10.43 15.61
N LYS B 693 -15.78 -10.81 16.65
CA LYS B 693 -15.90 -12.22 17.01
C LYS B 693 -17.34 -12.70 17.15
N GLY B 694 -18.31 -11.82 16.93
CA GLY B 694 -19.71 -12.20 16.94
C GLY B 694 -20.58 -11.00 16.63
N PHE B 695 -21.86 -11.27 16.37
CA PHE B 695 -22.84 -10.21 16.25
C PHE B 695 -24.24 -10.77 16.36
N GLN B 696 -25.18 -9.90 16.71
CA GLN B 696 -26.59 -10.25 16.66
C GLN B 696 -27.39 -9.08 16.14
N LYS B 697 -28.20 -9.35 15.13
CA LYS B 697 -29.10 -8.36 14.58
C LYS B 697 -30.44 -8.47 15.32
N ILE B 698 -30.79 -7.43 16.06
CA ILE B 698 -32.00 -7.40 16.87
C ILE B 698 -33.00 -6.41 16.28
N PHE B 699 -34.28 -6.64 16.50
CA PHE B 699 -35.34 -5.71 16.11
C PHE B 699 -36.09 -5.28 17.37
N LEU B 700 -36.25 -3.98 17.53
CA LEU B 700 -36.84 -3.40 18.74
C LEU B 700 -37.88 -2.34 18.39
N GLU B 701 -39.01 -2.38 19.11
CA GLU B 701 -40.03 -1.35 18.99
C GLU B 701 -39.55 -0.14 19.82
N PRO B 702 -40.13 1.06 19.60
CA PRO B 702 -39.76 2.22 20.42
C PRO B 702 -39.94 1.94 21.92
N GLY B 703 -38.92 2.28 22.72
CA GLY B 703 -38.92 2.04 24.17
C GLY B 703 -38.59 0.62 24.62
N GLN B 704 -38.53 -0.33 23.69
CA GLN B 704 -38.30 -1.74 24.00
C GLN B 704 -36.81 -2.01 24.17
N SER B 705 -36.48 -2.92 25.09
CA SER B 705 -35.09 -3.31 25.42
C SER B 705 -34.88 -4.80 25.22
N GLU B 706 -33.65 -5.20 24.97
CA GLU B 706 -33.29 -6.61 24.88
C GLU B 706 -31.88 -6.79 25.44
N ILE B 707 -31.71 -7.79 26.30
CA ILE B 707 -30.39 -8.18 26.78
C ILE B 707 -29.79 -9.10 25.72
N VAL B 708 -28.70 -8.64 25.09
CA VAL B 708 -28.01 -9.42 24.05
C VAL B 708 -26.85 -10.15 24.72
N ARG B 709 -26.79 -11.47 24.53
CA ARG B 709 -25.82 -12.33 25.20
C ARG B 709 -24.88 -13.01 24.21
N PHE B 710 -23.58 -12.91 24.44
CA PHE B 710 -22.56 -13.60 23.65
C PHE B 710 -21.80 -14.59 24.51
N LYS B 711 -21.73 -15.83 24.05
CA LYS B 711 -20.88 -16.84 24.67
C LYS B 711 -19.45 -16.57 24.22
N ILE B 712 -18.52 -16.57 25.18
CA ILE B 712 -17.10 -16.41 24.91
C ILE B 712 -16.35 -17.60 25.48
N ALA B 713 -15.61 -18.29 24.62
CA ALA B 713 -14.83 -19.45 25.01
C ALA B 713 -13.45 -19.37 24.36
N PRO B 714 -12.45 -20.08 24.92
CA PRO B 714 -11.08 -20.03 24.42
C PRO B 714 -10.84 -20.33 22.94
N GLU B 715 -11.64 -21.19 22.31
CA GLU B 715 -11.51 -21.45 20.87
C GLU B 715 -11.63 -20.17 20.03
N MET B 716 -12.49 -19.25 20.46
CA MET B 716 -12.68 -17.95 19.80
C MET B 716 -11.48 -17.00 19.94
N LEU B 717 -10.64 -17.28 20.94
CA LEU B 717 -9.49 -16.44 21.29
C LEU B 717 -8.20 -16.89 20.62
N ARG B 718 -8.26 -17.95 19.81
CA ARG B 718 -7.07 -18.51 19.17
C ARG B 718 -6.64 -17.64 18.00
N TYR B 719 -5.34 -17.65 17.73
CA TYR B 719 -4.77 -16.96 16.59
C TYR B 719 -3.48 -17.66 16.19
N TYR B 720 -3.02 -17.39 14.98
CA TYR B 720 -1.80 -18.00 14.47
C TYR B 720 -0.60 -17.24 15.01
N ASN B 721 0.15 -17.88 15.89
CA ASN B 721 1.34 -17.26 16.50
C ASN B 721 2.51 -17.19 15.49
N TYR B 722 3.70 -16.80 15.97
CA TYR B 722 4.87 -16.65 15.10
C TYR B 722 5.21 -17.92 14.32
N ASP B 723 5.00 -19.08 14.94
CA ASP B 723 5.24 -20.38 14.31
C ASP B 723 4.03 -20.96 13.59
N LEU B 724 3.00 -20.13 13.34
CA LEU B 724 1.79 -20.53 12.63
C LEU B 724 1.01 -21.66 13.31
N GLN B 725 1.10 -21.73 14.64
CA GLN B 725 0.29 -22.64 15.45
C GLN B 725 -0.95 -21.87 15.89
N LEU B 726 -2.12 -22.48 15.75
CA LEU B 726 -3.39 -21.81 16.07
C LEU B 726 -3.68 -22.04 17.54
N VAL B 727 -3.43 -21.01 18.36
CA VAL B 727 -3.42 -21.16 19.81
C VAL B 727 -4.00 -19.94 20.51
N ALA B 728 -4.65 -20.17 21.66
CA ALA B 728 -5.04 -19.10 22.56
C ALA B 728 -3.99 -19.02 23.66
N GLU B 729 -3.40 -17.85 23.88
CA GLU B 729 -2.41 -17.67 24.94
C GLU B 729 -3.09 -17.14 26.22
N PRO B 730 -2.64 -17.63 27.40
CA PRO B 730 -3.18 -17.06 28.63
C PRO B 730 -2.85 -15.57 28.73
N GLY B 731 -3.69 -14.83 29.45
CA GLY B 731 -3.55 -13.38 29.54
C GLY B 731 -4.89 -12.72 29.59
N GLU B 732 -4.86 -11.39 29.56
CA GLU B 732 -6.08 -10.59 29.68
C GLU B 732 -6.67 -10.29 28.32
N PHE B 733 -7.99 -10.22 28.29
CA PHE B 733 -8.74 -9.93 27.08
C PHE B 733 -9.73 -8.84 27.38
N GLU B 734 -9.98 -8.00 26.38
CA GLU B 734 -10.97 -6.96 26.47
C GLU B 734 -12.13 -7.29 25.53
N VAL B 735 -13.33 -7.31 26.08
CA VAL B 735 -14.57 -7.56 25.37
C VAL B 735 -15.20 -6.21 25.10
N MET B 736 -15.55 -5.96 23.83
CA MET B 736 -16.16 -4.70 23.43
C MET B 736 -17.45 -4.98 22.68
N ILE B 737 -18.53 -4.30 23.06
CA ILE B 737 -19.80 -4.47 22.37
C ILE B 737 -20.35 -3.10 22.01
N GLY B 738 -20.83 -2.97 20.77
CA GLY B 738 -21.37 -1.71 20.31
C GLY B 738 -22.02 -1.68 18.95
N THR B 739 -22.44 -0.48 18.60
CA THR B 739 -23.19 -0.16 17.39
C THR B 739 -22.31 -0.04 16.14
N ASN B 740 -21.00 0.05 16.35
CA ASN B 740 -20.00 -0.04 15.29
C ASN B 740 -18.62 -0.36 15.92
N SER B 741 -17.56 -0.43 15.12
CA SER B 741 -16.24 -0.82 15.63
C SER B 741 -15.54 0.28 16.44
N ARG B 742 -16.09 1.50 16.40
CA ARG B 742 -15.51 2.65 17.07
C ARG B 742 -16.20 2.95 18.41
N ASP B 743 -17.53 2.95 18.42
CA ASP B 743 -18.33 3.37 19.58
C ASP B 743 -18.79 2.12 20.32
N VAL B 744 -18.08 1.77 21.39
CA VAL B 744 -18.27 0.50 22.09
C VAL B 744 -18.23 0.69 23.62
N LYS B 745 -18.85 -0.27 24.31
CA LYS B 745 -18.70 -0.45 25.75
C LYS B 745 -17.67 -1.54 25.94
N SER B 746 -16.96 -1.54 27.08
CA SER B 746 -15.84 -2.46 27.31
C SER B 746 -15.88 -3.13 28.68
N ALA B 747 -15.30 -4.32 28.75
CA ALA B 747 -15.04 -5.01 30.02
C ALA B 747 -13.93 -6.04 29.80
N ARG B 748 -13.23 -6.40 30.87
CA ARG B 748 -12.08 -7.31 30.73
C ARG B 748 -12.23 -8.61 31.51
N PHE B 749 -11.60 -9.66 31.01
CA PHE B 749 -11.46 -10.92 31.71
C PHE B 749 -10.07 -11.51 31.46
N THR B 750 -9.70 -12.49 32.28
CA THR B 750 -8.40 -13.15 32.20
C THR B 750 -8.57 -14.62 31.77
N LEU B 751 -7.73 -15.06 30.84
CA LEU B 751 -7.61 -16.47 30.50
C LEU B 751 -6.39 -17.04 31.20
N LYS B 752 -6.58 -18.10 31.98
CA LYS B 752 -5.50 -18.75 32.74
C LYS B 752 -4.96 -19.95 31.98
#